data_7KRO
#
_entry.id   7KRO
#
_cell.length_a   1.00
_cell.length_b   1.00
_cell.length_c   1.00
_cell.angle_alpha   90.00
_cell.angle_beta   90.00
_cell.angle_gamma   90.00
#
_symmetry.space_group_name_H-M   'P 1'
#
loop_
_entity.id
_entity.type
_entity.pdbx_description
1 polymer 'RNA-directed RNA polymerase'
2 polymer 'Non-structural protein 8'
3 polymer 'Non-structural protein 7'
4 polymer Helicase
5 polymer 'RNA (37-MER)'
6 polymer 'RNA (43-MER)'
7 non-polymer 'ZINC ION'
8 non-polymer 'MAGNESIUM ION'
9 non-polymer "ADENOSINE-5'-DIPHOSPHATE"
10 non-polymer CHAPSO
11 non-polymer 'ALUMINUM FLUORIDE'
#
loop_
_entity_poly.entity_id
_entity_poly.type
_entity_poly.pdbx_seq_one_letter_code
_entity_poly.pdbx_strand_id
1 'polypeptide(L)'
;SADAQSFLNRVCGVSAARLTPCGTGTSTDVVYRAFDIYNDKVAGFAKFLKTNCCRFQEKDEDDNLIDSYFVVKRHTFSNY
QHEETIYNLLKDCPAVAKHDFFKFRIDGDMVPHISRQRLTKYTMADLVYALRHFDEGNCDTLKEILVTYNCCDDDYFNKK
DWYDFVENPDILRVYANLGERVRQALLKTVQFCDAMRNAGIVGVLTLDNQDLNGNWYDFGDFIQTTPGSGVPVVDSYYSL
LMPILTLTRALTAESHVDTDLTKPYIKWDLLKYDFTEERLKLFDRYFKYWDQTYHPNCVNCLDDRCILHCANFNVLFSTV
FPPTSFGPLVRKIFVDGVPFVVSTGYHFRELGVVHNQDVNLHSSRLSFKELLVYAADPAMHAASGNLLLDKRTTCFSVAA
LTNNVAFQTVKPGNFNKDFYDFAVSKGFFKEGSSVELKHFFFAQDGNAAISDYDYYRYNLPTMCDIRQLLFVVEVVDKYF
DCYDGGCINANQVIVNNLDKSAGFPFNKWGKARLYYDSMSYEDQDALFAYTKRNVIPTITQMNLKYAISAKNRARTVAGV
SICSTMTNRQFHQKLLKSIAATRGATVVIGTSKFYGGWHNMLKTVYSDVENPHLMGWDYPKCDRAMPNMLRIMASLVLAR
KHTTCCSLSHRFYRLANECAQVLSEMVMCGGSLYVKPGGTSSGDATTAYANSVFNICQAVTANVNALLSTDGNKIADKYV
RNLQHRLYECLYRNRDVDTDFVNEFYAYLRKHFSMMILSDDAVVCFNSTYASQGLVASIKNFKSVLYYQNNVFMSEAKCW
TETDLTKGPHEFCSQHTMLVKQGDDYVYLPYPDPSRILGAGCFVDDIVKTDGTLMIERFVSLAIDAYPLTKHPNQEYADV
FHLYLQYIRKLHDELTGHMLDMYSVMLTNDNTSRYWEPEFYEAMYTPHTVLQ
;
A
2 'polypeptide(L)'
;MAIASEFSSLPSYAAFATAQEAYEQAVANGDSEVVLKKLKKSLNVAKSEFDRDAAMQRKLEKMADQAMTQMYKQARSEDK
RAKVTSAMQTMLFTMLRKLDNDALNNIINNARDGCVPLNIIPLTTAAKLMVVIPDYNTYKNTCDGTTFTYASALWEIQQV
VDADSKIVQLSEISMDNSPNLAWPLIVTALRANSAVKLQ
;
B,D
3 'polypeptide(L)'
;GPVDMSKMSDVKCTSVVLLSVLQQLRVESSSKLWAQCVQLHNDILLAKDTTEAFEKMVSLLSVLLSMQGAVDINKLCEEM
LDNRATLQ
;
C
4 'polypeptide(L)'
;GPHMAVGACVLCNSQTSLRCGACIRRPFLCCKCCYDHVISTSHKLVLSVNPYVCNAPGCDVTDVTQLYLGGMSYYCKSHK
PPISFPLCANGQVFGLYKNTCVGSDNVTDFNAIATCDWTNAGDYILANTCTERLKLFAAETLKATEETFKLSYGIATVRE
VLSDRELHLSWEVGKPRPPLNRNYVFTGYRVTKNSKVQIGEYTFEKGDYGDAVVYRGTTTYKLNVGDYFVLTSHTVMPLS
APTLVPQEHYVRITGLYPTLNISDEFSSNVANYQKVGMQKYSTLQGPPGTGKSHFAIGLALYYPSARIVYTACSHAAVDA
LCEKALKYLPIDKCSRIIPARARVECFDKFKVNSTLEQYVFCTVNALPETTADIVVFDEISMATNYDLSVVNARLRAKHY
VYIGDPAQLPAPRTLLTKGTLEPEYFNSVCRLMKTIGPDMFLGTCRRCPAEIVDTVSALVYDNKLKAHKDKSAQCFKMFY
KGVITHDVSSAINRPQIGVVREFLTRNPAWRKAVFISPYNSQNAVASKILGLPTQTVDSSQGSEYDYVIFTQTTETAHSC
NVNRFNVAITRAKVGILCIMSDRDLYDKLQFTSLEIPRRNVATLQ
;
E,F
5 'polyribonucleotide' CGCGUAGCAUGCUACGUCAUUCUCCUAAGAAGCUACCCCC P
6 'polyribonucleotide' CUAUCCCCAUGUGAUUUUAAUAGCUUCUUAGGAGAAUGACGUAGCAUGCUACGCG T
#
# COMPACT_ATOMS: atom_id res chain seq x y z
N ASP A 3 53.76 74.46 -0.39
CA ASP A 3 54.61 73.39 0.09
C ASP A 3 53.81 72.10 0.22
N ALA A 4 54.51 70.98 0.39
CA ALA A 4 53.88 69.69 0.60
C ALA A 4 54.10 69.15 1.99
N GLN A 5 54.59 69.97 2.91
CA GLN A 5 54.82 69.57 4.30
C GLN A 5 54.03 70.42 5.28
N SER A 6 53.96 71.73 5.07
CA SER A 6 53.09 72.56 5.90
C SER A 6 51.63 72.17 5.73
N PHE A 7 51.24 71.75 4.52
CA PHE A 7 49.89 71.25 4.32
C PHE A 7 49.64 70.00 5.15
N LEU A 8 50.61 69.08 5.18
CA LEU A 8 50.46 67.88 5.99
C LEU A 8 50.36 68.22 7.47
N ASN A 9 51.20 69.15 7.94
CA ASN A 9 51.14 69.58 9.33
C ASN A 9 49.80 70.22 9.66
N ARG A 10 49.20 70.90 8.70
CA ARG A 10 47.86 71.46 8.94
C ARG A 10 46.82 70.36 9.00
N VAL A 11 46.89 69.38 8.10
CA VAL A 11 45.88 68.31 8.09
C VAL A 11 45.98 67.48 9.36
N CYS A 12 47.16 67.41 9.97
CA CYS A 12 47.26 66.79 11.29
C CYS A 12 46.37 67.50 12.30
N GLY A 13 46.42 68.83 12.31
CA GLY A 13 45.54 69.62 13.14
C GLY A 13 45.77 69.42 14.62
N VAL A 14 44.70 69.57 15.38
CA VAL A 14 44.78 69.30 16.83
C VAL A 14 44.92 67.82 17.09
N SER A 15 44.18 66.99 16.37
CA SER A 15 44.21 65.55 16.62
C SER A 15 45.51 64.97 16.12
N ALA A 16 46.52 64.98 16.99
CA ALA A 16 47.88 64.61 16.60
C ALA A 16 47.96 63.14 16.20
N ALA A 17 48.16 62.88 14.92
CA ALA A 17 48.37 61.53 14.41
C ALA A 17 49.42 61.59 13.32
N ARG A 18 50.12 60.49 13.15
CA ARG A 18 51.19 60.40 12.17
C ARG A 18 50.59 60.09 10.81
N LEU A 19 51.01 60.85 9.79
CA LEU A 19 50.41 60.76 8.48
C LEU A 19 51.46 60.53 7.41
N THR A 20 51.14 59.67 6.44
CA THR A 20 51.91 59.51 5.23
C THR A 20 51.02 59.86 4.04
N PRO A 21 51.43 60.78 3.18
CA PRO A 21 50.54 61.23 2.10
C PRO A 21 50.48 60.22 0.97
N CYS A 22 49.29 59.70 0.71
CA CYS A 22 49.05 59.02 -0.54
C CYS A 22 49.06 60.04 -1.67
N GLY A 23 49.44 59.58 -2.86
CA GLY A 23 49.72 60.51 -3.94
C GLY A 23 51.05 61.20 -3.70
N THR A 24 51.14 62.44 -4.17
CA THR A 24 52.38 63.20 -4.00
C THR A 24 52.17 64.70 -4.16
N GLY A 25 52.73 65.48 -3.23
CA GLY A 25 52.84 66.91 -3.38
C GLY A 25 51.53 67.67 -3.53
N THR A 26 50.74 67.72 -2.45
CA THR A 26 49.46 68.43 -2.31
C THR A 26 48.56 68.36 -3.55
N SER A 27 48.57 67.22 -4.23
CA SER A 27 47.78 67.01 -5.43
C SER A 27 46.64 66.06 -5.13
N THR A 28 45.51 66.29 -5.80
CA THR A 28 44.35 65.44 -5.59
C THR A 28 44.65 64.03 -6.07
N ASP A 29 44.13 63.05 -5.35
CA ASP A 29 44.40 61.64 -5.61
C ASP A 29 43.20 61.04 -6.31
N VAL A 30 43.41 60.57 -7.54
CA VAL A 30 42.34 60.05 -8.38
C VAL A 30 42.06 58.61 -7.98
N VAL A 31 40.81 58.33 -7.62
CA VAL A 31 40.46 56.98 -7.15
C VAL A 31 39.19 56.50 -7.83
N TYR A 32 39.19 55.22 -8.20
CA TYR A 32 38.07 54.57 -8.87
C TYR A 32 37.11 54.06 -7.80
N ARG A 33 36.00 54.77 -7.60
CA ARG A 33 35.09 54.43 -6.51
C ARG A 33 33.71 54.10 -7.06
N ALA A 34 32.76 53.90 -6.15
CA ALA A 34 31.54 53.17 -6.44
C ALA A 34 30.31 54.00 -6.09
N PHE A 35 30.21 55.19 -6.66
CA PHE A 35 29.20 56.15 -6.23
C PHE A 35 27.78 55.65 -6.49
N ASP A 36 26.86 56.19 -5.69
CA ASP A 36 25.42 56.09 -5.92
C ASP A 36 24.97 57.51 -6.18
N ILE A 37 25.03 57.93 -7.44
CA ILE A 37 24.90 59.34 -7.76
C ILE A 37 23.60 59.54 -8.52
N TYR A 38 23.04 60.74 -8.39
CA TYR A 38 21.84 61.12 -9.11
C TYR A 38 21.76 62.63 -9.13
N ASN A 39 21.83 63.23 -10.31
CA ASN A 39 21.67 64.66 -10.45
C ASN A 39 21.01 64.92 -11.81
N ASP A 40 21.12 66.16 -12.29
CA ASP A 40 20.37 66.55 -13.48
C ASP A 40 20.82 65.78 -14.72
N LYS A 41 22.13 65.55 -14.87
CA LYS A 41 22.60 64.92 -16.10
C LYS A 41 22.77 63.40 -15.95
N VAL A 42 23.38 62.93 -14.86
CA VAL A 42 23.74 61.54 -14.73
C VAL A 42 22.96 60.94 -13.57
N ALA A 43 22.86 59.62 -13.58
CA ALA A 43 22.19 58.90 -12.51
C ALA A 43 22.72 57.47 -12.48
N GLY A 44 22.51 56.79 -11.36
CA GLY A 44 22.78 55.39 -11.27
C GLY A 44 23.71 55.07 -10.13
N PHE A 45 23.94 53.77 -9.96
CA PHE A 45 24.79 53.21 -8.92
C PHE A 45 25.98 52.58 -9.62
N ALA A 46 27.04 53.36 -9.84
CA ALA A 46 28.06 52.94 -10.77
C ALA A 46 29.44 53.34 -10.29
N LYS A 47 30.45 52.77 -10.94
CA LYS A 47 31.85 52.96 -10.57
C LYS A 47 32.38 54.18 -11.28
N PHE A 48 32.33 55.31 -10.59
CA PHE A 48 32.84 56.56 -11.11
C PHE A 48 34.28 56.73 -10.66
N LEU A 49 34.83 57.93 -10.86
CA LEU A 49 36.25 58.18 -10.62
C LEU A 49 36.40 59.55 -9.99
N LYS A 50 36.64 59.59 -8.68
CA LYS A 50 36.65 60.84 -7.94
C LYS A 50 38.03 61.45 -7.90
N THR A 51 38.08 62.78 -8.10
CA THR A 51 39.32 63.53 -8.23
C THR A 51 39.30 64.78 -7.37
N ASN A 52 38.53 64.77 -6.29
CA ASN A 52 38.46 65.95 -5.42
C ASN A 52 38.76 65.57 -3.98
N CYS A 53 39.80 64.76 -3.78
CA CYS A 53 40.10 64.24 -2.45
C CYS A 53 41.60 64.04 -2.33
N CYS A 54 42.26 64.91 -1.58
CA CYS A 54 43.64 64.65 -1.18
C CYS A 54 43.60 63.71 0.02
N ARG A 55 44.22 62.55 -0.11
CA ARG A 55 44.05 61.48 0.87
C ARG A 55 45.36 61.21 1.58
N PHE A 56 45.29 61.07 2.89
CA PHE A 56 46.44 60.76 3.72
C PHE A 56 46.19 59.50 4.52
N GLN A 57 47.15 58.59 4.54
CA GLN A 57 47.02 57.41 5.38
C GLN A 57 47.58 57.72 6.76
N GLU A 58 46.96 57.13 7.78
CA GLU A 58 47.38 57.35 9.16
C GLU A 58 48.18 56.15 9.63
N LYS A 59 49.39 56.40 10.09
CA LYS A 59 50.26 55.38 10.66
C LYS A 59 50.15 55.40 12.17
N ASP A 60 49.91 54.24 12.76
CA ASP A 60 49.88 54.11 14.21
C ASP A 60 51.31 54.05 14.72
N GLU A 61 51.49 53.64 15.97
CA GLU A 61 52.82 53.41 16.47
C GLU A 61 53.46 52.23 15.73
N ASP A 62 54.80 52.16 15.83
CA ASP A 62 55.64 51.20 15.12
C ASP A 62 55.58 51.39 13.61
N ASP A 63 55.08 52.54 13.15
CA ASP A 63 55.08 52.94 11.74
C ASP A 63 54.40 51.90 10.84
N ASN A 64 53.27 51.36 11.32
CA ASN A 64 52.46 50.47 10.52
C ASN A 64 51.30 51.23 9.90
N LEU A 65 50.95 50.88 8.69
CA LEU A 65 49.80 51.47 8.02
C LEU A 65 48.54 50.80 8.52
N ILE A 66 47.67 51.55 9.20
CA ILE A 66 46.40 51.04 9.66
C ILE A 66 45.30 51.63 8.78
N ASP A 67 44.09 51.11 8.94
CA ASP A 67 42.98 51.41 8.05
C ASP A 67 42.20 52.60 8.58
N SER A 68 42.76 53.79 8.39
CA SER A 68 42.10 55.03 8.78
C SER A 68 42.75 56.17 8.02
N TYR A 69 41.95 56.98 7.34
CA TYR A 69 42.46 57.97 6.42
C TYR A 69 42.03 59.37 6.83
N PHE A 70 42.49 60.35 6.06
CA PHE A 70 42.12 61.76 6.24
C PHE A 70 41.78 62.29 4.86
N VAL A 71 40.53 62.15 4.44
CA VAL A 71 40.13 62.74 3.17
C VAL A 71 40.00 64.25 3.35
N VAL A 72 40.63 65.01 2.45
CA VAL A 72 40.73 66.46 2.59
C VAL A 72 40.08 67.14 1.39
N LYS A 73 38.93 66.61 0.99
CA LYS A 73 38.11 67.14 -0.11
C LYS A 73 38.09 68.66 -0.16
N ARG A 74 38.37 69.21 -1.34
CA ARG A 74 38.36 70.64 -1.57
C ARG A 74 37.29 70.98 -2.61
N HIS A 75 36.64 72.11 -2.42
CA HIS A 75 35.60 72.55 -3.34
C HIS A 75 35.46 74.06 -3.21
N THR A 76 34.39 74.61 -3.78
CA THR A 76 34.19 76.05 -3.80
C THR A 76 33.99 76.60 -2.40
N PHE A 77 34.11 77.92 -2.29
CA PHE A 77 33.97 78.56 -0.99
C PHE A 77 32.55 78.46 -0.48
N SER A 78 31.56 78.59 -1.37
CA SER A 78 30.16 78.56 -0.93
C SER A 78 29.78 77.20 -0.39
N ASN A 79 30.20 76.13 -1.07
CA ASN A 79 29.92 74.79 -0.58
C ASN A 79 30.60 74.54 0.76
N TYR A 80 31.82 75.05 0.93
CA TYR A 80 32.52 74.88 2.19
C TYR A 80 31.82 75.61 3.32
N GLN A 81 31.33 76.83 3.06
CA GLN A 81 30.61 77.55 4.11
C GLN A 81 29.30 76.87 4.45
N HIS A 82 28.56 76.42 3.45
CA HIS A 82 27.31 75.71 3.69
C HIS A 82 27.55 74.42 4.45
N GLU A 83 28.57 73.67 4.07
CA GLU A 83 28.86 72.42 4.76
C GLU A 83 29.33 72.68 6.19
N GLU A 84 30.04 73.78 6.42
CA GLU A 84 30.42 74.08 7.79
C GLU A 84 29.22 74.40 8.65
N THR A 85 28.26 75.18 8.13
CA THR A 85 27.07 75.45 8.94
C THR A 85 26.27 74.19 9.20
N ILE A 86 26.13 73.33 8.18
CA ILE A 86 25.38 72.10 8.37
C ILE A 86 26.07 71.21 9.41
N TYR A 87 27.40 71.11 9.35
CA TYR A 87 28.10 70.28 10.32
C TYR A 87 27.98 70.86 11.72
N ASN A 88 28.08 72.18 11.86
CA ASN A 88 27.94 72.78 13.18
C ASN A 88 26.54 72.55 13.75
N LEU A 89 25.55 72.36 12.89
CA LEU A 89 24.25 71.91 13.41
C LEU A 89 24.32 70.46 13.88
N LEU A 90 25.14 69.64 13.23
CA LEU A 90 25.12 68.20 13.43
C LEU A 90 26.30 67.69 14.25
N LYS A 91 26.94 68.57 15.03
CA LYS A 91 28.18 68.19 15.71
C LYS A 91 27.94 67.13 16.77
N ASP A 92 26.85 67.25 17.53
CA ASP A 92 26.64 66.46 18.73
C ASP A 92 26.36 64.99 18.45
N CYS A 93 26.07 64.63 17.22
CA CYS A 93 25.77 63.25 16.90
C CYS A 93 27.02 62.38 17.08
N PRO A 94 26.86 61.13 17.49
CA PRO A 94 28.02 60.23 17.52
C PRO A 94 28.46 59.79 16.15
N ALA A 95 27.52 59.53 15.25
CA ALA A 95 27.86 58.96 13.95
C ALA A 95 28.10 60.02 12.88
N VAL A 96 28.94 61.01 13.17
CA VAL A 96 29.39 61.96 12.17
C VAL A 96 30.90 62.04 12.29
N ALA A 97 31.60 61.68 11.22
CA ALA A 97 33.06 61.66 11.26
C ALA A 97 33.58 63.08 11.40
N LYS A 98 34.56 63.24 12.28
CA LYS A 98 34.95 64.57 12.73
C LYS A 98 35.53 65.37 11.58
N HIS A 99 34.86 66.46 11.24
CA HIS A 99 35.33 67.36 10.19
C HIS A 99 36.25 68.40 10.78
N ASP A 100 37.09 68.96 9.93
CA ASP A 100 37.92 70.10 10.31
C ASP A 100 38.01 71.02 9.11
N PHE A 101 37.50 72.23 9.25
CA PHE A 101 37.40 73.17 8.13
C PHE A 101 38.54 74.17 8.22
N PHE A 102 39.29 74.35 7.13
CA PHE A 102 40.36 75.33 7.19
C PHE A 102 40.68 75.84 5.80
N LYS A 103 40.99 77.13 5.70
CA LYS A 103 41.53 77.71 4.48
C LYS A 103 43.02 77.45 4.44
N PHE A 104 43.59 77.40 3.24
CA PHE A 104 45.02 77.19 3.13
C PHE A 104 45.55 77.81 1.84
N ARG A 105 46.71 78.44 1.93
CA ARG A 105 47.37 79.01 0.76
C ARG A 105 47.97 77.89 -0.08
N ILE A 106 47.65 77.86 -1.36
CA ILE A 106 48.14 76.81 -2.26
C ILE A 106 49.13 77.36 -3.28
N ASP A 107 48.69 78.26 -4.15
CA ASP A 107 49.60 78.89 -5.11
C ASP A 107 49.71 80.39 -4.87
N GLY A 108 48.60 81.10 -4.91
CA GLY A 108 48.56 82.50 -4.54
C GLY A 108 47.23 82.79 -3.89
N ASP A 109 46.48 81.72 -3.64
CA ASP A 109 45.11 81.83 -3.18
C ASP A 109 44.86 80.91 -2.00
N MET A 110 43.94 81.35 -1.14
CA MET A 110 43.51 80.58 0.02
C MET A 110 42.35 79.70 -0.41
N VAL A 111 42.68 78.49 -0.86
CA VAL A 111 41.64 77.53 -1.21
C VAL A 111 41.08 76.96 0.08
N PRO A 112 39.77 76.84 0.22
CA PRO A 112 39.20 76.25 1.43
C PRO A 112 39.10 74.74 1.36
N HIS A 113 39.70 74.03 2.30
CA HIS A 113 39.64 72.58 2.36
C HIS A 113 38.90 72.17 3.62
N ILE A 114 37.90 71.33 3.46
CA ILE A 114 37.33 70.61 4.59
C ILE A 114 38.07 69.28 4.66
N SER A 115 38.26 68.77 5.87
CA SER A 115 39.09 67.59 6.07
C SER A 115 38.35 66.64 6.99
N ARG A 116 37.85 65.55 6.41
CA ARG A 116 37.29 64.48 7.20
C ARG A 116 38.41 63.81 7.99
N GLN A 117 38.10 63.28 9.16
CA GLN A 117 39.13 62.65 9.97
C GLN A 117 38.76 61.22 10.30
N ARG A 118 39.69 60.31 10.04
CA ARG A 118 39.57 58.89 10.40
C ARG A 118 38.34 58.25 9.75
N LEU A 119 38.26 58.36 8.43
CA LEU A 119 37.34 57.55 7.66
C LEU A 119 37.97 56.18 7.44
N THR A 120 37.40 55.39 6.55
CA THR A 120 38.04 54.17 6.12
C THR A 120 38.24 54.22 4.62
N LYS A 121 39.05 53.29 4.12
CA LYS A 121 39.45 53.33 2.72
C LYS A 121 38.24 53.11 1.82
N TYR A 122 37.44 52.10 2.11
CA TYR A 122 36.35 51.68 1.24
C TYR A 122 35.03 52.05 1.88
N THR A 123 34.42 53.12 1.38
CA THR A 123 33.11 53.53 1.84
C THR A 123 32.08 52.44 1.53
N MET A 124 30.97 52.48 2.26
CA MET A 124 29.99 51.38 2.21
C MET A 124 29.50 51.10 0.81
N ALA A 125 29.52 52.12 -0.05
CA ALA A 125 29.12 51.90 -1.43
C ALA A 125 30.07 50.93 -2.12
N ASP A 126 31.36 50.97 -1.78
CA ASP A 126 32.30 50.02 -2.38
C ASP A 126 31.96 48.60 -1.99
N LEU A 127 31.63 48.37 -0.72
CA LEU A 127 31.25 47.02 -0.30
C LEU A 127 29.98 46.57 -0.99
N VAL A 128 28.95 47.42 -0.98
CA VAL A 128 27.67 47.02 -1.57
C VAL A 128 27.81 46.77 -3.06
N TYR A 129 28.52 47.65 -3.76
CA TYR A 129 28.72 47.50 -5.19
C TYR A 129 29.57 46.29 -5.52
N ALA A 130 30.66 46.10 -4.81
CA ALA A 130 31.51 44.98 -5.14
C ALA A 130 31.00 43.72 -4.66
N LEU A 131 29.91 43.70 -3.90
CA LEU A 131 29.26 42.45 -3.59
C LEU A 131 28.03 42.19 -4.45
N ARG A 132 27.42 43.22 -5.02
CA ARG A 132 26.30 43.04 -5.94
C ARG A 132 26.73 43.07 -7.39
N HIS A 133 28.00 43.26 -7.67
CA HIS A 133 28.50 43.29 -9.04
C HIS A 133 29.76 42.44 -9.12
N PHE A 134 29.68 41.24 -8.59
CA PHE A 134 30.84 40.37 -8.51
C PHE A 134 31.31 39.97 -9.91
N ASP A 135 32.62 39.84 -10.05
CA ASP A 135 33.22 39.42 -11.32
C ASP A 135 34.57 38.82 -10.98
N GLU A 136 34.65 37.49 -10.99
CA GLU A 136 35.75 36.79 -10.32
C GLU A 136 37.11 37.16 -10.91
N GLY A 137 37.16 37.59 -12.16
CA GLY A 137 38.40 38.06 -12.73
C GLY A 137 38.87 39.36 -12.11
N ASN A 138 37.94 40.28 -11.83
CA ASN A 138 38.26 41.60 -11.32
C ASN A 138 37.44 41.84 -10.06
N CYS A 139 37.96 41.40 -8.92
CA CYS A 139 37.35 41.69 -7.62
C CYS A 139 38.49 41.93 -6.65
N ASP A 140 38.99 43.15 -6.63
CA ASP A 140 39.99 43.56 -5.65
C ASP A 140 39.40 44.43 -4.56
N THR A 141 38.37 45.20 -4.88
CA THR A 141 37.68 45.98 -3.88
C THR A 141 36.88 45.13 -2.91
N LEU A 142 36.76 43.83 -3.16
CA LEU A 142 36.20 42.90 -2.20
C LEU A 142 37.26 42.10 -1.48
N LYS A 143 38.33 41.68 -2.16
CA LYS A 143 39.39 40.97 -1.46
C LYS A 143 40.06 41.87 -0.45
N GLU A 144 40.28 43.14 -0.80
CA GLU A 144 40.93 44.04 0.14
C GLU A 144 40.04 44.35 1.33
N ILE A 145 38.73 44.45 1.11
CA ILE A 145 37.81 44.66 2.22
C ILE A 145 37.77 43.45 3.13
N LEU A 146 37.72 42.25 2.56
CA LEU A 146 37.69 41.05 3.38
C LEU A 146 38.97 40.90 4.18
N VAL A 147 40.12 41.19 3.57
CA VAL A 147 41.39 41.03 4.27
C VAL A 147 41.53 42.07 5.38
N THR A 148 41.25 43.33 5.07
CA THR A 148 41.61 44.40 5.99
C THR A 148 40.69 44.51 7.19
N TYR A 149 39.55 43.82 7.19
CA TYR A 149 38.67 43.77 8.35
C TYR A 149 38.66 42.39 9.00
N ASN A 150 39.71 41.60 8.73
CA ASN A 150 39.98 40.34 9.42
C ASN A 150 38.82 39.35 9.29
N CYS A 151 38.46 39.05 8.05
CA CYS A 151 37.49 38.00 7.78
C CYS A 151 38.13 36.75 7.18
N CYS A 152 39.31 36.87 6.58
CA CYS A 152 40.06 35.71 6.14
C CYS A 152 41.52 36.12 6.03
N ASP A 153 42.40 35.13 6.11
CA ASP A 153 43.81 35.37 6.35
C ASP A 153 44.61 35.56 5.07
N ASP A 154 43.97 35.97 3.98
CA ASP A 154 44.60 36.42 2.73
C ASP A 154 45.25 35.28 1.95
N ASP A 155 45.32 34.10 2.53
CA ASP A 155 45.63 32.90 1.76
C ASP A 155 44.37 32.14 1.40
N TYR A 156 43.24 32.52 2.00
CA TYR A 156 41.96 31.95 1.63
C TYR A 156 41.68 32.13 0.15
N PHE A 157 42.16 33.23 -0.42
CA PHE A 157 41.95 33.51 -1.83
C PHE A 157 42.84 32.68 -2.74
N ASN A 158 43.82 31.95 -2.19
CA ASN A 158 44.62 31.07 -3.02
C ASN A 158 43.87 29.80 -3.39
N LYS A 159 42.77 29.51 -2.71
CA LYS A 159 41.96 28.36 -3.07
C LYS A 159 41.36 28.56 -4.45
N LYS A 160 41.15 27.45 -5.16
CA LYS A 160 40.79 27.54 -6.57
C LYS A 160 39.41 28.16 -6.76
N ASP A 161 38.44 27.76 -5.94
CA ASP A 161 37.07 28.28 -6.04
C ASP A 161 36.63 28.71 -4.65
N TRP A 162 36.92 29.96 -4.31
CA TRP A 162 36.51 30.49 -3.02
C TRP A 162 35.21 31.29 -3.10
N TYR A 163 34.88 31.85 -4.26
CA TYR A 163 33.67 32.65 -4.37
C TYR A 163 32.42 31.81 -4.54
N ASP A 164 32.56 30.54 -4.90
CA ASP A 164 31.39 29.71 -5.16
C ASP A 164 30.60 29.47 -3.88
N PHE A 165 29.29 29.60 -3.97
CA PHE A 165 28.42 29.18 -2.88
C PHE A 165 28.06 27.72 -2.93
N VAL A 166 28.38 27.02 -4.03
CA VAL A 166 27.99 25.63 -4.18
C VAL A 166 29.16 24.67 -4.15
N GLU A 167 30.36 25.11 -4.50
CA GLU A 167 31.55 24.28 -4.38
C GLU A 167 32.36 24.60 -3.13
N ASN A 168 31.89 25.54 -2.32
CA ASN A 168 32.69 26.05 -1.22
C ASN A 168 31.80 26.76 -0.21
N PRO A 169 30.94 26.04 0.52
CA PRO A 169 29.97 26.72 1.40
C PRO A 169 30.62 27.49 2.53
N ASP A 170 31.88 27.18 2.86
CA ASP A 170 32.59 27.89 3.92
C ASP A 170 32.68 29.38 3.65
N ILE A 171 32.50 29.80 2.39
CA ILE A 171 32.53 31.22 2.05
C ILE A 171 31.51 31.99 2.86
N LEU A 172 30.39 31.36 3.23
CA LEU A 172 29.40 32.04 4.04
C LEU A 172 29.97 32.43 5.40
N ARG A 173 30.74 31.52 6.00
CA ARG A 173 31.43 31.83 7.25
C ARG A 173 32.36 33.01 7.09
N VAL A 174 32.91 33.22 5.89
CA VAL A 174 33.70 34.43 5.67
C VAL A 174 32.81 35.66 5.69
N TYR A 175 31.71 35.62 4.95
CA TYR A 175 30.89 36.82 4.79
C TYR A 175 30.24 37.22 6.10
N ALA A 176 29.83 36.24 6.91
CA ALA A 176 29.26 36.57 8.21
C ALA A 176 30.25 37.27 9.11
N ASN A 177 31.55 37.15 8.84
CA ASN A 177 32.51 37.89 9.66
C ASN A 177 32.49 39.38 9.36
N LEU A 178 31.82 39.81 8.29
CA LEU A 178 31.55 41.22 8.08
C LEU A 178 30.29 41.67 8.79
N GLY A 179 29.52 40.72 9.34
CA GLY A 179 28.21 40.97 9.91
C GLY A 179 28.16 42.15 10.86
N GLU A 180 28.91 42.09 11.95
CA GLU A 180 28.85 43.17 12.93
C GLU A 180 29.35 44.48 12.37
N ARG A 181 30.16 44.47 11.31
CA ARG A 181 30.57 45.75 10.75
C ARG A 181 29.53 46.34 9.82
N VAL A 182 28.54 45.57 9.40
CA VAL A 182 27.42 46.16 8.67
C VAL A 182 26.34 46.61 9.64
N ARG A 183 26.01 45.78 10.62
CA ARG A 183 24.92 46.10 11.53
C ARG A 183 25.19 47.39 12.27
N GLN A 184 26.42 47.57 12.77
CA GLN A 184 26.79 48.84 13.40
C GLN A 184 26.53 50.00 12.46
N ALA A 185 26.89 49.83 11.17
CA ALA A 185 26.59 50.82 10.16
C ALA A 185 25.12 51.16 10.16
N LEU A 186 24.25 50.14 10.07
CA LEU A 186 22.81 50.37 10.14
C LEU A 186 22.46 51.15 11.39
N LEU A 187 22.96 50.70 12.54
CA LEU A 187 22.61 51.35 13.78
C LEU A 187 23.08 52.79 13.79
N LYS A 188 24.28 53.05 13.26
CA LYS A 188 24.76 54.42 13.29
C LYS A 188 23.92 55.31 12.40
N THR A 189 23.40 54.76 11.31
CA THR A 189 22.49 55.55 10.48
C THR A 189 21.26 55.95 11.26
N VAL A 190 20.71 55.04 12.06
CA VAL A 190 19.52 55.38 12.83
C VAL A 190 19.85 56.42 13.88
N GLN A 191 21.09 56.50 14.32
CA GLN A 191 21.45 57.64 15.16
C GLN A 191 21.52 58.89 14.32
N PHE A 192 22.20 58.81 13.18
CA PHE A 192 22.41 59.99 12.34
C PHE A 192 21.09 60.53 11.83
N CYS A 193 20.20 59.65 11.37
CA CYS A 193 18.87 60.09 10.96
C CYS A 193 18.18 60.85 12.06
N ASP A 194 18.26 60.35 13.30
CA ASP A 194 17.65 61.05 14.41
C ASP A 194 18.28 62.41 14.59
N ALA A 195 19.59 62.49 14.44
CA ALA A 195 20.28 63.77 14.59
C ALA A 195 19.88 64.74 13.50
N MET A 196 19.29 64.27 12.40
CA MET A 196 18.72 65.21 11.45
C MET A 196 17.30 65.58 11.85
N ARG A 197 16.50 64.59 12.27
CA ARG A 197 15.11 64.85 12.62
C ARG A 197 15.00 65.81 13.79
N ASN A 198 15.89 65.70 14.76
CA ASN A 198 15.87 66.61 15.89
C ASN A 198 16.61 67.92 15.60
N ALA A 199 17.20 68.09 14.43
CA ALA A 199 17.95 69.31 14.16
C ALA A 199 17.54 70.00 12.88
N GLY A 200 16.51 69.51 12.19
CA GLY A 200 15.96 70.23 11.07
C GLY A 200 16.85 70.29 9.86
N ILE A 201 17.09 69.15 9.23
CA ILE A 201 17.86 69.07 8.00
C ILE A 201 17.14 68.11 7.06
N VAL A 202 17.01 68.49 5.81
CA VAL A 202 16.43 67.64 4.79
C VAL A 202 17.55 67.16 3.89
N GLY A 203 17.54 65.89 3.54
CA GLY A 203 18.63 65.42 2.70
C GLY A 203 18.38 64.02 2.18
N VAL A 204 19.30 63.60 1.33
CA VAL A 204 19.31 62.26 0.75
C VAL A 204 20.49 61.52 1.33
N LEU A 205 20.24 60.34 1.87
CA LEU A 205 21.30 59.49 2.41
C LEU A 205 21.67 58.48 1.33
N THR A 206 22.89 58.58 0.83
CA THR A 206 23.38 57.67 -0.19
C THR A 206 24.49 56.81 0.39
N LEU A 207 24.67 55.64 -0.21
CA LEU A 207 25.70 54.73 0.25
C LEU A 207 27.10 55.23 -0.01
N ASP A 208 27.29 56.22 -0.85
CA ASP A 208 28.63 56.67 -1.15
C ASP A 208 29.24 57.51 -0.05
N ASN A 209 28.51 57.75 1.05
CA ASN A 209 28.96 58.67 2.06
C ASN A 209 29.23 58.03 3.41
N GLN A 210 29.13 56.72 3.53
CA GLN A 210 29.30 56.07 4.82
C GLN A 210 30.58 55.26 4.80
N ASP A 211 31.59 55.74 5.50
CA ASP A 211 32.79 54.94 5.69
C ASP A 211 32.46 53.70 6.48
N LEU A 212 33.19 52.62 6.22
CA LEU A 212 32.75 51.30 6.69
C LEU A 212 32.76 51.18 8.19
N ASN A 213 33.44 52.07 8.91
CA ASN A 213 33.35 52.07 10.36
C ASN A 213 31.91 52.33 10.80
N GLY A 214 31.24 53.27 10.14
CA GLY A 214 29.86 53.53 10.42
C GLY A 214 29.49 55.00 10.35
N ASN A 215 30.50 55.87 10.24
CA ASN A 215 30.26 57.30 10.33
C ASN A 215 29.58 57.81 9.07
N TRP A 216 29.34 59.11 9.04
CA TRP A 216 28.82 59.80 7.86
C TRP A 216 29.65 61.05 7.65
N TYR A 217 29.96 61.39 6.41
CA TYR A 217 30.90 62.49 6.27
C TYR A 217 30.63 63.45 5.12
N ASP A 218 29.43 63.46 4.53
CA ASP A 218 29.20 64.27 3.35
C ASP A 218 27.96 65.12 3.56
N PHE A 219 28.13 66.44 3.53
CA PHE A 219 27.05 67.38 3.80
C PHE A 219 26.93 68.37 2.66
N GLY A 220 26.94 67.86 1.43
CA GLY A 220 26.86 68.74 0.29
C GLY A 220 25.49 69.34 0.07
N ASP A 221 24.50 68.48 -0.14
CA ASP A 221 23.19 68.89 -0.63
C ASP A 221 22.12 68.80 0.44
N PHE A 222 22.44 69.19 1.66
CA PHE A 222 21.48 69.19 2.75
C PHE A 222 20.95 70.60 2.92
N ILE A 223 19.74 70.85 2.45
CA ILE A 223 19.06 72.11 2.74
C ILE A 223 18.51 72.03 4.14
N GLN A 224 18.75 73.07 4.94
CA GLN A 224 18.33 73.05 6.32
C GLN A 224 17.01 73.80 6.49
N THR A 225 16.10 73.22 7.27
CA THR A 225 14.80 73.78 7.56
C THR A 225 14.68 73.99 9.06
N THR A 226 13.45 74.29 9.51
CA THR A 226 13.22 74.57 10.92
C THR A 226 13.49 73.32 11.75
N PRO A 227 14.05 73.46 12.96
CA PRO A 227 14.41 72.29 13.75
C PRO A 227 13.20 71.50 14.18
N GLY A 228 13.42 70.21 14.43
CA GLY A 228 12.33 69.33 14.77
C GLY A 228 11.47 68.91 13.61
N SER A 229 11.85 69.25 12.39
CA SER A 229 11.02 68.97 11.23
C SER A 229 11.82 68.51 10.02
N GLY A 230 13.09 68.17 10.19
CA GLY A 230 13.86 67.64 9.08
C GLY A 230 13.42 66.23 8.72
N VAL A 231 13.77 65.81 7.53
CA VAL A 231 13.38 64.49 7.06
C VAL A 231 14.50 63.89 6.21
N PRO A 232 15.03 62.74 6.57
CA PRO A 232 16.01 62.07 5.72
C PRO A 232 15.37 61.10 4.76
N VAL A 233 15.70 61.21 3.47
CA VAL A 233 15.20 60.29 2.46
C VAL A 233 16.14 59.08 2.45
N VAL A 234 15.71 58.00 3.09
CA VAL A 234 16.53 56.80 3.16
C VAL A 234 15.93 55.72 2.29
N ASP A 235 15.20 56.11 1.26
CA ASP A 235 14.63 55.11 0.36
C ASP A 235 15.66 54.55 -0.59
N SER A 236 16.72 55.31 -0.87
CA SER A 236 17.78 54.90 -1.77
C SER A 236 18.98 54.30 -1.05
N TYR A 237 18.89 54.18 0.27
CA TYR A 237 19.95 53.62 1.10
C TYR A 237 19.61 52.22 1.57
N TYR A 238 18.48 52.04 2.23
CA TYR A 238 18.06 50.71 2.61
C TYR A 238 17.63 49.87 1.42
N SER A 239 17.48 50.45 0.24
CA SER A 239 17.14 49.60 -0.89
C SER A 239 18.37 48.91 -1.43
N LEU A 240 19.45 49.65 -1.68
CA LEU A 240 20.67 49.03 -2.16
C LEU A 240 21.25 48.07 -1.12
N LEU A 241 21.21 48.46 0.15
CA LEU A 241 21.85 47.71 1.22
C LEU A 241 21.14 46.42 1.54
N MET A 242 19.94 46.18 1.01
CA MET A 242 19.17 45.03 1.48
C MET A 242 19.81 43.69 1.14
N PRO A 243 20.26 43.40 -0.08
CA PRO A 243 20.83 42.08 -0.33
C PRO A 243 22.14 41.83 0.37
N ILE A 244 22.75 42.85 0.96
CA ILE A 244 23.90 42.66 1.84
C ILE A 244 23.47 42.29 3.25
N LEU A 245 22.21 42.48 3.59
CA LEU A 245 21.75 42.12 4.91
C LEU A 245 21.40 40.66 5.05
N THR A 246 21.58 39.85 4.01
CA THR A 246 21.52 38.41 4.21
C THR A 246 22.63 37.65 3.52
N LEU A 247 23.39 38.25 2.60
CA LEU A 247 24.66 37.67 2.21
C LEU A 247 25.59 37.64 3.41
N THR A 248 25.76 38.78 4.05
CA THR A 248 26.50 38.87 5.30
C THR A 248 25.44 39.00 6.39
N ARG A 249 25.23 37.94 7.15
CA ARG A 249 24.16 37.93 8.13
C ARG A 249 24.42 38.98 9.17
N ALA A 250 23.72 40.10 9.08
CA ALA A 250 24.00 41.25 9.92
C ALA A 250 22.95 41.42 11.00
N LEU A 251 22.03 40.48 11.15
CA LEU A 251 21.04 40.57 12.20
C LEU A 251 21.14 39.43 13.20
N THR A 252 22.05 38.47 13.00
CA THR A 252 22.19 37.39 13.98
C THR A 252 22.67 37.89 15.32
N ALA A 253 23.24 39.10 15.37
CA ALA A 253 23.57 39.67 16.66
C ALA A 253 22.36 40.00 17.49
N GLU A 254 21.16 39.94 16.93
CA GLU A 254 19.93 40.10 17.70
C GLU A 254 19.42 38.81 18.30
N SER A 255 20.08 37.69 18.02
CA SER A 255 19.68 36.44 18.69
C SER A 255 20.18 36.41 20.12
N HIS A 256 21.35 36.97 20.38
CA HIS A 256 21.97 36.87 21.69
C HIS A 256 21.35 37.87 22.66
N VAL A 257 21.45 37.55 23.95
CA VAL A 257 20.82 38.36 24.97
C VAL A 257 21.51 39.71 25.05
N ASP A 258 20.72 40.78 25.08
CA ASP A 258 21.18 42.18 25.05
C ASP A 258 21.96 42.51 23.79
N THR A 259 21.75 41.73 22.73
CA THR A 259 22.30 41.99 21.40
C THR A 259 23.82 42.15 21.45
N ASP A 260 24.48 41.25 22.16
CA ASP A 260 25.92 41.28 22.30
C ASP A 260 26.49 39.94 21.83
N LEU A 261 27.48 40.01 20.96
CA LEU A 261 27.92 38.82 20.23
C LEU A 261 28.64 37.79 21.10
N THR A 262 28.90 38.08 22.37
CA THR A 262 29.60 37.13 23.23
C THR A 262 28.68 36.37 24.17
N LYS A 263 27.59 36.97 24.61
CA LYS A 263 26.67 36.34 25.55
C LYS A 263 25.94 35.19 24.86
N PRO A 264 25.39 34.25 25.62
CA PRO A 264 24.75 33.07 25.01
C PRO A 264 23.41 33.41 24.39
N TYR A 265 22.86 32.42 23.71
CA TYR A 265 21.63 32.58 22.93
C TYR A 265 20.46 32.90 23.83
N ILE A 266 19.46 33.59 23.28
CA ILE A 266 18.22 33.82 24.00
C ILE A 266 17.41 32.53 23.95
N LYS A 267 17.02 32.02 25.11
CA LYS A 267 16.14 30.86 25.19
C LYS A 267 14.72 31.35 25.02
N TRP A 268 14.29 31.45 23.77
CA TRP A 268 12.90 31.82 23.49
C TRP A 268 11.97 30.72 23.98
N ASP A 269 10.80 31.13 24.42
CA ASP A 269 9.78 30.17 24.81
C ASP A 269 9.42 29.30 23.63
N LEU A 270 9.42 27.98 23.83
CA LEU A 270 9.20 27.05 22.72
C LEU A 270 7.82 27.21 22.09
N LEU A 271 6.87 27.78 22.82
CA LEU A 271 5.50 27.89 22.36
C LEU A 271 5.16 29.25 21.78
N LYS A 272 6.12 30.17 21.72
CA LYS A 272 5.84 31.53 21.29
C LYS A 272 5.88 31.58 19.78
N TYR A 273 4.71 31.61 19.16
CA TYR A 273 4.61 31.69 17.71
C TYR A 273 4.25 33.08 17.21
N ASP A 274 3.47 33.83 17.97
CA ASP A 274 3.06 35.17 17.58
C ASP A 274 4.20 36.12 17.88
N PHE A 275 5.13 36.23 16.93
CA PHE A 275 6.32 37.06 17.10
C PHE A 275 6.16 38.47 16.57
N THR A 276 4.93 38.98 16.49
CA THR A 276 4.70 40.27 15.86
C THR A 276 5.41 41.40 16.60
N GLU A 277 5.39 41.38 17.93
CA GLU A 277 5.96 42.48 18.70
C GLU A 277 7.46 42.58 18.50
N GLU A 278 8.17 41.45 18.48
CA GLU A 278 9.61 41.50 18.25
C GLU A 278 9.93 41.99 16.84
N ARG A 279 9.15 41.58 15.85
CA ARG A 279 9.39 42.05 14.50
C ARG A 279 9.21 43.54 14.40
N LEU A 280 8.17 44.08 15.00
CA LEU A 280 7.98 45.52 14.94
C LEU A 280 9.05 46.26 15.72
N LYS A 281 9.56 45.67 16.80
CA LYS A 281 10.65 46.30 17.52
C LYS A 281 11.92 46.34 16.68
N LEU A 282 12.21 45.26 15.97
CA LEU A 282 13.37 45.25 15.08
C LEU A 282 13.21 46.30 13.99
N PHE A 283 12.04 46.37 13.37
CA PHE A 283 11.84 47.33 12.30
C PHE A 283 11.92 48.76 12.82
N ASP A 284 11.50 49.01 14.05
CA ASP A 284 11.66 50.36 14.58
C ASP A 284 13.04 50.63 15.12
N ARG A 285 13.89 49.62 15.23
CA ARG A 285 15.27 49.93 15.63
C ARG A 285 16.20 50.12 14.44
N TYR A 286 16.05 49.30 13.40
CA TYR A 286 16.97 49.35 12.26
C TYR A 286 16.44 50.20 11.11
N PHE A 287 15.29 49.83 10.56
CA PHE A 287 14.73 50.57 9.43
C PHE A 287 13.75 51.63 9.91
N LYS A 288 14.25 52.57 10.72
CA LYS A 288 13.34 53.47 11.41
C LYS A 288 12.66 54.44 10.47
N TYR A 289 13.42 55.09 9.59
CA TYR A 289 12.89 56.14 8.74
C TYR A 289 12.48 55.64 7.37
N TRP A 290 12.40 54.34 7.19
CA TRP A 290 11.85 53.73 5.99
C TRP A 290 10.42 54.23 5.81
N ASP A 291 10.16 54.91 4.69
CA ASP A 291 8.95 55.70 4.54
C ASP A 291 7.70 54.83 4.61
N GLN A 292 7.65 53.79 3.78
CA GLN A 292 6.45 52.98 3.65
C GLN A 292 6.17 52.23 4.95
N THR A 293 4.90 51.90 5.16
CA THR A 293 4.52 51.20 6.38
C THR A 293 4.99 49.75 6.32
N TYR A 294 4.84 49.06 7.44
CA TYR A 294 5.24 47.67 7.53
C TYR A 294 4.33 46.98 8.52
N HIS A 295 3.44 46.14 8.02
CA HIS A 295 2.53 45.35 8.84
C HIS A 295 3.03 43.92 8.89
N PRO A 296 3.46 43.43 10.05
CA PRO A 296 4.17 42.15 10.12
C PRO A 296 3.37 40.98 9.57
N ASN A 297 2.19 40.73 10.12
CA ASN A 297 1.31 39.72 9.54
C ASN A 297 0.85 40.20 8.18
N CYS A 298 1.28 39.54 7.11
CA CYS A 298 0.95 40.01 5.78
C CYS A 298 -0.52 39.89 5.45
N VAL A 299 -1.32 39.21 6.29
CA VAL A 299 -2.75 39.13 6.05
C VAL A 299 -3.41 40.51 6.16
N ASN A 300 -2.72 41.47 6.77
CA ASN A 300 -3.21 42.84 6.87
C ASN A 300 -2.89 43.67 5.63
N CYS A 301 -2.30 43.08 4.60
CA CYS A 301 -1.74 43.88 3.52
C CYS A 301 -2.82 44.34 2.54
N LEU A 302 -2.46 45.35 1.76
CA LEU A 302 -3.40 46.10 0.95
C LEU A 302 -3.59 45.53 -0.46
N ASP A 303 -2.50 45.18 -1.13
CA ASP A 303 -2.61 44.64 -2.49
C ASP A 303 -1.44 43.69 -2.70
N ASP A 304 -1.19 43.34 -3.96
CA ASP A 304 -0.10 42.42 -4.26
C ASP A 304 1.22 43.11 -4.44
N ARG A 305 1.38 44.32 -3.91
CA ARG A 305 2.67 44.98 -3.87
C ARG A 305 2.99 45.55 -2.50
N CYS A 306 2.13 45.32 -1.52
CA CYS A 306 2.52 45.41 -0.13
C CYS A 306 2.73 44.03 0.47
N ILE A 307 2.51 42.98 -0.30
CA ILE A 307 2.87 41.65 0.14
C ILE A 307 4.31 41.33 -0.19
N LEU A 308 4.81 41.79 -1.34
CA LEU A 308 6.23 41.63 -1.63
C LEU A 308 7.07 42.43 -0.65
N HIS A 309 6.63 43.65 -0.31
CA HIS A 309 7.39 44.50 0.60
C HIS A 309 7.46 43.90 1.99
N CYS A 310 6.31 43.65 2.61
CA CYS A 310 6.31 43.09 3.97
C CYS A 310 6.89 41.68 3.98
N ALA A 311 6.67 40.90 2.94
CA ALA A 311 7.24 39.56 2.88
C ALA A 311 8.75 39.63 2.82
N ASN A 312 9.29 40.56 2.05
CA ASN A 312 10.74 40.69 1.96
C ASN A 312 11.34 41.18 3.25
N PHE A 313 10.67 42.10 3.94
CA PHE A 313 11.16 42.51 5.25
C PHE A 313 11.15 41.35 6.23
N ASN A 314 10.09 40.55 6.23
CA ASN A 314 10.05 39.42 7.14
C ASN A 314 11.13 38.40 6.82
N VAL A 315 11.46 38.21 5.54
CA VAL A 315 12.44 37.18 5.23
C VAL A 315 13.82 37.54 5.72
N LEU A 316 14.06 38.79 6.09
CA LEU A 316 15.23 39.12 6.88
C LEU A 316 14.94 39.00 8.36
N PHE A 317 13.82 39.55 8.83
CA PHE A 317 13.56 39.55 10.26
C PHE A 317 13.29 38.18 10.83
N SER A 318 13.12 37.16 10.00
CA SER A 318 12.83 35.82 10.48
C SER A 318 14.05 34.92 10.51
N THR A 319 15.25 35.48 10.35
CA THR A 319 16.46 34.71 10.59
C THR A 319 17.02 34.95 11.99
N VAL A 320 16.29 35.65 12.83
CA VAL A 320 16.70 35.87 14.21
C VAL A 320 15.75 35.19 15.20
N PHE A 321 14.78 34.44 14.70
CA PHE A 321 13.81 33.75 15.53
C PHE A 321 14.04 32.25 15.44
N PRO A 322 13.71 31.48 16.47
CA PRO A 322 14.08 30.07 16.49
C PRO A 322 13.40 29.31 15.38
N PRO A 323 14.08 28.34 14.76
CA PRO A 323 13.50 27.64 13.62
C PRO A 323 12.52 26.55 14.00
N THR A 324 12.28 26.33 15.28
CA THR A 324 11.29 25.34 15.72
C THR A 324 9.92 25.95 15.93
N SER A 325 9.75 27.24 15.65
CA SER A 325 8.49 27.90 15.91
C SER A 325 7.87 28.45 14.62
N PHE A 326 8.10 27.76 13.52
CA PHE A 326 7.49 28.04 12.24
C PHE A 326 6.65 26.85 11.84
N GLY A 327 6.14 26.86 10.61
CA GLY A 327 5.32 25.77 10.16
C GLY A 327 3.92 25.87 10.71
N PRO A 328 3.17 24.77 10.67
CA PRO A 328 1.75 24.83 11.04
C PRO A 328 1.57 25.15 12.51
N LEU A 329 0.40 25.69 12.83
CA LEU A 329 -0.02 25.95 14.19
C LEU A 329 -1.15 24.99 14.51
N VAL A 330 -0.87 24.00 15.33
CA VAL A 330 -1.87 23.01 15.64
C VAL A 330 -2.71 23.48 16.81
N ARG A 331 -3.85 22.83 16.99
CA ARG A 331 -4.81 23.17 18.02
C ARG A 331 -5.69 21.95 18.24
N LYS A 332 -6.09 21.72 19.48
CA LYS A 332 -6.89 20.55 19.83
C LYS A 332 -8.35 20.84 19.63
N ILE A 333 -9.00 20.09 18.76
CA ILE A 333 -10.43 20.18 18.52
C ILE A 333 -11.07 18.86 18.93
N PHE A 334 -12.39 18.82 18.90
CA PHE A 334 -13.13 17.62 19.24
C PHE A 334 -14.07 17.26 18.11
N VAL A 335 -13.96 16.03 17.61
CA VAL A 335 -14.90 15.50 16.64
C VAL A 335 -15.71 14.42 17.34
N ASP A 336 -17.02 14.69 17.47
CA ASP A 336 -18.00 13.87 18.21
C ASP A 336 -17.42 13.27 19.47
N GLY A 337 -16.84 14.13 20.30
CA GLY A 337 -16.35 13.71 21.59
C GLY A 337 -14.98 13.06 21.61
N VAL A 338 -14.28 13.02 20.49
CA VAL A 338 -12.92 12.47 20.50
C VAL A 338 -11.95 13.59 20.17
N PRO A 339 -10.82 13.69 20.87
CA PRO A 339 -9.91 14.83 20.66
C PRO A 339 -8.89 14.68 19.55
N PHE A 340 -9.01 15.51 18.53
CA PHE A 340 -8.05 15.60 17.44
C PHE A 340 -7.11 16.77 17.68
N VAL A 341 -5.98 16.74 16.99
CA VAL A 341 -5.08 17.88 16.89
C VAL A 341 -4.93 18.21 15.41
N VAL A 342 -5.38 19.40 15.02
CA VAL A 342 -5.38 19.78 13.61
C VAL A 342 -4.79 21.17 13.45
N SER A 343 -4.37 21.48 12.22
CA SER A 343 -3.65 22.72 11.94
C SER A 343 -4.64 23.81 11.59
N THR A 344 -4.65 24.88 12.39
CA THR A 344 -5.57 25.98 12.20
C THR A 344 -4.88 27.25 11.74
N GLY A 345 -3.65 27.15 11.27
CA GLY A 345 -2.95 28.34 10.85
C GLY A 345 -1.61 28.00 10.28
N TYR A 346 -0.74 28.99 10.27
CA TYR A 346 0.62 28.82 9.82
C TYR A 346 1.40 30.03 10.30
N HIS A 347 2.70 29.87 10.42
CA HIS A 347 3.59 30.97 10.73
C HIS A 347 4.68 30.92 9.68
N PHE A 348 4.42 31.51 8.53
CA PHE A 348 5.42 31.56 7.48
C PHE A 348 6.57 32.45 7.88
N ARG A 349 7.78 32.09 7.46
CA ARG A 349 8.92 32.97 7.69
C ARG A 349 8.77 34.27 6.92
N GLU A 350 8.17 34.21 5.73
CA GLU A 350 8.00 35.41 4.92
C GLU A 350 6.66 36.09 5.15
N LEU A 351 5.59 35.32 5.30
CA LEU A 351 4.26 35.88 5.39
C LEU A 351 3.75 36.04 6.80
N GLY A 352 4.54 35.69 7.81
CA GLY A 352 4.05 36.00 9.14
C GLY A 352 2.98 35.03 9.58
N VAL A 353 2.19 35.46 10.56
CA VAL A 353 1.14 34.63 11.14
C VAL A 353 -0.08 34.67 10.24
N VAL A 354 -0.67 33.51 9.98
CA VAL A 354 -1.89 33.42 9.21
C VAL A 354 -2.81 32.44 9.93
N HIS A 355 -3.94 32.94 10.42
CA HIS A 355 -4.93 32.10 11.09
C HIS A 355 -6.01 31.70 10.11
N ASN A 356 -6.64 30.56 10.35
CA ASN A 356 -7.78 30.21 9.54
C ASN A 356 -8.99 31.02 9.96
N GLN A 357 -10.04 30.94 9.15
CA GLN A 357 -11.30 31.57 9.49
C GLN A 357 -12.44 30.58 9.66
N ASP A 358 -12.26 29.33 9.24
CA ASP A 358 -13.24 28.28 9.43
C ASP A 358 -12.60 27.22 10.31
N VAL A 359 -12.67 27.39 11.62
CA VAL A 359 -12.17 26.43 12.58
C VAL A 359 -13.36 25.66 13.12
N ASN A 360 -13.46 24.39 12.76
CA ASN A 360 -14.61 23.56 13.16
C ASN A 360 -14.34 22.91 14.51
N LEU A 361 -14.34 23.75 15.54
CA LEU A 361 -14.35 23.23 16.89
C LEU A 361 -15.69 22.56 17.17
N HIS A 362 -15.62 21.40 17.83
CA HIS A 362 -16.80 20.59 18.16
C HIS A 362 -17.59 20.21 16.91
N SER A 363 -16.93 19.47 16.02
CA SER A 363 -17.64 18.86 14.91
C SER A 363 -18.27 17.54 15.35
N SER A 364 -19.26 17.10 14.59
CA SER A 364 -19.93 15.83 14.87
C SER A 364 -19.63 14.80 13.80
N ARG A 365 -19.90 15.11 12.54
CA ARG A 365 -19.69 14.17 11.45
C ARG A 365 -18.70 14.76 10.45
N LEU A 366 -17.81 13.91 9.96
CA LEU A 366 -16.80 14.31 8.99
C LEU A 366 -17.26 13.85 7.60
N SER A 367 -17.47 14.81 6.70
CA SER A 367 -17.79 14.50 5.32
C SER A 367 -16.48 14.16 4.60
N PHE A 368 -16.53 14.08 3.27
CA PHE A 368 -15.31 13.72 2.57
C PHE A 368 -14.33 14.88 2.49
N LYS A 369 -14.82 16.11 2.39
CA LYS A 369 -13.93 17.26 2.32
C LYS A 369 -13.16 17.44 3.62
N GLU A 370 -13.84 17.41 4.76
CA GLU A 370 -13.17 17.55 6.04
C GLU A 370 -12.24 16.38 6.30
N LEU A 371 -12.62 15.18 5.85
CA LEU A 371 -11.74 14.03 6.02
C LEU A 371 -10.48 14.20 5.20
N LEU A 372 -10.60 14.69 3.97
CA LEU A 372 -9.43 14.94 3.14
C LEU A 372 -8.51 15.97 3.77
N VAL A 373 -9.10 17.06 4.27
CA VAL A 373 -8.30 18.13 4.88
C VAL A 373 -7.56 17.61 6.11
N TYR A 374 -8.24 16.86 6.97
CA TYR A 374 -7.59 16.37 8.18
C TYR A 374 -6.69 15.17 7.94
N ALA A 375 -6.77 14.53 6.79
CA ALA A 375 -5.81 13.49 6.48
C ALA A 375 -4.56 14.05 5.80
N ALA A 376 -4.71 15.10 5.00
CA ALA A 376 -3.56 15.62 4.26
C ALA A 376 -2.56 16.31 5.17
N ASP A 377 -3.03 17.17 6.06
CA ASP A 377 -2.13 18.05 6.79
C ASP A 377 -1.30 17.25 7.80
N PRO A 378 -0.06 17.67 8.04
CA PRO A 378 0.85 16.84 8.84
C PRO A 378 0.69 17.01 10.34
N ALA A 379 -0.35 17.71 10.80
CA ALA A 379 -0.54 17.85 12.24
C ALA A 379 -0.73 16.50 12.91
N MET A 380 -1.61 15.67 12.33
CA MET A 380 -1.80 14.32 12.85
C MET A 380 -0.53 13.49 12.68
N HIS A 381 0.11 13.59 11.52
CA HIS A 381 1.24 12.72 11.24
C HIS A 381 2.45 13.08 12.08
N ALA A 382 2.73 14.38 12.24
CA ALA A 382 3.86 14.76 13.09
C ALA A 382 3.53 14.57 14.56
N ALA A 383 2.27 14.78 14.95
CA ALA A 383 1.90 14.65 16.36
C ALA A 383 1.92 13.19 16.80
N SER A 384 1.56 12.27 15.92
CA SER A 384 1.51 10.85 16.22
C SER A 384 2.75 10.12 15.78
N GLY A 385 3.92 10.76 15.82
CA GLY A 385 5.16 10.15 15.38
C GLY A 385 6.25 10.29 16.43
N ASN A 386 7.34 9.59 16.18
CA ASN A 386 8.50 9.61 17.04
C ASN A 386 9.43 10.74 16.63
N LEU A 387 10.03 11.39 17.61
CA LEU A 387 10.92 12.51 17.32
C LEU A 387 12.17 11.99 16.62
N LEU A 388 12.49 12.58 15.48
CA LEU A 388 13.63 12.15 14.68
C LEU A 388 14.77 13.12 14.87
N LEU A 389 15.99 12.59 14.93
CA LEU A 389 17.19 13.41 14.98
C LEU A 389 18.13 12.86 13.93
N ASP A 390 18.10 13.45 12.74
CA ASP A 390 18.81 12.90 11.59
C ASP A 390 20.09 13.69 11.41
N LYS A 391 21.23 13.05 11.62
CA LYS A 391 22.51 13.72 11.43
C LYS A 391 23.03 13.59 10.01
N ARG A 392 22.29 12.94 9.12
CA ARG A 392 22.72 12.87 7.72
C ARG A 392 22.59 14.22 7.03
N THR A 393 21.60 15.02 7.40
CA THR A 393 21.30 16.28 6.73
C THR A 393 21.49 17.44 7.69
N THR A 394 21.23 18.65 7.17
CA THR A 394 21.22 19.86 7.97
C THR A 394 19.85 20.52 8.00
N CYS A 395 18.89 20.04 7.21
CA CYS A 395 17.54 20.54 7.24
C CYS A 395 16.83 20.08 8.50
N PHE A 396 15.94 20.92 9.02
CA PHE A 396 15.23 20.59 10.24
C PHE A 396 14.33 19.39 10.02
N SER A 397 14.46 18.39 10.89
CA SER A 397 13.82 17.10 10.73
C SER A 397 12.70 16.97 11.77
N VAL A 398 11.45 17.03 11.30
CA VAL A 398 10.33 17.21 12.21
C VAL A 398 9.96 15.92 12.91
N ALA A 399 9.77 14.83 12.15
CA ALA A 399 9.31 13.61 12.80
C ALA A 399 9.64 12.41 11.94
N ALA A 400 9.43 11.22 12.51
CA ALA A 400 9.60 9.97 11.79
C ALA A 400 8.35 9.15 12.00
N LEU A 401 7.59 8.93 10.93
CA LEU A 401 6.27 8.33 11.07
C LEU A 401 6.36 6.86 11.46
N THR A 402 7.20 6.09 10.79
CA THR A 402 7.29 4.67 11.07
C THR A 402 8.31 4.42 12.18
N ASN A 403 8.54 3.16 12.49
CA ASN A 403 9.54 2.79 13.48
C ASN A 403 10.92 2.54 12.88
N ASN A 404 11.05 2.56 11.56
CA ASN A 404 12.33 2.35 10.93
C ASN A 404 12.43 3.20 9.68
N VAL A 405 13.57 3.86 9.52
CA VAL A 405 13.79 4.70 8.34
C VAL A 405 13.98 3.81 7.12
N ALA A 406 13.21 4.07 6.07
CA ALA A 406 13.22 3.24 4.88
C ALA A 406 14.25 3.77 3.89
N PHE A 407 15.12 2.89 3.41
CA PHE A 407 16.13 3.24 2.44
C PHE A 407 15.67 2.76 1.06
N GLN A 408 15.85 3.61 0.06
CA GLN A 408 15.41 3.30 -1.29
C GLN A 408 16.59 3.32 -2.24
N THR A 409 16.62 2.36 -3.15
CA THR A 409 17.69 2.21 -4.13
C THR A 409 17.13 2.46 -5.52
N VAL A 410 18.03 2.51 -6.50
CA VAL A 410 17.64 2.63 -7.91
C VAL A 410 18.36 1.57 -8.71
N LYS A 411 17.63 0.53 -9.10
CA LYS A 411 18.21 -0.58 -9.82
C LYS A 411 18.67 -0.15 -11.21
N PRO A 412 19.69 -0.79 -11.76
CA PRO A 412 20.20 -0.38 -13.06
C PRO A 412 19.25 -0.75 -14.18
N GLY A 413 19.46 -0.13 -15.33
CA GLY A 413 18.59 -0.36 -16.46
C GLY A 413 18.83 -1.70 -17.10
N ASN A 414 17.86 -2.14 -17.89
CA ASN A 414 17.98 -3.42 -18.56
C ASN A 414 18.56 -3.22 -19.96
N PHE A 415 19.38 -4.17 -20.37
CA PHE A 415 20.13 -4.06 -21.62
C PHE A 415 19.35 -4.63 -22.78
N ASN A 416 19.37 -3.92 -23.91
CA ASN A 416 18.69 -4.34 -25.15
C ASN A 416 19.75 -4.93 -26.06
N LYS A 417 20.14 -6.17 -25.79
CA LYS A 417 21.34 -6.71 -26.41
C LYS A 417 21.19 -6.86 -27.92
N ASP A 418 19.99 -7.20 -28.40
CA ASP A 418 19.77 -7.33 -29.83
C ASP A 418 20.11 -6.04 -30.55
N PHE A 419 19.68 -4.90 -29.99
CA PHE A 419 19.99 -3.62 -30.59
C PHE A 419 21.47 -3.31 -30.50
N TYR A 420 22.14 -3.74 -29.45
CA TYR A 420 23.56 -3.44 -29.36
C TYR A 420 24.36 -4.23 -30.38
N ASP A 421 24.01 -5.50 -30.58
CA ASP A 421 24.69 -6.27 -31.61
C ASP A 421 24.37 -5.73 -33.00
N PHE A 422 23.14 -5.26 -33.19
CA PHE A 422 22.83 -4.64 -34.47
C PHE A 422 23.55 -3.31 -34.64
N ALA A 423 23.84 -2.61 -33.56
CA ALA A 423 24.55 -1.35 -33.66
C ALA A 423 26.02 -1.57 -33.97
N VAL A 424 26.65 -2.55 -33.33
CA VAL A 424 28.04 -2.85 -33.68
C VAL A 424 28.15 -3.59 -34.99
N SER A 425 27.04 -4.08 -35.53
CA SER A 425 27.08 -4.66 -36.87
C SER A 425 27.21 -3.58 -37.94
N LYS A 426 26.56 -2.43 -37.74
CA LYS A 426 26.59 -1.35 -38.71
C LYS A 426 27.82 -0.47 -38.56
N GLY A 427 28.68 -0.72 -37.59
CA GLY A 427 29.94 -0.02 -37.48
C GLY A 427 30.03 1.05 -36.42
N PHE A 428 29.05 1.16 -35.54
CA PHE A 428 29.11 2.16 -34.48
C PHE A 428 30.05 1.70 -33.38
N PHE A 429 30.19 2.57 -32.36
CA PHE A 429 30.82 2.23 -31.09
C PHE A 429 32.26 1.73 -31.27
N LYS A 430 32.98 2.36 -32.19
CA LYS A 430 34.38 2.00 -32.42
C LYS A 430 35.26 2.70 -31.40
N GLU A 431 36.56 2.67 -31.63
CA GLU A 431 37.50 3.48 -30.87
C GLU A 431 37.75 4.78 -31.62
N GLY A 432 37.51 5.90 -30.94
CA GLY A 432 37.69 7.19 -31.55
C GLY A 432 36.50 7.72 -32.32
N SER A 433 35.35 7.06 -32.23
CA SER A 433 34.16 7.54 -32.91
C SER A 433 33.64 8.81 -32.24
N SER A 434 32.98 9.66 -33.03
CA SER A 434 32.36 10.86 -32.52
C SER A 434 30.95 10.62 -32.02
N VAL A 435 30.42 9.41 -32.19
CA VAL A 435 29.17 8.98 -31.57
C VAL A 435 29.53 7.86 -30.62
N GLU A 436 29.16 8.00 -29.35
CA GLU A 436 29.54 7.04 -28.34
C GLU A 436 28.45 6.97 -27.29
N LEU A 437 28.45 5.87 -26.55
CA LEU A 437 27.50 5.72 -25.46
C LEU A 437 27.94 6.59 -24.30
N LYS A 438 27.19 7.65 -24.02
CA LYS A 438 27.43 8.45 -22.82
C LYS A 438 26.25 8.46 -21.87
N HIS A 439 25.03 8.32 -22.36
CA HIS A 439 23.83 8.40 -21.53
C HIS A 439 23.43 7.00 -21.10
N PHE A 440 23.57 6.71 -19.81
CA PHE A 440 23.32 5.39 -19.27
C PHE A 440 22.23 5.44 -18.22
N PHE A 441 22.01 4.30 -17.57
CA PHE A 441 21.07 4.15 -16.47
C PHE A 441 21.90 4.00 -15.21
N PHE A 442 22.20 5.12 -14.56
CA PHE A 442 23.03 5.07 -13.38
C PHE A 442 22.24 4.54 -12.20
N ALA A 443 22.92 3.79 -11.34
CA ALA A 443 22.32 3.21 -10.15
C ALA A 443 22.68 4.03 -8.92
N GLN A 444 21.94 3.83 -7.85
CA GLN A 444 22.15 4.58 -6.62
C GLN A 444 22.08 3.66 -5.42
N ASP A 445 22.89 4.00 -4.40
CA ASP A 445 22.97 3.20 -3.19
C ASP A 445 21.82 3.54 -2.27
N GLY A 446 21.91 3.10 -1.01
CA GLY A 446 20.84 3.33 -0.07
C GLY A 446 20.66 4.79 0.30
N ASN A 447 21.76 5.54 0.34
CA ASN A 447 21.76 6.91 0.85
C ASN A 447 21.56 7.94 -0.25
N ALA A 448 20.86 7.60 -1.33
CA ALA A 448 20.63 8.59 -2.36
C ALA A 448 19.55 9.58 -1.95
N ALA A 449 18.38 9.06 -1.56
CA ALA A 449 17.20 9.89 -1.39
C ALA A 449 17.38 10.95 -0.31
N ILE A 450 18.28 10.74 0.64
CA ILE A 450 18.54 11.72 1.68
C ILE A 450 19.81 12.51 1.44
N SER A 451 20.71 12.05 0.58
CA SER A 451 21.84 12.89 0.21
C SER A 451 21.56 13.67 -1.04
N ASP A 452 20.33 13.63 -1.53
CA ASP A 452 19.86 14.59 -2.52
C ASP A 452 19.00 15.68 -1.91
N TYR A 453 18.11 15.31 -0.99
CA TYR A 453 17.37 16.31 -0.23
C TYR A 453 18.30 17.23 0.52
N ASP A 454 19.49 16.74 0.88
CA ASP A 454 20.48 17.57 1.55
C ASP A 454 20.86 18.78 0.72
N TYR A 455 20.65 18.74 -0.60
CA TYR A 455 20.97 19.89 -1.42
C TYR A 455 20.10 21.10 -1.12
N TYR A 456 19.03 20.94 -0.35
CA TYR A 456 18.33 22.14 0.08
C TYR A 456 19.12 22.95 1.08
N ARG A 457 20.30 22.48 1.50
CA ARG A 457 21.21 23.35 2.23
C ARG A 457 21.74 24.47 1.35
N TYR A 458 21.67 24.33 0.02
CA TYR A 458 22.12 25.40 -0.84
C TYR A 458 21.18 26.58 -0.86
N ASN A 459 19.96 26.40 -0.38
CA ASN A 459 19.02 27.50 -0.22
C ASN A 459 19.42 28.35 0.97
N LEU A 460 19.18 29.64 0.87
CA LEU A 460 19.44 30.56 1.96
C LEU A 460 18.28 31.52 2.07
N PRO A 461 18.00 32.02 3.27
CA PRO A 461 17.03 33.10 3.37
C PRO A 461 17.63 34.36 2.80
N THR A 462 17.20 34.76 1.61
CA THR A 462 17.78 35.91 0.93
C THR A 462 16.77 37.03 0.88
N MET A 463 17.18 38.20 1.36
CA MET A 463 16.38 39.40 1.29
C MET A 463 16.67 40.07 -0.05
N CYS A 464 15.79 39.84 -1.03
CA CYS A 464 15.94 40.52 -2.31
C CYS A 464 15.71 42.00 -2.14
N ASP A 465 16.28 42.78 -3.05
CA ASP A 465 16.06 44.22 -3.01
C ASP A 465 14.59 44.52 -3.17
N ILE A 466 14.10 45.56 -2.50
CA ILE A 466 12.67 45.77 -2.38
C ILE A 466 12.16 46.98 -3.12
N ARG A 467 13.01 47.92 -3.51
CA ARG A 467 12.56 48.96 -4.43
C ARG A 467 12.84 48.59 -5.86
N GLN A 468 13.54 47.48 -6.08
CA GLN A 468 13.83 46.98 -7.41
C GLN A 468 12.91 45.85 -7.82
N LEU A 469 12.52 45.02 -6.86
CA LEU A 469 11.51 44.02 -7.12
C LEU A 469 10.16 44.66 -7.44
N LEU A 470 9.86 45.80 -6.85
CA LEU A 470 8.60 46.46 -7.13
C LEU A 470 8.64 47.27 -8.41
N PHE A 471 9.58 47.02 -9.26
CA PHE A 471 9.59 47.47 -10.64
C PHE A 471 9.80 46.32 -11.60
N VAL A 472 10.63 45.35 -11.22
CA VAL A 472 10.74 44.15 -12.03
C VAL A 472 9.43 43.38 -12.04
N VAL A 473 8.63 43.48 -10.99
CA VAL A 473 7.29 42.90 -11.04
C VAL A 473 6.47 43.57 -12.12
N GLU A 474 6.55 44.90 -12.23
CA GLU A 474 5.79 45.58 -13.27
C GLU A 474 6.23 45.16 -14.66
N VAL A 475 7.54 45.09 -14.90
CA VAL A 475 8.00 44.73 -16.24
C VAL A 475 7.64 43.28 -16.56
N VAL A 476 7.80 42.38 -15.60
CA VAL A 476 7.43 40.98 -15.83
C VAL A 476 5.94 40.85 -16.09
N ASP A 477 5.13 41.59 -15.34
CA ASP A 477 3.69 41.54 -15.57
C ASP A 477 3.35 42.07 -16.95
N LYS A 478 4.09 43.07 -17.43
CA LYS A 478 3.88 43.52 -18.81
C LYS A 478 4.26 42.42 -19.80
N TYR A 479 5.27 41.63 -19.48
CA TYR A 479 5.58 40.46 -20.31
C TYR A 479 4.43 39.46 -20.31
N PHE A 480 3.66 39.43 -19.23
CA PHE A 480 2.54 38.50 -19.10
C PHE A 480 1.20 39.16 -19.32
N ASP A 481 1.10 40.10 -20.27
CA ASP A 481 -0.14 40.84 -20.43
C ASP A 481 -1.08 40.24 -21.47
N CYS A 482 -0.57 39.41 -22.38
CA CYS A 482 -1.43 38.90 -23.45
C CYS A 482 -2.41 37.85 -22.94
N TYR A 483 -1.99 37.00 -22.03
CA TYR A 483 -2.78 35.85 -21.61
C TYR A 483 -3.92 36.28 -20.72
N ASP A 484 -4.82 35.35 -20.44
CA ASP A 484 -5.97 35.62 -19.57
C ASP A 484 -6.23 34.40 -18.71
N GLY A 485 -6.95 34.61 -17.62
CA GLY A 485 -7.26 33.50 -16.74
C GLY A 485 -8.08 33.95 -15.55
N GLY A 486 -8.37 32.99 -14.70
CA GLY A 486 -9.17 33.25 -13.51
C GLY A 486 -9.62 31.94 -12.90
N CYS A 487 -10.38 32.08 -11.81
CA CYS A 487 -10.93 30.90 -11.15
C CYS A 487 -11.94 30.23 -12.07
N ILE A 488 -11.82 28.91 -12.20
CA ILE A 488 -12.77 28.13 -12.98
C ILE A 488 -13.48 27.16 -12.06
N ASN A 489 -14.65 26.71 -12.49
CA ASN A 489 -15.45 25.79 -11.68
C ASN A 489 -14.79 24.41 -11.66
N ALA A 490 -15.42 23.48 -10.95
CA ALA A 490 -14.86 22.13 -10.88
C ALA A 490 -15.01 21.39 -12.19
N ASN A 491 -16.13 21.60 -12.89
CA ASN A 491 -16.43 20.76 -14.04
C ASN A 491 -15.71 21.19 -15.30
N GLN A 492 -14.89 22.23 -15.26
CA GLN A 492 -14.10 22.63 -16.41
C GLN A 492 -12.64 22.26 -16.27
N VAL A 493 -12.23 21.68 -15.14
CA VAL A 493 -10.83 21.31 -14.95
C VAL A 493 -10.50 20.10 -15.80
N ILE A 494 -9.48 20.22 -16.63
CA ILE A 494 -9.06 19.15 -17.52
C ILE A 494 -7.81 18.52 -16.95
N VAL A 495 -7.92 17.30 -16.48
CA VAL A 495 -6.77 16.56 -15.97
C VAL A 495 -6.08 15.89 -17.13
N ASN A 496 -4.79 16.20 -17.32
CA ASN A 496 -4.06 15.61 -18.44
C ASN A 496 -3.90 14.12 -18.27
N ASN A 497 -3.46 13.68 -17.10
CA ASN A 497 -3.30 12.27 -16.80
C ASN A 497 -3.80 11.99 -15.40
N LEU A 498 -4.48 10.86 -15.22
CA LEU A 498 -5.14 10.56 -13.96
C LEU A 498 -4.52 9.42 -13.18
N ASP A 499 -3.74 8.56 -13.80
CA ASP A 499 -3.17 7.42 -13.09
C ASP A 499 -1.81 7.74 -12.51
N LYS A 500 -1.74 8.80 -11.71
CA LYS A 500 -0.52 9.21 -11.05
C LYS A 500 -0.75 9.24 -9.55
N SER A 501 0.31 9.07 -8.79
CA SER A 501 0.19 8.98 -7.35
C SER A 501 -0.24 10.32 -6.76
N ALA A 502 -0.72 10.28 -5.53
CA ALA A 502 -1.37 11.42 -4.91
C ALA A 502 -0.73 11.82 -3.59
N GLY A 503 0.58 11.93 -3.52
CA GLY A 503 1.24 12.43 -2.33
C GLY A 503 1.37 11.37 -1.26
N PHE A 504 1.74 11.82 -0.07
CA PHE A 504 2.00 10.83 0.96
C PHE A 504 0.74 10.22 1.58
N PRO A 505 -0.16 10.98 2.20
CA PRO A 505 -1.22 10.32 2.97
C PRO A 505 -2.28 9.67 2.11
N PHE A 506 -2.21 9.86 0.79
CA PHE A 506 -3.24 9.36 -0.09
C PHE A 506 -2.78 8.24 -1.02
N ASN A 507 -1.47 8.06 -1.21
CA ASN A 507 -1.04 7.02 -2.15
C ASN A 507 -1.28 5.63 -1.60
N LYS A 508 -1.47 5.50 -0.29
CA LYS A 508 -1.67 4.19 0.31
C LYS A 508 -2.98 3.54 -0.07
N TRP A 509 -3.91 4.28 -0.70
CA TRP A 509 -5.22 3.74 -1.01
C TRP A 509 -5.60 3.78 -2.48
N GLY A 510 -5.00 4.65 -3.28
CA GLY A 510 -5.29 4.66 -4.70
C GLY A 510 -4.60 5.81 -5.39
N LYS A 511 -4.65 5.78 -6.71
CA LYS A 511 -4.07 6.83 -7.51
C LYS A 511 -4.96 8.07 -7.47
N ALA A 512 -4.60 9.07 -8.29
CA ALA A 512 -5.39 10.30 -8.31
C ALA A 512 -6.77 10.08 -8.93
N ARG A 513 -6.94 9.00 -9.70
CA ARG A 513 -8.24 8.71 -10.26
C ARG A 513 -9.28 8.49 -9.16
N LEU A 514 -8.86 7.86 -8.07
CA LEU A 514 -9.78 7.56 -6.98
C LEU A 514 -10.31 8.84 -6.33
N TYR A 515 -9.44 9.82 -6.11
CA TYR A 515 -9.90 11.06 -5.48
C TYR A 515 -10.51 12.02 -6.47
N TYR A 516 -10.29 11.83 -7.76
CA TYR A 516 -11.02 12.63 -8.74
C TYR A 516 -12.35 12.02 -9.12
N ASP A 517 -12.59 10.76 -8.76
CA ASP A 517 -13.89 10.13 -8.99
C ASP A 517 -14.75 10.07 -7.74
N SER A 518 -14.16 9.96 -6.56
CA SER A 518 -14.96 9.82 -5.35
C SER A 518 -15.61 11.13 -4.96
N MET A 519 -15.01 12.26 -5.31
CA MET A 519 -15.56 13.55 -4.93
C MET A 519 -16.43 14.09 -6.07
N SER A 520 -17.66 14.42 -5.76
CA SER A 520 -18.53 15.05 -6.74
C SER A 520 -18.08 16.49 -6.98
N TYR A 521 -18.68 17.12 -7.99
CA TYR A 521 -18.31 18.49 -8.31
C TYR A 521 -18.66 19.45 -7.19
N GLU A 522 -19.72 19.15 -6.43
CA GLU A 522 -20.13 20.06 -5.37
C GLU A 522 -19.11 20.11 -4.24
N ASP A 523 -18.68 18.96 -3.73
CA ASP A 523 -17.68 18.94 -2.68
C ASP A 523 -16.25 18.96 -3.24
N GLN A 524 -16.10 19.27 -4.52
CA GLN A 524 -14.81 19.60 -5.09
C GLN A 524 -14.67 21.09 -5.33
N ASP A 525 -15.77 21.79 -5.58
CA ASP A 525 -15.78 23.23 -5.48
C ASP A 525 -15.82 23.70 -4.03
N ALA A 526 -16.41 22.90 -3.14
CA ALA A 526 -16.41 23.25 -1.72
C ALA A 526 -15.00 23.26 -1.17
N LEU A 527 -14.17 22.31 -1.60
CA LEU A 527 -12.78 22.30 -1.16
C LEU A 527 -12.05 23.55 -1.63
N PHE A 528 -12.22 23.92 -2.88
CA PHE A 528 -11.53 25.09 -3.41
C PHE A 528 -12.02 26.36 -2.72
N ALA A 529 -13.32 26.47 -2.47
CA ALA A 529 -13.77 27.64 -1.72
C ALA A 529 -13.46 27.53 -0.24
N TYR A 530 -12.99 26.38 0.22
CA TYR A 530 -12.47 26.28 1.58
C TYR A 530 -11.02 26.74 1.68
N THR A 531 -10.21 26.53 0.64
CA THR A 531 -8.84 27.02 0.72
C THR A 531 -8.70 28.44 0.25
N LYS A 532 -9.80 29.15 0.02
CA LYS A 532 -9.74 30.59 -0.15
C LYS A 532 -9.97 31.32 1.16
N ARG A 533 -10.20 30.59 2.25
CA ARG A 533 -10.38 31.19 3.55
C ARG A 533 -9.70 30.39 4.65
N ASN A 534 -8.82 29.46 4.31
CA ASN A 534 -8.10 28.66 5.30
C ASN A 534 -6.69 28.43 4.80
N VAL A 535 -5.95 27.59 5.51
CA VAL A 535 -4.61 27.18 5.10
C VAL A 535 -4.50 25.68 5.29
N ILE A 536 -4.02 24.97 4.27
CA ILE A 536 -3.86 23.53 4.35
C ILE A 536 -2.38 23.17 4.22
N PRO A 537 -1.67 22.96 5.32
CA PRO A 537 -0.32 22.41 5.22
C PRO A 537 -0.38 21.04 4.58
N THR A 538 0.68 20.67 3.87
CA THR A 538 0.58 19.50 3.01
C THR A 538 1.91 18.79 2.89
N ILE A 539 1.94 17.51 3.28
CA ILE A 539 3.12 16.69 3.07
C ILE A 539 3.30 16.43 1.59
N THR A 540 4.54 16.44 1.13
CA THR A 540 4.83 16.02 -0.24
C THR A 540 5.92 14.98 -0.21
N GLN A 541 5.70 13.87 -0.90
CA GLN A 541 6.68 12.81 -0.85
C GLN A 541 7.81 13.12 -1.81
N MET A 542 8.98 12.55 -1.56
CA MET A 542 10.09 12.67 -2.49
C MET A 542 10.51 11.29 -2.98
N ASN A 543 10.32 11.03 -4.27
CA ASN A 543 10.73 9.77 -4.86
C ASN A 543 11.93 9.97 -5.75
N LEU A 544 12.60 8.87 -6.07
CA LEU A 544 13.75 8.88 -6.97
C LEU A 544 13.29 8.51 -8.37
N LYS A 545 13.56 9.39 -9.33
CA LYS A 545 13.21 9.11 -10.71
C LYS A 545 14.09 8.00 -11.25
N TYR A 546 13.52 7.20 -12.14
CA TYR A 546 14.17 6.03 -12.73
C TYR A 546 14.19 6.26 -14.23
N ALA A 547 15.21 6.96 -14.71
CA ALA A 547 15.28 7.28 -16.13
C ALA A 547 16.72 7.52 -16.53
N ILE A 548 16.96 7.43 -17.84
CA ILE A 548 18.31 7.54 -18.38
C ILE A 548 18.83 8.95 -18.18
N SER A 549 20.10 9.06 -17.79
CA SER A 549 20.67 10.35 -17.47
C SER A 549 22.18 10.28 -17.63
N ALA A 550 22.79 11.45 -17.84
CA ALA A 550 24.18 11.49 -18.23
C ALA A 550 25.15 11.62 -17.07
N LYS A 551 24.68 11.79 -15.84
CA LYS A 551 25.57 11.90 -14.70
C LYS A 551 24.95 11.22 -13.49
N ASN A 552 25.82 10.82 -12.56
CA ASN A 552 25.47 9.83 -11.55
C ASN A 552 24.70 10.39 -10.37
N ARG A 553 24.50 11.69 -10.28
CA ARG A 553 23.79 12.23 -9.13
C ARG A 553 22.32 11.81 -9.19
N ALA A 554 21.78 11.42 -8.04
CA ALA A 554 20.42 10.92 -8.01
C ALA A 554 19.43 12.07 -8.22
N ARG A 555 18.40 11.80 -9.00
CA ARG A 555 17.38 12.79 -9.29
C ARG A 555 16.12 12.47 -8.51
N THR A 556 15.59 13.46 -7.83
CA THR A 556 14.39 13.29 -7.03
C THR A 556 13.27 14.15 -7.58
N VAL A 557 12.07 13.60 -7.57
CA VAL A 557 10.88 14.32 -7.98
C VAL A 557 9.93 14.34 -6.79
N ALA A 558 9.31 15.49 -6.55
CA ALA A 558 8.48 15.70 -5.38
C ALA A 558 7.02 15.51 -5.78
N GLY A 559 6.42 14.42 -5.32
CA GLY A 559 5.00 14.22 -5.55
C GLY A 559 4.17 14.98 -4.55
N VAL A 560 3.37 15.92 -5.04
CA VAL A 560 2.56 16.80 -4.22
C VAL A 560 1.21 16.14 -3.99
N SER A 561 0.70 16.23 -2.76
CA SER A 561 -0.53 15.54 -2.39
C SER A 561 -1.72 16.12 -3.12
N ILE A 562 -2.72 15.27 -3.36
CA ILE A 562 -3.86 15.63 -4.18
C ILE A 562 -4.68 16.76 -3.58
N CYS A 563 -4.54 16.99 -2.27
CA CYS A 563 -5.24 18.11 -1.64
C CYS A 563 -4.72 19.45 -2.13
N SER A 564 -3.50 19.50 -2.63
CA SER A 564 -2.95 20.72 -3.19
C SER A 564 -3.08 20.80 -4.70
N THR A 565 -2.89 19.69 -5.40
CA THR A 565 -3.07 19.71 -6.84
C THR A 565 -4.52 19.99 -7.20
N MET A 566 -5.46 19.38 -6.48
CA MET A 566 -6.87 19.52 -6.80
C MET A 566 -7.39 20.94 -6.64
N THR A 567 -6.66 21.81 -5.95
CA THR A 567 -7.01 23.22 -5.93
C THR A 567 -6.10 24.08 -6.78
N ASN A 568 -4.81 23.76 -6.88
CA ASN A 568 -3.94 24.57 -7.73
C ASN A 568 -4.35 24.46 -9.19
N ARG A 569 -4.77 23.26 -9.63
CA ARG A 569 -5.28 23.13 -10.98
C ARG A 569 -6.49 24.02 -11.18
N GLN A 570 -7.40 24.02 -10.22
CA GLN A 570 -8.63 24.77 -10.39
C GLN A 570 -8.36 26.27 -10.39
N PHE A 571 -7.41 26.71 -9.58
CA PHE A 571 -7.13 28.13 -9.49
C PHE A 571 -6.35 28.62 -10.70
N HIS A 572 -5.47 27.79 -11.26
CA HIS A 572 -4.53 28.27 -12.26
C HIS A 572 -4.79 27.76 -13.68
N GLN A 573 -5.77 26.88 -13.89
CA GLN A 573 -5.83 26.17 -15.15
C GLN A 573 -6.15 27.07 -16.32
N LYS A 574 -6.95 28.11 -16.11
CA LYS A 574 -7.29 28.98 -17.24
C LYS A 574 -6.05 29.70 -17.74
N LEU A 575 -5.22 30.21 -16.84
CA LEU A 575 -3.97 30.84 -17.27
C LEU A 575 -3.01 29.82 -17.83
N LEU A 576 -2.90 28.66 -17.21
CA LEU A 576 -1.96 27.65 -17.69
C LEU A 576 -2.39 27.02 -19.00
N LYS A 577 -3.63 27.21 -19.42
CA LYS A 577 -4.04 26.85 -20.76
C LYS A 577 -3.95 28.00 -21.73
N SER A 578 -4.10 29.24 -21.26
CA SER A 578 -3.94 30.36 -22.17
C SER A 578 -2.49 30.57 -22.54
N ILE A 579 -1.56 30.27 -21.63
CA ILE A 579 -0.14 30.35 -21.95
C ILE A 579 0.26 29.24 -22.91
N ALA A 580 -0.23 28.04 -22.69
CA ALA A 580 0.11 26.89 -23.52
C ALA A 580 -0.76 26.78 -24.76
N ALA A 581 -1.42 27.85 -25.16
CA ALA A 581 -2.15 27.85 -26.42
C ALA A 581 -1.96 29.15 -27.20
N THR A 582 -1.01 29.98 -26.81
CA THR A 582 -0.70 31.22 -27.51
C THR A 582 0.67 31.08 -28.14
N ARG A 583 0.74 31.24 -29.46
CA ARG A 583 1.95 31.02 -30.22
C ARG A 583 2.55 32.35 -30.67
N GLY A 584 3.86 32.48 -30.50
CA GLY A 584 4.53 33.71 -30.88
C GLY A 584 4.77 34.69 -29.76
N ALA A 585 4.96 34.20 -28.54
CA ALA A 585 5.19 35.04 -27.39
C ALA A 585 6.54 34.73 -26.78
N THR A 586 6.81 35.32 -25.61
CA THR A 586 8.09 35.12 -24.95
C THR A 586 8.13 33.79 -24.21
N VAL A 587 7.08 33.44 -23.47
CA VAL A 587 7.04 32.16 -22.80
C VAL A 587 6.56 31.10 -23.77
N VAL A 588 7.48 30.46 -24.48
CA VAL A 588 7.10 29.47 -25.50
C VAL A 588 7.03 28.13 -24.80
N ILE A 589 5.91 27.90 -24.13
CA ILE A 589 5.57 26.61 -23.58
C ILE A 589 4.31 26.15 -24.29
N GLY A 590 4.42 25.04 -25.01
CA GLY A 590 3.31 24.59 -25.82
C GLY A 590 3.44 24.91 -27.29
N THR A 591 4.55 25.48 -27.72
CA THR A 591 4.85 25.56 -29.14
C THR A 591 5.61 24.28 -29.49
N SER A 592 4.99 23.44 -30.31
CA SER A 592 5.58 22.16 -30.67
C SER A 592 6.82 22.36 -31.51
N LYS A 593 7.85 21.58 -31.24
CA LYS A 593 9.06 21.70 -32.04
C LYS A 593 8.95 21.00 -33.38
N PHE A 594 7.90 20.20 -33.59
CA PHE A 594 7.66 19.57 -34.88
C PHE A 594 6.90 20.51 -35.79
N TYR A 595 6.61 20.04 -37.00
CA TYR A 595 5.71 20.71 -37.94
C TYR A 595 6.15 22.14 -38.21
N GLY A 596 7.46 22.34 -38.33
CA GLY A 596 7.98 23.66 -38.58
C GLY A 596 7.69 24.62 -37.46
N GLY A 597 7.69 24.12 -36.22
CA GLY A 597 7.46 24.97 -35.07
C GLY A 597 8.76 25.52 -34.51
N TRP A 598 9.86 24.81 -34.71
CA TRP A 598 11.14 25.33 -34.24
C TRP A 598 11.57 26.53 -35.07
N HIS A 599 11.33 26.50 -36.37
CA HIS A 599 11.67 27.65 -37.17
C HIS A 599 10.82 28.86 -36.82
N ASN A 600 9.56 28.65 -36.46
CA ASN A 600 8.73 29.78 -36.05
C ASN A 600 9.19 30.36 -34.72
N MET A 601 9.61 29.50 -33.78
CA MET A 601 10.24 30.00 -32.57
C MET A 601 11.47 30.84 -32.92
N LEU A 602 12.36 30.29 -33.72
CA LEU A 602 13.61 30.97 -33.98
C LEU A 602 13.45 32.17 -34.91
N LYS A 603 12.29 32.36 -35.52
CA LYS A 603 12.03 33.62 -36.20
C LYS A 603 11.27 34.61 -35.35
N THR A 604 10.53 34.16 -34.34
CA THR A 604 9.93 35.08 -33.39
C THR A 604 10.89 35.46 -32.27
N VAL A 605 12.09 34.89 -32.25
CA VAL A 605 13.14 35.43 -31.40
C VAL A 605 13.80 36.63 -32.08
N TYR A 606 14.14 36.50 -33.36
CA TYR A 606 14.80 37.58 -34.08
C TYR A 606 13.76 38.65 -34.47
N SER A 607 13.14 39.23 -33.45
CA SER A 607 12.04 40.18 -33.65
C SER A 607 12.58 41.56 -33.99
N ASP A 608 13.39 41.61 -35.05
CA ASP A 608 13.95 42.84 -35.60
C ASP A 608 14.82 43.55 -34.56
N VAL A 609 15.89 42.86 -34.13
CA VAL A 609 16.92 43.46 -33.32
C VAL A 609 18.05 43.87 -34.24
N GLU A 610 18.91 44.75 -33.75
CA GLU A 610 19.81 45.49 -34.65
C GLU A 610 20.98 44.64 -35.12
N ASN A 611 21.87 44.24 -34.20
CA ASN A 611 23.04 43.42 -34.53
C ASN A 611 23.01 42.22 -33.61
N PRO A 612 22.25 41.19 -33.96
CA PRO A 612 21.97 40.12 -33.00
C PRO A 612 23.20 39.32 -32.58
N HIS A 613 23.18 38.91 -31.32
CA HIS A 613 24.05 37.85 -30.80
C HIS A 613 23.20 37.01 -29.88
N LEU A 614 23.29 35.69 -30.01
CA LEU A 614 22.47 34.83 -29.17
C LEU A 614 23.21 34.51 -27.89
N MET A 615 22.50 34.58 -26.78
CA MET A 615 23.07 34.32 -25.47
C MET A 615 22.20 33.31 -24.75
N GLY A 616 22.83 32.38 -24.06
CA GLY A 616 22.09 31.43 -23.25
C GLY A 616 22.76 31.27 -21.90
N TRP A 617 21.95 31.24 -20.86
CA TRP A 617 22.43 31.01 -19.52
C TRP A 617 21.80 29.75 -18.96
N ASP A 618 22.27 29.34 -17.78
CA ASP A 618 21.77 28.15 -17.12
C ASP A 618 21.94 28.35 -15.63
N TYR A 619 20.85 28.42 -14.90
CA TYR A 619 20.91 28.65 -13.47
C TYR A 619 21.42 27.41 -12.79
N PRO A 620 22.53 27.48 -12.06
CA PRO A 620 23.01 26.29 -11.35
C PRO A 620 22.18 26.08 -10.09
N LYS A 621 21.64 24.88 -9.94
CA LYS A 621 20.71 24.53 -8.87
C LYS A 621 19.52 25.49 -8.88
N CYS A 622 18.76 25.45 -9.97
CA CYS A 622 17.67 26.40 -10.12
C CYS A 622 16.49 26.08 -9.23
N ASP A 623 16.13 24.81 -9.13
CA ASP A 623 14.93 24.40 -8.39
C ASP A 623 15.21 24.15 -6.93
N ARG A 624 16.42 24.37 -6.46
CA ARG A 624 16.74 24.22 -5.05
C ARG A 624 17.23 25.50 -4.40
N ALA A 625 17.94 26.35 -5.12
CA ALA A 625 18.50 27.56 -4.55
C ALA A 625 17.70 28.80 -4.87
N MET A 626 16.53 28.64 -5.46
CA MET A 626 15.68 29.79 -5.76
C MET A 626 15.18 30.41 -4.47
N PRO A 627 15.44 31.69 -4.21
CA PRO A 627 15.06 32.27 -2.93
C PRO A 627 13.56 32.31 -2.78
N ASN A 628 13.09 32.28 -1.54
CA ASN A 628 11.66 32.22 -1.29
C ASN A 628 10.95 33.45 -1.83
N MET A 629 11.63 34.60 -1.79
CA MET A 629 11.01 35.84 -2.24
C MET A 629 10.66 35.79 -3.72
N LEU A 630 11.52 35.20 -4.54
CA LEU A 630 11.18 35.11 -5.96
C LEU A 630 10.12 34.07 -6.22
N ARG A 631 9.97 33.05 -5.38
CA ARG A 631 8.84 32.15 -5.56
C ARG A 631 7.53 32.86 -5.22
N ILE A 632 7.53 33.70 -4.18
CA ILE A 632 6.35 34.50 -3.89
C ILE A 632 6.09 35.47 -5.04
N MET A 633 7.14 36.02 -5.62
CA MET A 633 6.99 36.90 -6.77
C MET A 633 6.35 36.19 -7.95
N ALA A 634 6.81 34.97 -8.23
CA ALA A 634 6.22 34.21 -9.33
C ALA A 634 4.78 33.87 -9.04
N SER A 635 4.46 33.47 -7.81
CA SER A 635 3.09 33.14 -7.52
C SER A 635 2.19 34.37 -7.41
N LEU A 636 2.76 35.57 -7.34
CA LEU A 636 1.94 36.76 -7.42
C LEU A 636 1.67 37.16 -8.86
N VAL A 637 2.73 37.20 -9.68
CA VAL A 637 2.54 37.60 -11.07
C VAL A 637 1.73 36.56 -11.83
N LEU A 638 1.78 35.31 -11.41
CA LEU A 638 0.91 34.30 -11.98
C LEU A 638 -0.50 34.36 -11.44
N ALA A 639 -0.74 35.18 -10.41
CA ALA A 639 -2.08 35.33 -9.83
C ALA A 639 -2.55 36.75 -9.91
N ARG A 640 -1.99 37.55 -10.80
CA ARG A 640 -2.49 38.90 -11.00
C ARG A 640 -3.72 38.92 -11.90
N LYS A 641 -3.97 37.83 -12.63
CA LYS A 641 -5.12 37.80 -13.53
C LYS A 641 -6.43 37.81 -12.77
N HIS A 642 -6.44 37.31 -11.54
CA HIS A 642 -7.67 37.30 -10.76
C HIS A 642 -7.98 38.67 -10.21
N THR A 643 -8.26 39.63 -11.08
CA THR A 643 -8.72 40.93 -10.59
C THR A 643 -10.22 41.00 -10.43
N THR A 644 -10.96 40.03 -10.97
CA THR A 644 -12.41 40.08 -10.97
C THR A 644 -13.06 38.87 -10.33
N CYS A 645 -12.50 37.67 -10.52
CA CYS A 645 -13.19 36.47 -10.10
C CYS A 645 -13.23 36.32 -8.59
N CYS A 646 -12.17 36.71 -7.89
CA CYS A 646 -12.12 36.57 -6.45
C CYS A 646 -11.62 37.85 -5.80
N SER A 647 -11.88 37.97 -4.50
CA SER A 647 -11.62 39.19 -3.75
C SER A 647 -10.14 39.25 -3.40
N LEU A 648 -9.78 40.16 -2.50
CA LEU A 648 -8.38 40.32 -2.12
C LEU A 648 -7.94 39.25 -1.12
N SER A 649 -8.69 39.09 -0.04
CA SER A 649 -8.29 38.11 0.97
C SER A 649 -8.33 36.70 0.42
N HIS A 650 -9.19 36.43 -0.57
CA HIS A 650 -9.16 35.15 -1.26
C HIS A 650 -7.82 34.98 -1.98
N ARG A 651 -7.35 36.02 -2.65
CA ARG A 651 -6.05 35.92 -3.32
C ARG A 651 -4.93 35.72 -2.33
N PHE A 652 -5.00 36.37 -1.17
CA PHE A 652 -3.93 36.19 -0.20
C PHE A 652 -3.94 34.79 0.39
N TYR A 653 -5.12 34.22 0.66
CA TYR A 653 -5.09 32.87 1.20
C TYR A 653 -4.70 31.87 0.13
N ARG A 654 -4.96 32.17 -1.14
CA ARG A 654 -4.41 31.30 -2.18
C ARG A 654 -2.89 31.41 -2.23
N LEU A 655 -2.35 32.61 -2.03
CA LEU A 655 -0.91 32.77 -1.96
C LEU A 655 -0.31 32.01 -0.78
N ALA A 656 -0.98 32.08 0.37
CA ALA A 656 -0.47 31.35 1.54
C ALA A 656 -0.59 29.86 1.35
N ASN A 657 -1.64 29.40 0.67
CA ASN A 657 -1.74 27.97 0.42
C ASN A 657 -0.69 27.50 -0.58
N GLU A 658 -0.37 28.31 -1.58
CA GLU A 658 0.72 27.95 -2.49
C GLU A 658 2.06 27.95 -1.79
N CYS A 659 2.28 28.89 -0.88
CA CYS A 659 3.54 28.93 -0.14
C CYS A 659 3.58 27.97 1.03
N ALA A 660 2.49 27.29 1.35
CA ALA A 660 2.55 26.21 2.32
C ALA A 660 2.47 24.83 1.70
N GLN A 661 2.02 24.72 0.46
CA GLN A 661 1.99 23.44 -0.23
C GLN A 661 3.04 23.32 -1.32
N VAL A 662 3.84 24.36 -1.56
CA VAL A 662 4.92 24.27 -2.52
C VAL A 662 6.24 24.75 -1.94
N LEU A 663 6.25 25.98 -1.44
CA LEU A 663 7.49 26.63 -1.07
C LEU A 663 8.11 26.05 0.19
N SER A 664 7.45 26.19 1.34
CA SER A 664 8.01 25.76 2.61
C SER A 664 7.07 24.75 3.25
N GLU A 665 7.21 23.50 2.86
CA GLU A 665 6.29 22.45 3.24
C GLU A 665 7.01 21.38 4.04
N MET A 666 6.29 20.30 4.32
CA MET A 666 6.88 19.14 4.99
C MET A 666 7.16 18.08 3.94
N VAL A 667 8.43 17.76 3.76
CA VAL A 667 8.87 16.81 2.75
C VAL A 667 8.99 15.45 3.42
N MET A 668 8.24 14.48 2.93
CA MET A 668 8.36 13.11 3.40
C MET A 668 9.45 12.45 2.58
N CYS A 669 10.61 12.25 3.19
CA CYS A 669 11.81 11.82 2.48
C CYS A 669 12.26 10.48 3.04
N GLY A 670 11.69 9.40 2.53
CA GLY A 670 12.04 8.08 3.02
C GLY A 670 11.59 7.82 4.43
N GLY A 671 10.29 7.85 4.67
CA GLY A 671 9.74 7.54 5.98
C GLY A 671 10.09 8.51 7.08
N SER A 672 10.11 9.81 6.76
CA SER A 672 10.38 10.83 7.77
C SER A 672 9.99 12.21 7.25
N LEU A 673 9.31 12.99 8.08
CA LEU A 673 8.90 14.34 7.70
C LEU A 673 10.02 15.30 8.09
N TYR A 674 10.63 15.91 7.08
CA TYR A 674 11.55 17.04 7.23
C TYR A 674 10.83 18.31 6.83
N VAL A 675 11.45 19.45 7.10
CA VAL A 675 10.92 20.73 6.67
C VAL A 675 11.77 21.25 5.51
N LYS A 676 11.14 21.55 4.40
CA LYS A 676 11.87 22.07 3.26
C LYS A 676 12.08 23.56 3.44
N PRO A 677 13.32 24.04 3.54
CA PRO A 677 13.52 25.47 3.84
C PRO A 677 13.04 26.40 2.75
N GLY A 678 12.95 25.94 1.52
CA GLY A 678 12.51 26.80 0.45
C GLY A 678 12.76 26.18 -0.90
N GLY A 679 12.68 27.00 -1.94
CA GLY A 679 12.93 26.52 -3.28
C GLY A 679 11.75 25.75 -3.82
N THR A 680 11.44 25.94 -5.10
CA THR A 680 10.25 25.36 -5.67
C THR A 680 10.37 23.85 -5.79
N SER A 681 9.34 23.14 -5.36
CA SER A 681 9.25 21.73 -5.66
C SER A 681 8.95 21.54 -7.13
N SER A 682 9.45 20.45 -7.69
CA SER A 682 9.35 20.20 -9.13
C SER A 682 8.13 19.38 -9.49
N GLY A 683 7.07 19.46 -8.71
CA GLY A 683 5.95 18.57 -8.96
C GLY A 683 4.55 19.14 -8.77
N ASP A 684 4.45 20.42 -8.45
CA ASP A 684 3.14 21.02 -8.24
C ASP A 684 2.49 21.34 -9.59
N ALA A 685 1.33 21.99 -9.55
CA ALA A 685 0.63 22.30 -10.80
C ALA A 685 1.36 23.37 -11.59
N THR A 686 1.74 24.47 -10.93
CA THR A 686 2.40 25.58 -11.58
C THR A 686 3.90 25.51 -11.30
N THR A 687 4.59 24.61 -12.01
CA THR A 687 6.03 24.51 -11.84
C THR A 687 6.80 25.16 -12.98
N ALA A 688 6.55 24.72 -14.21
CA ALA A 688 7.29 25.28 -15.34
C ALA A 688 6.92 26.73 -15.58
N TYR A 689 5.68 27.11 -15.33
CA TYR A 689 5.29 28.49 -15.55
C TYR A 689 5.80 29.40 -14.43
N ALA A 690 5.82 28.91 -13.19
CA ALA A 690 6.41 29.69 -12.11
C ALA A 690 7.91 29.87 -12.34
N ASN A 691 8.57 28.83 -12.82
CA ASN A 691 9.98 28.97 -13.16
C ASN A 691 10.17 29.91 -14.35
N SER A 692 9.22 29.96 -15.29
CA SER A 692 9.33 30.92 -16.38
C SER A 692 9.23 32.35 -15.86
N VAL A 693 8.31 32.60 -14.94
CA VAL A 693 8.20 33.95 -14.38
C VAL A 693 9.47 34.32 -13.62
N PHE A 694 10.02 33.38 -12.87
CA PHE A 694 11.27 33.64 -12.16
C PHE A 694 12.39 33.93 -13.15
N ASN A 695 12.45 33.19 -14.24
CA ASN A 695 13.51 33.39 -15.23
C ASN A 695 13.41 34.75 -15.89
N ILE A 696 12.19 35.17 -16.25
CA ILE A 696 12.03 36.51 -16.82
C ILE A 696 12.37 37.56 -15.78
N CYS A 697 12.08 37.30 -14.51
CA CYS A 697 12.45 38.23 -13.45
C CYS A 697 13.96 38.40 -13.37
N GLN A 698 14.71 37.30 -13.47
CA GLN A 698 16.17 37.44 -13.43
C GLN A 698 16.70 38.12 -14.67
N ALA A 699 16.10 37.86 -15.83
CA ALA A 699 16.56 38.55 -17.04
C ALA A 699 16.35 40.05 -16.95
N VAL A 700 15.15 40.47 -16.52
CA VAL A 700 14.90 41.90 -16.41
C VAL A 700 15.74 42.51 -15.29
N THR A 701 16.01 41.77 -14.21
CA THR A 701 16.85 42.31 -13.15
C THR A 701 18.28 42.51 -13.62
N ALA A 702 18.79 41.58 -14.43
CA ALA A 702 20.10 41.77 -15.01
C ALA A 702 20.12 42.97 -15.93
N ASN A 703 19.05 43.18 -16.69
CA ASN A 703 18.98 44.35 -17.56
C ASN A 703 18.97 45.64 -16.76
N VAL A 704 18.19 45.68 -15.67
CA VAL A 704 18.12 46.89 -14.86
C VAL A 704 19.47 47.19 -14.23
N ASN A 705 20.16 46.16 -13.72
CA ASN A 705 21.48 46.38 -13.16
C ASN A 705 22.47 46.84 -14.22
N ALA A 706 22.43 46.26 -15.41
CA ALA A 706 23.37 46.66 -16.44
C ALA A 706 23.09 48.07 -16.93
N LEU A 707 21.83 48.47 -16.96
CA LEU A 707 21.52 49.81 -17.43
C LEU A 707 21.86 50.86 -16.38
N LEU A 708 21.66 50.55 -15.10
CA LEU A 708 22.00 51.50 -14.05
C LEU A 708 23.51 51.61 -13.88
N SER A 709 24.20 50.48 -13.85
CA SER A 709 25.60 50.49 -13.45
C SER A 709 26.53 51.03 -14.51
N THR A 710 26.05 51.61 -15.60
CA THR A 710 26.95 52.19 -16.57
C THR A 710 27.39 53.57 -16.10
N ASP A 711 28.52 54.03 -16.66
CA ASP A 711 29.15 55.25 -16.19
C ASP A 711 28.27 56.47 -16.40
N GLY A 712 27.32 56.40 -17.31
CA GLY A 712 26.37 57.48 -17.53
C GLY A 712 26.85 58.58 -18.44
N ASN A 713 28.10 59.00 -18.28
CA ASN A 713 28.66 60.00 -19.18
C ASN A 713 29.23 59.38 -20.45
N LYS A 714 29.35 58.07 -20.52
CA LYS A 714 29.78 57.39 -21.72
C LYS A 714 28.63 56.96 -22.61
N ILE A 715 27.38 57.07 -22.12
CA ILE A 715 26.23 56.67 -22.90
C ILE A 715 25.91 57.79 -23.89
N ALA A 716 26.43 57.66 -25.11
CA ALA A 716 26.30 58.74 -26.07
C ALA A 716 24.89 58.84 -26.65
N ASP A 717 24.19 57.72 -26.77
CA ASP A 717 22.86 57.72 -27.37
C ASP A 717 21.90 58.45 -26.44
N LYS A 718 21.57 59.69 -26.78
CA LYS A 718 20.93 60.60 -25.83
C LYS A 718 19.56 60.13 -25.39
N TYR A 719 18.90 59.26 -26.16
CA TYR A 719 17.65 58.71 -25.67
C TYR A 719 17.89 57.72 -24.54
N VAL A 720 18.96 56.92 -24.63
CA VAL A 720 19.20 55.90 -23.62
C VAL A 720 19.60 56.53 -22.29
N ARG A 721 20.42 57.59 -22.35
CA ARG A 721 20.82 58.25 -21.11
C ARG A 721 19.62 58.82 -20.37
N ASN A 722 18.68 59.41 -21.11
CA ASN A 722 17.45 59.85 -20.49
C ASN A 722 16.65 58.67 -19.95
N LEU A 723 16.73 57.51 -20.60
CA LEU A 723 16.03 56.35 -20.07
C LEU A 723 16.63 55.89 -18.76
N GLN A 724 17.95 55.94 -18.62
CA GLN A 724 18.57 55.59 -17.35
C GLN A 724 18.23 56.60 -16.28
N HIS A 725 18.24 57.89 -16.63
CA HIS A 725 17.90 58.93 -15.67
C HIS A 725 16.46 58.86 -15.23
N ARG A 726 15.57 58.31 -16.05
CA ARG A 726 14.22 58.05 -15.59
C ARG A 726 14.08 56.71 -14.90
N LEU A 727 14.92 55.75 -15.25
CA LEU A 727 14.87 54.44 -14.61
C LEU A 727 15.22 54.54 -13.14
N TYR A 728 16.25 55.31 -12.83
CA TYR A 728 16.61 55.49 -11.43
C TYR A 728 15.47 56.14 -10.66
N GLU A 729 14.84 57.14 -11.25
CA GLU A 729 13.75 57.83 -10.57
C GLU A 729 12.56 56.90 -10.35
N CYS A 730 12.22 56.10 -11.36
CA CYS A 730 11.10 55.18 -11.18
C CYS A 730 11.44 54.06 -10.22
N LEU A 731 12.73 53.72 -10.08
CA LEU A 731 13.09 52.68 -9.12
C LEU A 731 13.01 53.20 -7.70
N TYR A 732 13.77 54.24 -7.39
CA TYR A 732 13.95 54.64 -5.99
C TYR A 732 13.21 55.90 -5.59
N ARG A 733 13.05 56.87 -6.48
CA ARG A 733 12.44 58.16 -6.13
C ARG A 733 10.98 58.24 -6.53
N ASN A 734 10.25 57.15 -6.46
CA ASN A 734 8.86 57.13 -6.90
C ASN A 734 8.19 55.91 -6.30
N ARG A 735 7.15 56.12 -5.51
CA ARG A 735 6.57 55.04 -4.72
C ARG A 735 5.49 54.25 -5.45
N ASP A 736 4.67 54.91 -6.27
CA ASP A 736 3.62 54.24 -7.00
C ASP A 736 4.08 53.92 -8.42
N VAL A 737 3.24 53.15 -9.13
CA VAL A 737 3.59 52.70 -10.46
C VAL A 737 3.70 53.88 -11.42
N ASP A 738 4.47 53.70 -12.48
CA ASP A 738 4.58 54.69 -13.54
C ASP A 738 4.39 53.95 -14.86
N THR A 739 3.13 53.79 -15.28
CA THR A 739 2.83 52.86 -16.36
C THR A 739 3.34 53.38 -17.70
N ASP A 740 3.44 54.70 -17.87
CA ASP A 740 4.06 55.22 -19.08
C ASP A 740 5.51 54.78 -19.18
N PHE A 741 6.27 54.91 -18.10
CA PHE A 741 7.67 54.53 -18.16
C PHE A 741 7.84 53.02 -18.21
N VAL A 742 6.99 52.28 -17.51
CA VAL A 742 7.09 50.82 -17.57
C VAL A 742 6.84 50.34 -18.98
N ASN A 743 5.85 50.95 -19.66
CA ASN A 743 5.60 50.58 -21.05
C ASN A 743 6.78 50.95 -21.94
N GLU A 744 7.37 52.12 -21.73
CA GLU A 744 8.52 52.51 -22.53
C GLU A 744 9.70 51.56 -22.32
N PHE A 745 9.94 51.16 -21.08
CA PHE A 745 11.07 50.28 -20.81
C PHE A 745 10.82 48.87 -21.30
N TYR A 746 9.59 48.38 -21.23
CA TYR A 746 9.31 47.07 -21.78
C TYR A 746 9.40 47.06 -23.30
N ALA A 747 9.02 48.16 -23.95
CA ALA A 747 9.25 48.25 -25.38
C ALA A 747 10.74 48.28 -25.69
N TYR A 748 11.53 48.95 -24.84
CA TYR A 748 12.97 48.93 -25.00
C TYR A 748 13.53 47.52 -24.89
N LEU A 749 13.05 46.75 -23.92
CA LEU A 749 13.54 45.39 -23.76
C LEU A 749 13.16 44.51 -24.94
N ARG A 750 11.93 44.63 -25.42
CA ARG A 750 11.59 43.81 -26.56
C ARG A 750 12.13 44.35 -27.87
N LYS A 751 12.76 45.52 -27.85
CA LYS A 751 13.48 45.94 -29.04
C LYS A 751 14.94 45.51 -29.01
N HIS A 752 15.61 45.52 -27.85
CA HIS A 752 17.03 45.21 -27.82
C HIS A 752 17.39 43.99 -26.98
N PHE A 753 16.42 43.30 -26.40
CA PHE A 753 16.74 42.10 -25.61
C PHE A 753 15.68 41.03 -25.82
N SER A 754 15.33 40.77 -27.08
CA SER A 754 14.28 39.82 -27.38
C SER A 754 14.60 38.45 -26.81
N MET A 755 13.60 37.82 -26.21
CA MET A 755 13.83 36.69 -25.31
C MET A 755 12.94 35.53 -25.71
N MET A 756 13.36 34.33 -25.33
CA MET A 756 12.56 33.13 -25.50
C MET A 756 12.79 32.24 -24.30
N ILE A 757 11.71 31.83 -23.65
CA ILE A 757 11.78 31.15 -22.35
C ILE A 757 11.04 29.83 -22.44
N LEU A 758 11.68 28.77 -21.95
CA LEU A 758 10.99 27.52 -21.60
C LEU A 758 11.45 27.15 -20.20
N SER A 759 10.86 27.81 -19.23
CA SER A 759 10.86 27.57 -17.79
C SER A 759 12.21 27.77 -17.08
N ASP A 760 13.34 27.51 -17.72
CA ASP A 760 14.58 28.19 -17.36
C ASP A 760 15.51 28.16 -18.55
N ASP A 761 15.08 27.51 -19.62
CA ASP A 761 15.93 27.38 -20.79
C ASP A 761 15.67 28.60 -21.65
N ALA A 762 16.62 29.51 -21.69
CA ALA A 762 16.41 30.79 -22.33
C ALA A 762 17.32 30.94 -23.53
N VAL A 763 16.84 31.71 -24.49
CA VAL A 763 17.67 32.19 -25.58
C VAL A 763 17.40 33.68 -25.71
N VAL A 764 18.44 34.46 -25.82
CA VAL A 764 18.32 35.90 -25.87
C VAL A 764 18.98 36.38 -27.14
N CYS A 765 18.40 37.38 -27.79
CA CYS A 765 18.87 37.79 -29.09
C CYS A 765 19.42 39.20 -29.01
N PHE A 766 20.32 39.43 -28.06
CA PHE A 766 20.61 40.79 -27.66
C PHE A 766 21.42 41.52 -28.71
N ASN A 767 21.12 42.80 -28.86
CA ASN A 767 21.88 43.67 -29.74
C ASN A 767 23.32 43.76 -29.27
N SER A 768 24.27 43.65 -30.19
CA SER A 768 25.67 43.54 -29.79
C SER A 768 26.27 44.87 -29.38
N THR A 769 25.96 45.93 -30.12
CA THR A 769 26.52 47.25 -29.81
C THR A 769 26.06 47.73 -28.43
N TYR A 770 24.78 47.50 -28.11
CA TYR A 770 24.29 47.92 -26.82
C TYR A 770 24.91 47.12 -25.68
N ALA A 771 25.13 45.83 -25.88
CA ALA A 771 25.80 45.07 -24.83
C ALA A 771 27.23 45.52 -24.64
N SER A 772 27.93 45.79 -25.74
CA SER A 772 29.31 46.25 -25.64
C SER A 772 29.40 47.59 -24.93
N GLN A 773 28.47 48.50 -25.23
CA GLN A 773 28.44 49.75 -24.48
C GLN A 773 27.93 49.54 -23.06
N GLY A 774 27.20 48.46 -22.80
CA GLY A 774 26.71 48.17 -21.47
C GLY A 774 25.27 48.50 -21.22
N LEU A 775 24.52 48.92 -22.23
CA LEU A 775 23.13 49.32 -22.07
C LEU A 775 22.16 48.15 -22.13
N VAL A 776 22.64 46.93 -21.95
CA VAL A 776 21.81 45.74 -22.01
C VAL A 776 22.60 44.63 -21.32
N ALA A 777 21.92 43.62 -20.83
CA ALA A 777 22.56 42.66 -19.93
C ALA A 777 23.41 41.68 -20.70
N SER A 778 24.72 41.74 -20.53
CA SER A 778 25.63 40.73 -21.06
C SER A 778 25.63 39.53 -20.13
N ILE A 779 26.57 38.61 -20.32
CA ILE A 779 26.65 37.46 -19.43
C ILE A 779 27.08 37.87 -18.04
N LYS A 780 28.09 38.76 -17.95
CA LYS A 780 28.66 39.13 -16.66
C LYS A 780 27.62 39.76 -15.74
N ASN A 781 26.66 40.49 -16.30
CA ASN A 781 25.57 41.00 -15.49
C ASN A 781 24.73 39.86 -14.92
N PHE A 782 24.54 38.80 -15.70
CA PHE A 782 23.79 37.67 -15.17
C PHE A 782 24.57 36.94 -14.09
N LYS A 783 25.89 36.86 -14.22
CA LYS A 783 26.67 36.29 -13.14
C LYS A 783 26.51 37.09 -11.86
N SER A 784 26.55 38.43 -11.96
CA SER A 784 26.37 39.24 -10.77
C SER A 784 24.97 39.12 -10.19
N VAL A 785 23.94 39.13 -11.03
CA VAL A 785 22.57 39.05 -10.53
C VAL A 785 22.32 37.70 -9.88
N LEU A 786 22.80 36.62 -10.48
CA LEU A 786 22.67 35.33 -9.82
C LEU A 786 23.49 35.27 -8.55
N TYR A 787 24.56 36.04 -8.47
CA TYR A 787 25.32 36.05 -7.22
C TYR A 787 24.52 36.66 -6.08
N TYR A 788 23.98 37.85 -6.28
CA TYR A 788 23.38 38.51 -5.12
C TYR A 788 21.89 38.27 -4.98
N GLN A 789 21.24 37.60 -5.92
CA GLN A 789 19.81 37.33 -5.80
C GLN A 789 19.47 35.86 -5.77
N ASN A 790 20.21 35.02 -6.49
CA ASN A 790 19.96 33.59 -6.47
C ASN A 790 20.86 32.84 -5.51
N ASN A 791 21.86 33.52 -4.94
CA ASN A 791 22.81 32.97 -3.98
C ASN A 791 23.66 31.84 -4.53
N VAL A 792 23.84 31.75 -5.85
CA VAL A 792 24.76 30.81 -6.45
C VAL A 792 25.63 31.55 -7.45
N PHE A 793 26.57 30.83 -8.05
CA PHE A 793 27.56 31.42 -8.92
C PHE A 793 27.50 30.70 -10.27
N MET A 794 27.03 31.38 -11.31
CA MET A 794 26.87 30.78 -12.62
C MET A 794 28.16 30.95 -13.40
N SER A 795 29.05 29.98 -13.25
CA SER A 795 30.37 30.08 -13.85
C SER A 795 30.27 30.15 -15.36
N GLU A 796 31.09 31.01 -15.96
CA GLU A 796 30.96 31.37 -17.36
C GLU A 796 31.30 30.24 -18.32
N ALA A 797 31.64 29.07 -17.79
CA ALA A 797 31.88 27.90 -18.62
C ALA A 797 30.60 27.15 -18.96
N LYS A 798 29.44 27.60 -18.50
CA LYS A 798 28.18 26.94 -18.83
C LYS A 798 27.11 27.94 -19.26
N CYS A 799 27.50 29.09 -19.80
CA CYS A 799 26.57 30.00 -20.45
C CYS A 799 27.20 30.43 -21.77
N TRP A 800 26.54 30.12 -22.87
CA TRP A 800 27.15 30.22 -24.18
C TRP A 800 26.75 31.50 -24.87
N THR A 801 27.54 31.88 -25.88
CA THR A 801 27.25 33.05 -26.70
C THR A 801 27.62 32.73 -28.13
N GLU A 802 26.64 32.82 -29.02
CA GLU A 802 26.83 32.60 -30.44
C GLU A 802 26.87 33.95 -31.14
N THR A 803 27.98 34.25 -31.79
CA THR A 803 28.18 35.52 -32.46
C THR A 803 27.61 35.52 -33.87
N ASP A 804 27.05 34.42 -34.31
CA ASP A 804 26.50 34.29 -35.66
C ASP A 804 25.02 33.93 -35.55
N LEU A 805 24.34 33.97 -36.70
CA LEU A 805 22.95 33.56 -36.74
C LEU A 805 22.67 32.46 -37.74
N THR A 806 23.56 32.22 -38.68
CA THR A 806 23.32 31.13 -39.59
C THR A 806 23.63 29.80 -38.99
N LYS A 807 23.82 29.71 -37.66
CA LYS A 807 24.00 28.45 -36.98
C LYS A 807 23.05 28.28 -35.82
N GLY A 808 22.23 29.27 -35.50
CA GLY A 808 21.20 29.11 -34.51
C GLY A 808 21.73 29.09 -33.09
N PRO A 809 20.83 28.92 -32.12
CA PRO A 809 21.26 28.80 -30.73
C PRO A 809 22.05 27.53 -30.52
N HIS A 810 23.05 27.60 -29.65
CA HIS A 810 23.94 26.47 -29.44
C HIS A 810 23.21 25.30 -28.80
N GLU A 811 22.40 25.57 -27.76
CA GLU A 811 21.69 24.50 -27.07
C GLU A 811 20.48 25.12 -26.38
N PHE A 812 19.30 24.88 -26.92
CA PHE A 812 18.06 25.27 -26.28
C PHE A 812 17.21 24.03 -26.13
N CYS A 813 16.67 23.82 -24.93
CA CYS A 813 15.82 22.67 -24.62
C CYS A 813 16.55 21.36 -24.87
N SER A 814 17.87 21.37 -24.69
CA SER A 814 18.74 20.21 -24.90
C SER A 814 18.57 19.60 -26.29
N GLN A 815 18.35 20.46 -27.28
CA GLN A 815 18.26 20.03 -28.67
C GLN A 815 19.01 21.06 -29.49
N HIS A 816 20.13 20.67 -30.10
CA HIS A 816 20.93 21.63 -30.85
C HIS A 816 20.16 22.06 -32.10
N THR A 817 20.61 23.14 -32.72
CA THR A 817 19.89 23.69 -33.86
C THR A 817 20.82 23.81 -35.06
N MET A 818 20.35 23.39 -36.24
CA MET A 818 21.15 23.52 -37.43
C MET A 818 20.29 24.01 -38.59
N LEU A 819 20.91 24.61 -39.58
CA LEU A 819 20.21 25.25 -40.68
C LEU A 819 20.29 24.34 -41.91
N VAL A 820 19.15 23.81 -42.34
CA VAL A 820 19.09 22.90 -43.46
C VAL A 820 18.35 23.55 -44.61
N LYS A 821 18.46 22.96 -45.78
CA LYS A 821 17.72 23.39 -46.95
C LYS A 821 16.60 22.38 -47.20
N GLN A 822 15.37 22.80 -46.95
CA GLN A 822 14.20 21.96 -47.19
C GLN A 822 13.37 22.55 -48.32
N GLY A 823 12.94 21.68 -49.24
CA GLY A 823 12.19 22.12 -50.39
C GLY A 823 13.00 23.09 -51.22
N ASP A 824 12.64 24.37 -51.12
CA ASP A 824 13.39 25.44 -51.77
C ASP A 824 14.10 26.38 -50.81
N ASP A 825 13.71 26.42 -49.54
CA ASP A 825 14.18 27.45 -48.63
C ASP A 825 14.91 26.84 -47.44
N TYR A 826 15.56 27.71 -46.68
CA TYR A 826 16.34 27.28 -45.53
C TYR A 826 15.48 27.35 -44.27
N VAL A 827 15.46 26.27 -43.51
CA VAL A 827 14.74 26.23 -42.25
C VAL A 827 15.67 25.69 -41.17
N TYR A 828 15.41 26.10 -39.94
CA TYR A 828 16.11 25.53 -38.80
C TYR A 828 15.50 24.19 -38.45
N LEU A 829 16.35 23.27 -38.04
CA LEU A 829 15.89 21.98 -37.59
C LEU A 829 16.52 21.68 -36.23
N PRO A 830 15.74 21.18 -35.31
CA PRO A 830 16.28 20.77 -34.02
C PRO A 830 16.75 19.34 -34.02
N TYR A 831 18.01 19.09 -33.71
CA TYR A 831 18.39 17.70 -33.61
C TYR A 831 18.91 17.40 -32.22
N PRO A 832 18.57 16.24 -31.67
CA PRO A 832 19.00 15.91 -30.31
C PRO A 832 20.47 15.54 -30.30
N ASP A 833 21.01 15.47 -29.10
CA ASP A 833 22.38 15.01 -28.90
C ASP A 833 22.44 13.57 -29.38
N PRO A 834 23.20 13.28 -30.44
CA PRO A 834 23.01 12.01 -31.15
C PRO A 834 23.53 10.81 -30.40
N SER A 835 23.93 11.00 -29.15
CA SER A 835 24.23 9.89 -28.26
C SER A 835 23.08 9.54 -27.36
N ARG A 836 22.24 10.52 -27.03
CA ARG A 836 21.07 10.25 -26.20
C ARG A 836 20.09 9.33 -26.90
N ILE A 837 20.00 9.41 -28.22
CA ILE A 837 19.11 8.51 -28.95
C ILE A 837 19.61 7.07 -28.85
N LEU A 838 20.91 6.86 -29.04
CA LEU A 838 21.46 5.51 -28.91
C LEU A 838 21.34 5.01 -27.48
N GLY A 839 21.54 5.88 -26.51
CA GLY A 839 21.34 5.49 -25.12
C GLY A 839 19.92 5.10 -24.83
N ALA A 840 18.95 5.76 -25.47
CA ALA A 840 17.56 5.37 -25.29
C ALA A 840 17.23 4.09 -26.02
N GLY A 841 17.97 3.76 -27.06
CA GLY A 841 17.76 2.51 -27.73
C GLY A 841 18.32 1.32 -26.98
N CYS A 842 19.58 1.43 -26.55
CA CYS A 842 20.27 0.27 -25.98
C CYS A 842 19.78 -0.07 -24.58
N PHE A 843 19.23 0.89 -23.84
CA PHE A 843 18.86 0.70 -22.45
C PHE A 843 17.38 1.00 -22.28
N VAL A 844 16.68 0.11 -21.58
CA VAL A 844 15.24 0.25 -21.39
C VAL A 844 14.92 0.03 -19.92
N ASP A 845 14.06 0.88 -19.38
CA ASP A 845 13.81 0.86 -17.94
C ASP A 845 12.90 -0.28 -17.51
N ASP A 846 12.29 -1.02 -18.43
CA ASP A 846 11.45 -2.14 -18.09
C ASP A 846 11.83 -3.34 -18.95
N ILE A 847 11.88 -4.52 -18.35
CA ILE A 847 12.46 -5.67 -19.02
C ILE A 847 11.63 -6.11 -20.22
N VAL A 848 10.32 -5.83 -20.21
CA VAL A 848 9.51 -6.22 -21.36
C VAL A 848 9.82 -5.38 -22.58
N LYS A 849 10.49 -4.24 -22.41
CA LYS A 849 10.91 -3.44 -23.54
C LYS A 849 12.19 -3.94 -24.18
N THR A 850 12.83 -4.95 -23.59
CA THR A 850 13.97 -5.57 -24.24
C THR A 850 13.57 -6.38 -25.47
N ASP A 851 12.32 -6.85 -25.51
CA ASP A 851 11.94 -7.84 -26.50
C ASP A 851 11.99 -7.31 -27.92
N GLY A 852 11.98 -6.01 -28.11
CA GLY A 852 12.13 -5.46 -29.43
C GLY A 852 10.88 -5.60 -30.28
N THR A 853 10.53 -6.83 -30.67
CA THR A 853 9.45 -7.02 -31.63
C THR A 853 8.10 -6.55 -31.12
N LEU A 854 7.93 -6.45 -29.80
CA LEU A 854 6.75 -5.79 -29.27
C LEU A 854 6.81 -4.29 -29.55
N MET A 855 8.01 -3.71 -29.44
CA MET A 855 8.19 -2.27 -29.50
C MET A 855 8.70 -1.89 -30.88
N ILE A 856 7.78 -1.63 -31.81
CA ILE A 856 8.14 -0.94 -33.04
C ILE A 856 7.60 0.47 -32.91
N GLU A 857 6.51 0.61 -32.18
CA GLU A 857 5.92 1.90 -31.90
C GLU A 857 6.73 2.70 -30.92
N ARG A 858 7.88 2.20 -30.50
CA ARG A 858 8.86 2.94 -29.72
C ARG A 858 10.04 3.38 -30.55
N PHE A 859 10.56 2.52 -31.41
CA PHE A 859 11.61 2.96 -32.33
C PHE A 859 11.09 3.91 -33.38
N VAL A 860 9.80 3.88 -33.70
CA VAL A 860 9.24 4.90 -34.57
C VAL A 860 9.36 6.28 -33.91
N SER A 861 9.01 6.36 -32.63
CA SER A 861 9.12 7.63 -31.92
C SER A 861 10.56 8.08 -31.80
N LEU A 862 11.48 7.15 -31.51
CA LEU A 862 12.89 7.53 -31.45
C LEU A 862 13.38 8.03 -32.79
N ALA A 863 12.99 7.37 -33.89
CA ALA A 863 13.42 7.82 -35.20
C ALA A 863 12.84 9.18 -35.55
N ILE A 864 11.59 9.43 -35.14
CA ILE A 864 11.00 10.75 -35.36
C ILE A 864 11.81 11.82 -34.65
N ASP A 865 12.18 11.55 -33.40
CA ASP A 865 12.97 12.52 -32.65
C ASP A 865 14.37 12.69 -33.23
N ALA A 866 14.93 11.66 -33.85
CA ALA A 866 16.31 11.71 -34.30
C ALA A 866 16.46 11.88 -35.81
N TYR A 867 15.37 12.11 -36.53
CA TYR A 867 15.48 12.32 -37.98
C TYR A 867 16.37 13.48 -38.41
N PRO A 868 16.35 14.67 -37.80
CA PRO A 868 17.18 15.76 -38.34
C PRO A 868 18.66 15.49 -38.33
N LEU A 869 19.11 14.36 -37.77
CA LEU A 869 20.50 13.99 -37.91
C LEU A 869 20.87 13.60 -39.32
N THR A 870 19.89 13.39 -40.21
CA THR A 870 20.19 12.98 -41.58
C THR A 870 20.99 14.04 -42.30
N LYS A 871 20.64 15.31 -42.11
CA LYS A 871 21.22 16.40 -42.86
C LYS A 871 22.43 17.02 -42.18
N HIS A 872 22.88 16.47 -41.06
CA HIS A 872 24.05 16.99 -40.38
C HIS A 872 25.29 16.76 -41.23
N PRO A 873 26.19 17.73 -41.35
CA PRO A 873 27.36 17.55 -42.23
C PRO A 873 28.26 16.40 -41.82
N ASN A 874 28.39 16.14 -40.53
CA ASN A 874 29.14 14.97 -40.09
C ASN A 874 28.40 13.70 -40.49
N GLN A 875 29.17 12.64 -40.71
CA GLN A 875 28.54 11.41 -41.20
C GLN A 875 28.16 10.45 -40.09
N GLU A 876 29.02 10.30 -39.08
CA GLU A 876 28.73 9.39 -37.99
C GLU A 876 27.50 9.83 -37.21
N TYR A 877 27.22 11.14 -37.18
CA TYR A 877 25.92 11.58 -36.71
C TYR A 877 24.82 11.10 -37.65
N ALA A 878 25.05 11.25 -38.95
CA ALA A 878 23.99 11.00 -39.93
C ALA A 878 23.61 9.54 -39.99
N ASP A 879 24.47 8.64 -39.55
CA ASP A 879 24.17 7.23 -39.65
C ASP A 879 23.18 6.75 -38.60
N VAL A 880 22.88 7.55 -37.58
CA VAL A 880 21.98 7.10 -36.53
C VAL A 880 20.57 6.90 -37.06
N PHE A 881 20.12 7.83 -37.90
CA PHE A 881 18.78 7.69 -38.46
C PHE A 881 18.66 6.46 -39.35
N HIS A 882 19.69 6.19 -40.16
CA HIS A 882 19.63 4.99 -40.98
C HIS A 882 19.77 3.73 -40.14
N LEU A 883 20.46 3.82 -39.01
CA LEU A 883 20.48 2.69 -38.09
C LEU A 883 19.09 2.40 -37.57
N TYR A 884 18.36 3.44 -37.17
CA TYR A 884 17.01 3.19 -36.66
C TYR A 884 16.05 2.72 -37.75
N LEU A 885 16.22 3.21 -38.98
CA LEU A 885 15.38 2.72 -40.07
C LEU A 885 15.64 1.26 -40.36
N GLN A 886 16.91 0.89 -40.52
CA GLN A 886 17.22 -0.51 -40.78
C GLN A 886 16.81 -1.39 -39.62
N TYR A 887 16.88 -0.87 -38.39
CA TYR A 887 16.49 -1.69 -37.26
C TYR A 887 14.98 -1.87 -37.20
N ILE A 888 14.21 -0.85 -37.56
CA ILE A 888 12.75 -1.03 -37.61
C ILE A 888 12.39 -2.03 -38.69
N ARG A 889 13.07 -1.98 -39.84
CA ARG A 889 12.79 -2.95 -40.88
C ARG A 889 13.12 -4.37 -40.42
N LYS A 890 14.25 -4.56 -39.76
CA LYS A 890 14.59 -5.90 -39.30
C LYS A 890 13.66 -6.37 -38.20
N LEU A 891 13.23 -5.45 -37.33
CA LEU A 891 12.27 -5.79 -36.29
C LEU A 891 10.97 -6.27 -36.89
N HIS A 892 10.50 -5.58 -37.93
CA HIS A 892 9.24 -6.02 -38.55
C HIS A 892 9.42 -7.31 -39.33
N ASP A 893 10.59 -7.53 -39.94
CA ASP A 893 10.83 -8.80 -40.61
C ASP A 893 10.77 -9.96 -39.63
N GLU A 894 11.43 -9.81 -38.49
CA GLU A 894 11.39 -10.89 -37.50
C GLU A 894 10.03 -10.98 -36.82
N LEU A 895 9.28 -9.88 -36.75
CA LEU A 895 7.91 -9.96 -36.23
C LEU A 895 7.02 -10.77 -37.14
N THR A 896 7.07 -10.53 -38.45
CA THR A 896 6.26 -11.36 -39.33
C THR A 896 6.78 -12.78 -39.40
N GLY A 897 8.08 -12.98 -39.20
CA GLY A 897 8.57 -14.34 -39.06
C GLY A 897 7.94 -15.07 -37.90
N HIS A 898 7.87 -14.41 -36.74
CA HIS A 898 7.30 -15.06 -35.58
C HIS A 898 5.78 -15.19 -35.68
N MET A 899 5.10 -14.24 -36.31
CA MET A 899 3.65 -14.35 -36.48
C MET A 899 3.27 -15.17 -37.70
N LEU A 900 4.23 -15.65 -38.46
CA LEU A 900 3.97 -16.69 -39.44
C LEU A 900 4.30 -18.07 -38.91
N ASP A 901 5.24 -18.18 -37.98
CA ASP A 901 5.46 -19.46 -37.33
C ASP A 901 4.37 -19.74 -36.29
N MET A 902 4.10 -18.78 -35.42
CA MET A 902 3.21 -19.03 -34.29
C MET A 902 1.79 -19.32 -34.75
N TYR A 903 1.23 -18.46 -35.57
CA TYR A 903 -0.01 -18.76 -36.26
C TYR A 903 0.38 -19.43 -37.57
N SER A 904 -0.54 -19.56 -38.51
CA SER A 904 -0.17 -20.11 -39.80
C SER A 904 -0.37 -19.13 -40.94
N VAL A 905 -0.91 -17.94 -40.66
CA VAL A 905 -1.26 -16.98 -41.70
C VAL A 905 -0.64 -15.64 -41.36
N MET A 906 -0.17 -14.93 -42.39
CA MET A 906 0.38 -13.61 -42.19
C MET A 906 -0.72 -12.64 -41.75
N LEU A 907 -0.29 -11.48 -41.26
CA LEU A 907 -1.25 -10.43 -40.94
C LEU A 907 -1.95 -9.95 -42.20
N THR A 908 -3.21 -9.57 -42.03
CA THR A 908 -4.04 -9.25 -43.19
C THR A 908 -3.78 -7.84 -43.69
N ASN A 909 -4.02 -6.84 -42.86
CA ASN A 909 -3.78 -5.44 -43.20
C ASN A 909 -2.51 -4.99 -42.47
N ASP A 910 -1.36 -5.25 -43.08
CA ASP A 910 -0.08 -4.85 -42.51
C ASP A 910 0.29 -3.48 -43.05
N ASN A 911 0.46 -2.51 -42.15
CA ASN A 911 0.71 -1.13 -42.54
C ASN A 911 1.96 -0.60 -41.85
N THR A 912 3.04 -1.37 -41.92
CA THR A 912 4.34 -0.93 -41.41
C THR A 912 5.30 -0.67 -42.57
N SER A 913 4.79 -0.47 -43.76
CA SER A 913 5.65 -0.24 -44.91
C SER A 913 6.06 1.21 -45.07
N ARG A 914 5.57 2.10 -44.21
CA ARG A 914 5.98 3.49 -44.26
C ARG A 914 6.90 3.89 -43.13
N TYR A 915 6.97 3.12 -42.06
CA TYR A 915 7.83 3.49 -40.95
C TYR A 915 9.32 3.34 -41.29
N TRP A 916 9.66 2.51 -42.28
CA TRP A 916 11.04 2.40 -42.72
C TRP A 916 11.31 3.17 -44.00
N GLU A 917 10.55 4.23 -44.25
CA GLU A 917 10.82 5.12 -45.36
C GLU A 917 11.09 6.51 -44.81
N PRO A 918 12.13 7.19 -45.26
CA PRO A 918 12.41 8.53 -44.72
C PRO A 918 11.39 9.58 -45.09
N GLU A 919 10.45 9.27 -45.99
CA GLU A 919 9.47 10.28 -46.40
C GLU A 919 8.50 10.61 -45.27
N PHE A 920 8.16 9.61 -44.45
CA PHE A 920 7.28 9.86 -43.31
C PHE A 920 7.95 10.78 -42.30
N TYR A 921 9.20 10.50 -41.94
CA TYR A 921 9.88 11.34 -40.96
C TYR A 921 10.16 12.72 -41.52
N GLU A 922 10.46 12.82 -42.82
CA GLU A 922 10.63 14.14 -43.41
C GLU A 922 9.33 14.91 -43.45
N ALA A 923 8.20 14.25 -43.66
CA ALA A 923 6.92 14.93 -43.56
C ALA A 923 6.65 15.39 -42.14
N MET A 924 7.21 14.68 -41.16
CA MET A 924 7.04 15.10 -39.77
C MET A 924 7.68 16.45 -39.46
N TYR A 925 8.60 16.93 -40.28
CA TYR A 925 9.23 18.23 -40.04
C TYR A 925 8.95 19.18 -41.18
N THR A 926 7.71 19.26 -41.63
CA THR A 926 7.36 20.13 -42.74
C THR A 926 6.29 21.10 -42.26
N PRO A 927 6.21 22.29 -42.86
CA PRO A 927 5.36 23.32 -42.27
C PRO A 927 3.89 23.22 -42.59
N HIS A 928 3.40 22.08 -43.08
CA HIS A 928 2.02 22.06 -43.54
C HIS A 928 1.03 21.99 -42.39
N THR A 929 1.03 20.91 -41.64
CA THR A 929 0.05 20.74 -40.58
C THR A 929 0.42 21.57 -39.36
N PHE B 7 -36.67 -7.35 -32.13
CA PHE B 7 -36.53 -7.49 -33.57
C PHE B 7 -37.55 -8.49 -34.11
N SER B 8 -37.18 -9.77 -34.12
CA SER B 8 -38.07 -10.81 -34.60
C SER B 8 -39.30 -10.97 -33.72
N SER B 9 -39.24 -10.50 -32.47
CA SER B 9 -40.40 -10.55 -31.59
C SER B 9 -41.46 -9.52 -31.98
N LEU B 10 -41.09 -8.50 -32.74
CA LEU B 10 -42.04 -7.46 -33.08
C LEU B 10 -42.99 -7.92 -34.19
N PRO B 11 -44.24 -7.45 -34.16
CA PRO B 11 -45.19 -7.82 -35.23
C PRO B 11 -44.80 -7.30 -36.60
N SER B 12 -43.92 -6.32 -36.69
CA SER B 12 -43.44 -5.87 -38.00
C SER B 12 -42.69 -6.99 -38.71
N TYR B 13 -41.94 -7.80 -37.95
CA TYR B 13 -41.30 -8.97 -38.53
C TYR B 13 -42.33 -9.96 -39.04
N ALA B 14 -43.44 -10.12 -38.32
CA ALA B 14 -44.51 -11.00 -38.77
C ALA B 14 -45.14 -10.47 -40.06
N ALA B 15 -45.34 -9.16 -40.15
CA ALA B 15 -45.88 -8.57 -41.37
C ALA B 15 -44.92 -8.76 -42.53
N PHE B 16 -43.62 -8.64 -42.27
CA PHE B 16 -42.63 -8.90 -43.31
C PHE B 16 -42.69 -10.35 -43.77
N ALA B 17 -42.82 -11.28 -42.82
CA ALA B 17 -42.90 -12.69 -43.16
C ALA B 17 -44.13 -13.00 -43.99
N THR B 18 -45.28 -12.41 -43.63
CA THR B 18 -46.49 -12.72 -44.39
C THR B 18 -46.49 -12.04 -45.75
N ALA B 19 -45.87 -10.86 -45.87
CA ALA B 19 -45.72 -10.25 -47.18
C ALA B 19 -44.82 -11.10 -48.07
N GLN B 20 -43.73 -11.62 -47.50
CA GLN B 20 -42.86 -12.53 -48.25
C GLN B 20 -43.61 -13.77 -48.68
N GLU B 21 -44.42 -14.34 -47.78
CA GLU B 21 -45.16 -15.56 -48.09
C GLU B 21 -46.17 -15.30 -49.21
N ALA B 22 -46.90 -14.19 -49.14
CA ALA B 22 -47.87 -13.87 -50.17
C ALA B 22 -47.21 -13.62 -51.51
N TYR B 23 -46.08 -12.89 -51.51
CA TYR B 23 -45.38 -12.62 -52.76
C TYR B 23 -44.80 -13.90 -53.37
N GLU B 24 -44.25 -14.78 -52.54
CA GLU B 24 -43.72 -16.04 -53.05
C GLU B 24 -44.83 -16.92 -53.59
N GLN B 25 -45.99 -16.94 -52.92
CA GLN B 25 -47.13 -17.70 -53.41
C GLN B 25 -47.62 -17.15 -54.75
N ALA B 26 -47.65 -15.82 -54.89
CA ALA B 26 -48.08 -15.22 -56.16
C ALA B 26 -47.09 -15.52 -57.29
N VAL B 27 -45.78 -15.47 -56.99
CA VAL B 27 -44.78 -15.78 -58.01
C VAL B 27 -44.86 -17.25 -58.42
N ALA B 28 -45.04 -18.14 -57.44
CA ALA B 28 -45.18 -19.56 -57.75
C ALA B 28 -46.44 -19.84 -58.55
N ASN B 29 -47.52 -19.13 -58.24
CA ASN B 29 -48.79 -19.30 -58.95
C ASN B 29 -48.85 -18.51 -60.26
N GLY B 30 -47.83 -17.71 -60.56
CA GLY B 30 -47.82 -16.94 -61.79
C GLY B 30 -48.91 -15.89 -61.84
N ASP B 31 -49.06 -15.14 -60.76
CA ASP B 31 -50.13 -14.17 -60.64
C ASP B 31 -49.94 -13.02 -61.64
N SER B 32 -51.02 -12.25 -61.83
CA SER B 32 -51.03 -11.19 -62.82
C SER B 32 -50.08 -10.06 -62.42
N GLU B 33 -49.74 -9.23 -63.40
CA GLU B 33 -48.73 -8.20 -63.19
C GLU B 33 -49.21 -7.14 -62.20
N VAL B 34 -50.50 -6.83 -62.20
CA VAL B 34 -51.00 -5.83 -61.26
C VAL B 34 -50.97 -6.38 -59.82
N VAL B 35 -51.40 -7.62 -59.63
CA VAL B 35 -51.35 -8.22 -58.31
C VAL B 35 -49.91 -8.46 -57.87
N LEU B 36 -49.05 -8.86 -58.81
CA LEU B 36 -47.64 -9.04 -58.48
C LEU B 36 -46.99 -7.71 -58.10
N LYS B 37 -47.35 -6.62 -58.78
CA LYS B 37 -46.83 -5.31 -58.41
C LYS B 37 -47.36 -4.86 -57.05
N LYS B 38 -48.63 -5.14 -56.77
CA LYS B 38 -49.17 -4.81 -55.45
C LYS B 38 -48.47 -5.59 -54.35
N LEU B 39 -48.20 -6.86 -54.59
CA LEU B 39 -47.50 -7.65 -53.58
C LEU B 39 -46.03 -7.28 -53.49
N LYS B 40 -45.44 -6.79 -54.59
CA LYS B 40 -44.09 -6.25 -54.50
C LYS B 40 -44.07 -4.97 -53.67
N LYS B 41 -45.11 -4.15 -53.82
CA LYS B 41 -45.24 -2.96 -52.97
C LYS B 41 -45.40 -3.36 -51.51
N SER B 42 -46.18 -4.39 -51.24
CA SER B 42 -46.34 -4.88 -49.87
C SER B 42 -45.03 -5.41 -49.32
N LEU B 43 -44.26 -6.14 -50.14
CA LEU B 43 -42.94 -6.62 -49.71
C LEU B 43 -42.01 -5.45 -49.41
N ASN B 44 -42.03 -4.42 -50.26
CA ASN B 44 -41.19 -3.26 -50.02
C ASN B 44 -41.55 -2.54 -48.73
N VAL B 45 -42.84 -2.29 -48.50
CA VAL B 45 -43.21 -1.51 -47.33
C VAL B 45 -43.00 -2.32 -46.06
N ALA B 46 -43.20 -3.63 -46.14
CA ALA B 46 -42.88 -4.52 -45.02
C ALA B 46 -41.40 -4.55 -44.73
N LYS B 47 -40.56 -4.66 -45.77
CA LYS B 47 -39.11 -4.65 -45.57
C LYS B 47 -38.65 -3.33 -44.97
N SER B 48 -39.20 -2.23 -45.45
CA SER B 48 -38.82 -0.92 -44.93
C SER B 48 -39.25 -0.75 -43.47
N GLU B 49 -40.49 -1.10 -43.14
CA GLU B 49 -40.97 -0.95 -41.78
C GLU B 49 -40.18 -1.84 -40.83
N PHE B 50 -39.94 -3.10 -41.23
CA PHE B 50 -39.19 -4.02 -40.40
C PHE B 50 -37.74 -3.57 -40.23
N ASP B 51 -37.14 -3.00 -41.27
CA ASP B 51 -35.77 -2.51 -41.14
C ASP B 51 -35.71 -1.31 -40.22
N ARG B 52 -36.70 -0.41 -40.29
CA ARG B 52 -36.75 0.69 -39.36
C ARG B 52 -36.87 0.19 -37.92
N ASP B 53 -37.74 -0.81 -37.72
CA ASP B 53 -37.91 -1.39 -36.39
C ASP B 53 -36.62 -2.04 -35.90
N ALA B 54 -35.92 -2.75 -36.78
CA ALA B 54 -34.69 -3.43 -36.40
C ALA B 54 -33.60 -2.43 -36.05
N ALA B 55 -33.48 -1.36 -36.82
CA ALA B 55 -32.49 -0.35 -36.52
C ALA B 55 -32.80 0.35 -35.20
N MET B 56 -34.08 0.66 -34.97
CA MET B 56 -34.47 1.28 -33.69
C MET B 56 -34.20 0.34 -32.53
N GLN B 57 -34.47 -0.96 -32.70
CA GLN B 57 -34.20 -1.93 -31.64
C GLN B 57 -32.71 -2.04 -31.37
N ARG B 58 -31.88 -2.05 -32.42
CA ARG B 58 -30.44 -2.14 -32.24
C ARG B 58 -29.90 -0.92 -31.52
N LYS B 59 -30.39 0.28 -31.89
CA LYS B 59 -29.96 1.48 -31.19
C LYS B 59 -30.45 1.49 -29.75
N LEU B 60 -31.65 0.94 -29.50
CA LEU B 60 -32.16 0.83 -28.14
C LEU B 60 -31.28 -0.07 -27.29
N GLU B 61 -30.88 -1.21 -27.84
CA GLU B 61 -30.02 -2.12 -27.10
C GLU B 61 -28.65 -1.50 -26.87
N LYS B 62 -28.13 -0.77 -27.86
CA LYS B 62 -26.87 -0.08 -27.66
C LYS B 62 -26.97 0.96 -26.55
N MET B 63 -28.07 1.71 -26.52
CA MET B 63 -28.26 2.71 -25.47
C MET B 63 -28.39 2.06 -24.10
N ALA B 64 -29.16 0.97 -24.01
CA ALA B 64 -29.37 0.31 -22.74
C ALA B 64 -28.08 -0.30 -22.21
N ASP B 65 -27.28 -0.91 -23.08
CA ASP B 65 -26.02 -1.46 -22.60
C ASP B 65 -24.93 -0.41 -22.44
N GLN B 66 -25.13 0.79 -23.00
CA GLN B 66 -24.26 1.90 -22.62
C GLN B 66 -24.61 2.42 -21.24
N ALA B 67 -25.90 2.53 -20.96
CA ALA B 67 -26.33 3.05 -19.67
C ALA B 67 -26.06 2.05 -18.55
N MET B 68 -26.19 0.75 -18.81
CA MET B 68 -25.84 -0.21 -17.77
C MET B 68 -24.34 -0.24 -17.53
N THR B 69 -23.53 0.01 -18.56
CA THR B 69 -22.10 0.18 -18.35
C THR B 69 -21.82 1.38 -17.47
N GLN B 70 -22.49 2.50 -17.75
CA GLN B 70 -22.34 3.69 -16.91
C GLN B 70 -22.78 3.41 -15.48
N MET B 71 -23.86 2.65 -15.32
CA MET B 71 -24.35 2.34 -13.98
C MET B 71 -23.37 1.44 -13.23
N TYR B 72 -22.75 0.49 -13.92
CA TYR B 72 -21.70 -0.31 -13.30
C TYR B 72 -20.54 0.58 -12.87
N LYS B 73 -20.14 1.53 -13.72
CA LYS B 73 -19.03 2.40 -13.39
C LYS B 73 -19.35 3.27 -12.19
N GLN B 74 -20.57 3.82 -12.13
CA GLN B 74 -20.92 4.68 -11.01
C GLN B 74 -21.09 3.87 -9.73
N ALA B 75 -21.60 2.64 -9.83
CA ALA B 75 -21.68 1.79 -8.65
C ALA B 75 -20.29 1.45 -8.12
N ARG B 76 -19.36 1.17 -9.02
CA ARG B 76 -17.99 0.91 -8.60
C ARG B 76 -17.36 2.14 -7.97
N SER B 77 -17.63 3.32 -8.52
CA SER B 77 -17.08 4.55 -7.96
C SER B 77 -17.61 4.81 -6.56
N GLU B 78 -18.93 4.74 -6.39
CA GLU B 78 -19.52 4.96 -5.07
C GLU B 78 -19.18 3.86 -4.09
N ASP B 79 -18.80 2.68 -4.57
CA ASP B 79 -18.34 1.65 -3.66
C ASP B 79 -16.87 1.82 -3.28
N LYS B 80 -16.07 2.43 -4.15
CA LYS B 80 -14.70 2.73 -3.78
C LYS B 80 -14.60 3.93 -2.85
N ARG B 81 -15.51 4.90 -3.01
CA ARG B 81 -15.51 6.05 -2.13
C ARG B 81 -15.75 5.65 -0.68
N ALA B 82 -16.70 4.75 -0.45
CA ALA B 82 -16.99 4.31 0.91
C ALA B 82 -15.80 3.58 1.51
N LYS B 83 -15.12 2.76 0.70
CA LYS B 83 -13.94 2.07 1.18
C LYS B 83 -12.84 3.04 1.56
N VAL B 84 -12.62 4.07 0.74
CA VAL B 84 -11.58 5.04 1.06
C VAL B 84 -11.96 5.85 2.31
N THR B 85 -13.24 6.19 2.46
CA THR B 85 -13.67 6.90 3.65
C THR B 85 -13.46 6.06 4.91
N SER B 86 -13.80 4.77 4.84
CA SER B 86 -13.59 3.90 5.99
C SER B 86 -12.11 3.77 6.31
N ALA B 87 -11.26 3.64 5.28
CA ALA B 87 -9.82 3.51 5.52
C ALA B 87 -9.25 4.79 6.12
N MET B 88 -9.71 5.95 5.64
CA MET B 88 -9.22 7.21 6.16
C MET B 88 -9.64 7.40 7.62
N GLN B 89 -10.89 7.05 7.95
CA GLN B 89 -11.32 7.15 9.35
C GLN B 89 -10.56 6.18 10.24
N THR B 90 -10.26 4.99 9.72
CA THR B 90 -9.45 4.05 10.48
C THR B 90 -8.06 4.61 10.75
N MET B 91 -7.43 5.20 9.75
CA MET B 91 -6.09 5.76 9.95
C MET B 91 -6.13 6.91 10.94
N LEU B 92 -7.12 7.79 10.83
CA LEU B 92 -7.22 8.90 11.77
C LEU B 92 -7.46 8.44 13.20
N PHE B 93 -8.33 7.45 13.42
CA PHE B 93 -8.56 7.02 14.78
C PHE B 93 -7.40 6.23 15.35
N THR B 94 -6.65 5.49 14.53
CA THR B 94 -5.43 4.85 15.03
C THR B 94 -4.37 5.87 15.42
N MET B 95 -4.17 6.89 14.58
CA MET B 95 -3.20 7.93 14.94
C MET B 95 -3.65 8.70 16.17
N LEU B 96 -4.96 8.83 16.36
CA LEU B 96 -5.46 9.37 17.63
C LEU B 96 -5.08 8.47 18.79
N ARG B 97 -5.22 7.16 18.60
CA ARG B 97 -4.92 6.22 19.67
C ARG B 97 -3.44 6.26 20.05
N LYS B 98 -2.57 6.59 19.11
CA LYS B 98 -1.15 6.66 19.44
C LYS B 98 -0.75 7.94 20.18
N LEU B 99 -1.63 8.94 20.25
CA LEU B 99 -1.25 10.21 20.84
C LEU B 99 -1.00 10.09 22.34
N ASP B 100 0.06 10.76 22.80
CA ASP B 100 0.44 10.74 24.21
C ASP B 100 -0.33 11.83 24.94
N ASN B 101 -1.57 11.52 25.26
CA ASN B 101 -2.53 12.52 25.74
C ASN B 101 -2.21 13.11 27.10
N ASP B 102 -1.10 12.84 27.76
CA ASP B 102 -0.83 13.53 29.02
C ASP B 102 0.04 14.77 28.80
N ALA B 103 1.26 14.58 28.29
CA ALA B 103 2.15 15.72 28.11
C ALA B 103 1.65 16.66 27.02
N LEU B 104 1.09 16.10 25.96
CA LEU B 104 0.54 16.92 24.89
C LEU B 104 -0.61 17.78 25.40
N ASN B 105 -1.51 17.20 26.19
CA ASN B 105 -2.60 17.98 26.76
C ASN B 105 -2.06 19.01 27.74
N ASN B 106 -1.00 18.67 28.47
CA ASN B 106 -0.40 19.62 29.40
C ASN B 106 0.15 20.84 28.68
N ILE B 107 0.89 20.62 27.59
CA ILE B 107 1.48 21.76 26.89
C ILE B 107 0.42 22.56 26.14
N ILE B 108 -0.61 21.90 25.62
CA ILE B 108 -1.67 22.64 24.94
C ILE B 108 -2.44 23.51 25.93
N ASN B 109 -2.82 22.94 27.08
CA ASN B 109 -3.46 23.75 28.11
C ASN B 109 -2.51 24.76 28.73
N ASN B 110 -1.20 24.61 28.50
CA ASN B 110 -0.24 25.62 28.91
C ASN B 110 -0.01 26.69 27.85
N ALA B 111 -0.57 26.52 26.65
CA ALA B 111 -0.29 27.43 25.56
C ALA B 111 -1.04 28.75 25.72
N ARG B 112 -0.81 29.66 24.78
CA ARG B 112 -1.43 30.98 24.86
C ARG B 112 -2.91 30.92 24.55
N ASP B 113 -3.25 30.56 23.31
CA ASP B 113 -4.62 30.37 22.88
C ASP B 113 -4.92 28.90 22.62
N GLY B 114 -4.05 28.00 23.05
CA GLY B 114 -4.14 26.62 22.65
C GLY B 114 -3.53 26.33 21.30
N CYS B 115 -2.71 27.22 20.76
CA CYS B 115 -2.02 27.03 19.49
C CYS B 115 -0.54 26.89 19.77
N VAL B 116 -0.01 25.70 19.53
CA VAL B 116 1.41 25.41 19.64
C VAL B 116 1.94 25.09 18.26
N PRO B 117 3.08 25.63 17.85
CA PRO B 117 3.61 25.30 16.53
C PRO B 117 3.92 23.82 16.44
N LEU B 118 3.67 23.25 15.26
CA LEU B 118 3.75 21.80 15.10
C LEU B 118 5.16 21.29 15.35
N ASN B 119 6.18 22.09 15.04
CA ASN B 119 7.55 21.61 15.17
C ASN B 119 7.95 21.33 16.61
N ILE B 120 7.18 21.77 17.60
CA ILE B 120 7.46 21.44 18.98
C ILE B 120 6.50 20.44 19.56
N ILE B 121 5.52 19.96 18.80
CA ILE B 121 4.67 18.87 19.31
C ILE B 121 5.45 17.59 19.53
N PRO B 122 6.30 17.11 18.60
CA PRO B 122 7.12 15.95 18.94
C PRO B 122 8.15 16.30 20.00
N LEU B 123 8.80 17.46 19.84
CA LEU B 123 9.97 17.83 20.63
C LEU B 123 9.69 17.83 22.12
N THR B 124 8.45 17.99 22.54
CA THR B 124 8.14 17.96 23.96
C THR B 124 7.27 16.78 24.37
N THR B 125 6.71 16.02 23.43
CA THR B 125 5.82 14.94 23.83
C THR B 125 6.17 13.57 23.29
N ALA B 126 7.07 13.47 22.32
CA ALA B 126 7.33 12.18 21.69
C ALA B 126 8.03 11.26 22.66
N ALA B 127 7.49 10.05 22.83
CA ALA B 127 8.08 9.10 23.75
C ALA B 127 9.31 8.43 23.15
N LYS B 128 9.37 8.31 21.83
CA LYS B 128 10.43 7.60 21.15
C LYS B 128 11.26 8.60 20.36
N LEU B 129 12.57 8.41 20.35
CA LEU B 129 13.49 9.27 19.63
C LEU B 129 14.36 8.40 18.74
N MET B 130 14.21 8.57 17.43
CA MET B 130 15.01 7.83 16.46
C MET B 130 16.12 8.74 15.99
N VAL B 131 17.31 8.52 16.47
CA VAL B 131 18.47 9.23 15.99
C VAL B 131 19.03 8.43 14.82
N VAL B 132 19.44 9.12 13.77
CA VAL B 132 20.06 8.47 12.62
C VAL B 132 21.45 9.04 12.46
N ILE B 133 22.45 8.17 12.44
CA ILE B 133 23.85 8.55 12.55
C ILE B 133 24.59 7.97 11.35
N PRO B 134 25.33 8.78 10.61
CA PRO B 134 25.94 8.28 9.37
C PRO B 134 27.28 7.59 9.55
N ASP B 135 28.04 7.93 10.58
CA ASP B 135 29.34 7.29 10.79
C ASP B 135 29.73 7.44 12.24
N TYR B 136 30.84 6.77 12.60
CA TYR B 136 31.21 6.68 14.00
C TYR B 136 31.65 8.02 14.57
N ASN B 137 32.19 8.91 13.74
CA ASN B 137 32.66 10.19 14.23
C ASN B 137 31.52 11.02 14.80
N THR B 138 30.34 10.93 14.18
CA THR B 138 29.18 11.61 14.74
C THR B 138 28.64 10.86 15.95
N TYR B 139 28.61 9.53 15.89
CA TYR B 139 28.10 8.73 17.00
C TYR B 139 28.87 8.97 18.28
N LYS B 140 30.15 9.29 18.18
CA LYS B 140 30.90 9.64 19.37
C LYS B 140 30.41 10.93 19.99
N ASN B 141 29.99 11.89 19.15
CA ASN B 141 29.66 13.22 19.63
C ASN B 141 28.17 13.48 19.78
N THR B 142 27.31 12.50 19.51
CA THR B 142 25.90 12.80 19.70
C THR B 142 25.21 11.93 20.75
N CYS B 143 25.51 10.64 20.83
CA CYS B 143 24.83 9.77 21.79
C CYS B 143 25.81 8.78 22.41
N ASP B 144 26.98 9.26 22.81
CA ASP B 144 27.95 8.38 23.44
C ASP B 144 27.43 7.90 24.79
N GLY B 145 27.60 6.61 25.04
CA GLY B 145 27.07 6.00 26.24
C GLY B 145 25.68 5.47 26.03
N THR B 146 25.09 4.99 27.12
CA THR B 146 23.72 4.49 27.09
C THR B 146 22.69 5.57 27.36
N THR B 147 23.11 6.77 27.77
CA THR B 147 22.19 7.87 28.00
C THR B 147 22.79 9.14 27.43
N PHE B 148 21.97 9.93 26.74
CA PHE B 148 22.41 11.18 26.16
C PHE B 148 21.29 12.20 26.33
N THR B 149 21.65 13.47 26.16
CA THR B 149 20.72 14.57 26.37
C THR B 149 20.42 15.26 25.05
N TYR B 150 19.14 15.32 24.69
CA TYR B 150 18.71 16.00 23.49
C TYR B 150 17.37 16.64 23.77
N ALA B 151 17.19 17.88 23.27
CA ALA B 151 15.97 18.66 23.47
C ALA B 151 15.65 18.87 24.94
N SER B 152 16.70 19.01 25.76
CA SER B 152 16.58 19.28 27.20
C SER B 152 15.78 18.20 27.92
N ALA B 153 15.98 16.95 27.53
CA ALA B 153 15.41 15.82 28.26
C ALA B 153 16.33 14.63 28.08
N LEU B 154 16.33 13.75 29.09
CA LEU B 154 17.28 12.65 29.13
C LEU B 154 16.71 11.43 28.45
N TRP B 155 17.46 10.87 27.50
CA TRP B 155 17.06 9.70 26.76
C TRP B 155 17.96 8.53 27.09
N GLU B 156 17.41 7.33 27.03
CA GLU B 156 18.16 6.10 27.28
C GLU B 156 18.06 5.21 26.05
N ILE B 157 19.20 4.64 25.64
CA ILE B 157 19.21 3.81 24.45
C ILE B 157 18.38 2.57 24.70
N GLN B 158 17.55 2.22 23.74
CA GLN B 158 16.83 0.96 23.80
C GLN B 158 17.23 -0.01 22.71
N GLN B 159 17.60 0.47 21.53
CA GLN B 159 17.93 -0.44 20.44
C GLN B 159 18.80 0.30 19.44
N VAL B 160 19.70 -0.43 18.79
CA VAL B 160 20.51 0.15 17.73
C VAL B 160 20.47 -0.81 16.55
N VAL B 161 19.96 -0.36 15.41
CA VAL B 161 19.89 -1.21 14.24
C VAL B 161 20.70 -0.57 13.13
N ASP B 162 21.11 -1.39 12.17
CA ASP B 162 21.92 -0.94 11.06
C ASP B 162 21.04 -0.76 9.83
N ALA B 163 21.67 -0.59 8.67
CA ALA B 163 20.93 -0.31 7.44
C ALA B 163 19.97 -1.45 7.09
N ASP B 164 20.46 -2.68 7.07
CA ASP B 164 19.63 -3.82 6.74
C ASP B 164 18.84 -4.35 7.93
N SER B 165 18.71 -3.55 8.99
CA SER B 165 17.85 -3.86 10.14
C SER B 165 18.28 -5.13 10.86
N LYS B 166 19.57 -5.22 11.18
CA LYS B 166 20.11 -6.28 12.01
C LYS B 166 20.67 -5.66 13.27
N ILE B 167 20.13 -6.04 14.43
CA ILE B 167 20.41 -5.34 15.68
C ILE B 167 21.88 -5.46 16.04
N VAL B 168 22.49 -4.33 16.38
CA VAL B 168 23.89 -4.24 16.74
C VAL B 168 23.99 -3.82 18.20
N GLN B 169 24.65 -4.62 19.01
CA GLN B 169 24.85 -4.26 20.41
C GLN B 169 25.76 -3.04 20.51
N LEU B 170 25.57 -2.27 21.58
CA LEU B 170 26.30 -1.01 21.72
C LEU B 170 27.79 -1.22 21.91
N SER B 171 28.23 -2.41 22.31
CA SER B 171 29.65 -2.64 22.52
C SER B 171 30.42 -2.87 21.24
N GLU B 172 29.73 -3.10 20.12
CA GLU B 172 30.43 -3.32 18.86
C GLU B 172 30.77 -2.04 18.13
N ILE B 173 30.27 -0.90 18.59
CA ILE B 173 30.50 0.37 17.89
C ILE B 173 31.80 0.94 18.45
N SER B 174 32.91 0.48 17.90
CA SER B 174 34.22 0.96 18.28
C SER B 174 34.95 1.45 17.03
N MET B 175 35.95 2.30 17.24
CA MET B 175 36.63 2.95 16.13
C MET B 175 37.31 1.93 15.24
N ASP B 176 37.95 0.92 15.83
CA ASP B 176 38.56 -0.13 15.01
C ASP B 176 37.51 -1.03 14.39
N ASN B 177 36.37 -1.21 15.05
CA ASN B 177 35.28 -2.03 14.54
C ASN B 177 34.30 -1.23 13.69
N SER B 178 34.57 0.06 13.47
CA SER B 178 33.66 0.88 12.69
C SER B 178 33.44 0.39 11.25
N PRO B 179 34.48 0.05 10.46
CA PRO B 179 34.21 -0.31 9.06
C PRO B 179 33.34 -1.55 8.89
N ASN B 180 33.41 -2.51 9.80
CA ASN B 180 32.66 -3.75 9.62
C ASN B 180 31.16 -3.55 9.77
N LEU B 181 30.72 -2.46 10.37
CA LEU B 181 29.31 -2.22 10.58
C LEU B 181 28.64 -1.75 9.30
N ALA B 182 27.37 -2.10 9.15
CA ALA B 182 26.55 -1.55 8.08
C ALA B 182 26.06 -0.18 8.52
N TRP B 183 26.43 0.85 7.79
CA TRP B 183 26.25 2.22 8.23
C TRP B 183 24.81 2.71 8.05
N PRO B 184 24.56 4.01 8.03
CA PRO B 184 23.90 4.70 9.14
C PRO B 184 23.03 3.88 10.07
N LEU B 185 23.29 4.09 11.36
CA LEU B 185 22.73 3.30 12.45
C LEU B 185 21.53 4.00 13.03
N ILE B 186 20.35 3.44 12.80
CA ILE B 186 19.15 3.97 13.42
C ILE B 186 19.17 3.56 14.89
N VAL B 187 19.38 4.50 15.79
CA VAL B 187 19.38 4.22 17.21
C VAL B 187 18.06 4.72 17.78
N THR B 188 17.29 3.80 18.35
CA THR B 188 16.00 4.09 18.92
C THR B 188 16.15 4.22 20.43
N ALA B 189 15.77 5.36 20.97
CA ALA B 189 15.86 5.63 22.40
C ALA B 189 14.49 6.03 22.93
N LEU B 190 14.34 5.96 24.25
CA LEU B 190 13.08 6.28 24.91
C LEU B 190 13.26 7.46 25.85
N ARG B 191 12.18 8.20 26.07
CA ARG B 191 12.23 9.31 27.00
C ARG B 191 12.38 8.82 28.42
N ALA B 192 13.09 9.60 29.23
CA ALA B 192 13.22 9.26 30.64
C ALA B 192 12.86 10.46 31.51
N SER C 6 36.97 -1.97 -30.60
CA SER C 6 35.68 -1.52 -30.07
C SER C 6 35.38 -2.14 -28.72
N LYS C 7 36.43 -2.40 -27.94
CA LYS C 7 36.26 -3.13 -26.69
C LYS C 7 35.97 -2.22 -25.51
N MET C 8 36.10 -0.90 -25.66
CA MET C 8 35.82 -0.03 -24.54
C MET C 8 34.33 0.04 -24.25
N SER C 9 33.52 0.23 -25.27
CA SER C 9 32.08 0.34 -25.09
C SER C 9 31.40 -1.00 -24.96
N ASP C 10 32.16 -2.07 -24.73
CA ASP C 10 31.61 -3.35 -24.36
C ASP C 10 31.70 -3.61 -22.87
N VAL C 11 32.66 -3.00 -22.19
CA VAL C 11 32.76 -3.13 -20.75
C VAL C 11 31.67 -2.33 -20.06
N LYS C 12 31.31 -1.19 -20.62
CA LYS C 12 30.26 -0.37 -20.02
C LYS C 12 28.94 -1.10 -19.99
N CYS C 13 28.58 -1.76 -21.08
CA CYS C 13 27.31 -2.47 -21.13
C CYS C 13 27.33 -3.73 -20.29
N THR C 14 28.44 -4.47 -20.34
CA THR C 14 28.55 -5.70 -19.55
C THR C 14 28.46 -5.41 -18.07
N SER C 15 28.91 -4.24 -17.63
CA SER C 15 28.71 -3.87 -16.23
C SER C 15 27.24 -3.65 -15.92
N VAL C 16 26.46 -3.13 -16.87
CA VAL C 16 25.03 -2.98 -16.65
C VAL C 16 24.37 -4.33 -16.50
N VAL C 17 24.73 -5.28 -17.36
CA VAL C 17 24.18 -6.63 -17.22
C VAL C 17 24.60 -7.26 -15.91
N LEU C 18 25.86 -7.06 -15.51
CA LEU C 18 26.37 -7.65 -14.28
C LEU C 18 25.67 -7.09 -13.06
N LEU C 19 25.43 -5.78 -13.05
CA LEU C 19 24.72 -5.22 -11.91
C LEU C 19 23.25 -5.65 -11.92
N SER C 20 22.66 -5.87 -13.10
CA SER C 20 21.32 -6.43 -13.13
C SER C 20 21.30 -7.82 -12.51
N VAL C 21 22.31 -8.64 -12.80
CA VAL C 21 22.37 -9.98 -12.23
C VAL C 21 22.52 -9.90 -10.72
N LEU C 22 23.39 -9.01 -10.24
CA LEU C 22 23.57 -8.88 -8.79
C LEU C 22 22.28 -8.40 -8.13
N GLN C 23 21.55 -7.50 -8.77
CA GLN C 23 20.29 -7.04 -8.18
C GLN C 23 19.27 -8.17 -8.16
N GLN C 24 19.22 -8.99 -9.21
CA GLN C 24 18.27 -10.09 -9.23
C GLN C 24 18.64 -11.18 -8.24
N LEU C 25 19.89 -11.26 -7.82
CA LEU C 25 20.27 -12.18 -6.75
C LEU C 25 19.93 -11.65 -5.38
N ARG C 26 19.15 -10.56 -5.30
CA ARG C 26 18.73 -9.97 -4.03
C ARG C 26 19.94 -9.61 -3.17
N VAL C 27 20.85 -8.82 -3.75
CA VAL C 27 21.96 -8.26 -2.99
C VAL C 27 21.63 -6.88 -2.47
N GLU C 28 20.45 -6.36 -2.76
CA GLU C 28 20.04 -5.07 -2.20
C GLU C 28 19.91 -5.12 -0.68
N SER C 29 19.76 -6.31 -0.10
CA SER C 29 19.62 -6.39 1.35
C SER C 29 20.92 -6.00 2.04
N SER C 30 22.05 -6.56 1.60
CA SER C 30 23.32 -6.24 2.24
C SER C 30 23.78 -4.86 1.81
N SER C 31 23.43 -3.83 2.58
CA SER C 31 23.63 -2.46 2.14
C SER C 31 25.12 -2.13 1.96
N LYS C 32 25.97 -2.69 2.81
CA LYS C 32 27.40 -2.48 2.64
C LYS C 32 27.89 -3.05 1.31
N LEU C 33 27.33 -4.16 0.87
CA LEU C 33 27.72 -4.71 -0.41
C LEU C 33 27.11 -3.94 -1.57
N TRP C 34 25.86 -3.48 -1.41
CA TRP C 34 25.21 -2.79 -2.51
C TRP C 34 25.81 -1.43 -2.74
N ALA C 35 26.30 -0.76 -1.69
CA ALA C 35 26.97 0.51 -1.90
C ALA C 35 28.24 0.32 -2.74
N GLN C 36 29.02 -0.72 -2.45
CA GLN C 36 30.23 -0.97 -3.22
C GLN C 36 29.91 -1.38 -4.65
N CYS C 37 28.88 -2.19 -4.85
CA CYS C 37 28.52 -2.57 -6.21
C CYS C 37 28.05 -1.37 -7.01
N VAL C 38 27.24 -0.49 -6.41
CA VAL C 38 26.76 0.67 -7.12
C VAL C 38 27.91 1.62 -7.42
N GLN C 39 28.84 1.78 -6.47
CA GLN C 39 29.98 2.64 -6.72
C GLN C 39 30.85 2.11 -7.84
N LEU C 40 31.08 0.79 -7.87
CA LEU C 40 31.84 0.21 -8.96
C LEU C 40 31.13 0.37 -10.29
N HIS C 41 29.80 0.21 -10.31
CA HIS C 41 29.06 0.36 -11.56
C HIS C 41 29.14 1.80 -12.08
N ASN C 42 28.94 2.78 -11.19
CA ASN C 42 29.01 4.17 -11.61
C ASN C 42 30.41 4.54 -12.06
N ASP C 43 31.44 4.05 -11.40
CA ASP C 43 32.77 4.39 -11.85
C ASP C 43 33.20 3.62 -13.08
N ILE C 44 32.54 2.49 -13.38
CA ILE C 44 32.80 1.84 -14.66
C ILE C 44 32.20 2.66 -15.78
N LEU C 45 30.95 3.09 -15.62
CA LEU C 45 30.31 3.84 -16.70
C LEU C 45 30.99 5.17 -16.95
N LEU C 46 31.39 5.88 -15.89
CA LEU C 46 32.12 7.13 -16.07
C LEU C 46 33.62 6.90 -16.15
N ALA C 47 34.06 6.02 -17.03
CA ALA C 47 35.48 5.73 -17.18
C ALA C 47 35.86 5.92 -18.64
N LYS C 48 36.80 6.83 -18.88
CA LYS C 48 37.25 7.13 -20.23
C LYS C 48 38.50 6.35 -20.61
N ASP C 49 39.00 5.49 -19.73
CA ASP C 49 40.20 4.71 -19.99
C ASP C 49 39.87 3.23 -19.93
N THR C 50 40.48 2.46 -20.82
CA THR C 50 40.10 1.06 -20.97
C THR C 50 40.56 0.20 -19.80
N THR C 51 41.81 0.39 -19.37
CA THR C 51 42.38 -0.49 -18.35
C THR C 51 41.68 -0.32 -17.01
N GLU C 52 41.34 0.92 -16.65
CA GLU C 52 40.64 1.16 -15.40
C GLU C 52 39.25 0.52 -15.41
N ALA C 53 38.60 0.51 -16.56
CA ALA C 53 37.29 -0.12 -16.67
C ALA C 53 37.39 -1.61 -16.37
N PHE C 54 38.40 -2.29 -16.89
CA PHE C 54 38.54 -3.72 -16.59
C PHE C 54 38.96 -3.94 -15.15
N GLU C 55 39.82 -3.09 -14.61
CA GLU C 55 40.26 -3.27 -13.23
C GLU C 55 39.11 -3.05 -12.25
N LYS C 56 38.11 -2.26 -12.62
CA LYS C 56 36.92 -2.17 -11.78
C LYS C 56 35.89 -3.24 -12.10
N MET C 57 35.84 -3.70 -13.34
CA MET C 57 34.95 -4.79 -13.69
C MET C 57 35.32 -6.06 -12.95
N VAL C 58 36.60 -6.29 -12.70
CA VAL C 58 37.02 -7.46 -11.94
C VAL C 58 36.50 -7.40 -10.52
N SER C 59 36.62 -6.23 -9.89
CA SER C 59 36.11 -6.09 -8.53
C SER C 59 34.60 -6.26 -8.49
N LEU C 60 33.91 -5.78 -9.52
CA LEU C 60 32.46 -5.97 -9.56
C LEU C 60 32.11 -7.44 -9.73
N LEU C 61 32.84 -8.15 -10.60
CA LEU C 61 32.52 -9.55 -10.88
C LEU C 61 32.78 -10.44 -9.68
N SER C 62 33.82 -10.13 -8.90
CA SER C 62 34.11 -10.98 -7.77
C SER C 62 33.05 -10.89 -6.69
N VAL C 63 32.13 -9.93 -6.76
CA VAL C 63 30.95 -9.97 -5.92
C VAL C 63 30.02 -11.08 -6.37
N LEU C 64 29.87 -11.24 -7.69
CA LEU C 64 29.01 -12.31 -8.20
C LEU C 64 29.60 -13.68 -7.91
N LEU C 65 30.90 -13.85 -8.11
CA LEU C 65 31.50 -15.15 -7.85
C LEU C 65 31.51 -15.50 -6.37
N SER C 66 31.47 -14.49 -5.50
CA SER C 66 31.57 -14.72 -4.07
C SER C 66 30.36 -15.40 -3.47
N MET C 67 29.25 -15.50 -4.20
CA MET C 67 28.03 -16.11 -3.68
C MET C 67 28.02 -17.58 -4.09
N GLN C 68 28.24 -18.46 -3.11
CA GLN C 68 28.41 -19.88 -3.41
C GLN C 68 27.11 -20.49 -3.93
N GLY C 69 26.02 -20.29 -3.21
CA GLY C 69 24.78 -20.99 -3.51
C GLY C 69 23.73 -20.14 -4.21
N ALA C 70 24.16 -19.10 -4.92
CA ALA C 70 23.22 -18.23 -5.63
C ALA C 70 23.22 -18.51 -7.12
N VAL C 71 24.39 -18.51 -7.76
CA VAL C 71 24.50 -18.80 -9.17
C VAL C 71 25.10 -20.19 -9.33
N ASP C 72 25.11 -20.68 -10.57
CA ASP C 72 25.71 -21.97 -10.91
C ASP C 72 26.72 -21.72 -12.03
N ILE C 73 27.93 -21.34 -11.63
CA ILE C 73 28.96 -21.00 -12.60
C ILE C 73 29.41 -22.23 -13.36
N ASN C 74 29.33 -23.41 -12.74
CA ASN C 74 29.78 -24.63 -13.39
C ASN C 74 28.92 -24.96 -14.61
N LYS C 75 27.60 -24.79 -14.50
CA LYS C 75 26.73 -25.02 -15.64
C LYS C 75 26.80 -23.91 -16.66
N LEU C 76 26.84 -22.65 -16.20
CA LEU C 76 26.75 -21.51 -17.10
C LEU C 76 27.94 -21.45 -18.05
N CYS C 77 29.14 -21.70 -17.55
CA CYS C 77 30.31 -21.66 -18.40
C CYS C 77 30.47 -22.91 -19.24
N GLU C 78 29.67 -23.95 -19.00
CA GLU C 78 29.86 -25.21 -19.71
C GLU C 78 29.50 -25.12 -21.18
N GLU C 79 28.73 -24.10 -21.58
CA GLU C 79 28.29 -23.97 -22.96
C GLU C 79 29.36 -23.38 -23.87
N MET C 80 30.57 -23.14 -23.37
CA MET C 80 31.64 -22.60 -24.18
C MET C 80 32.13 -23.63 -25.19
N SER D 8 -13.27 -11.05 -54.46
CA SER D 8 -12.87 -11.60 -53.18
C SER D 8 -13.27 -13.07 -53.07
N SER D 9 -14.00 -13.55 -54.08
CA SER D 9 -14.29 -14.97 -54.30
C SER D 9 -15.04 -15.59 -53.12
N LEU D 10 -16.27 -15.12 -52.95
CA LEU D 10 -17.25 -15.67 -52.03
C LEU D 10 -18.45 -16.10 -52.86
N PRO D 11 -19.33 -16.95 -52.30
CA PRO D 11 -20.54 -17.32 -53.07
C PRO D 11 -21.42 -16.13 -53.43
N SER D 12 -21.52 -15.15 -52.54
CA SER D 12 -22.19 -13.91 -52.91
C SER D 12 -21.46 -13.20 -54.04
N TYR D 13 -20.13 -13.24 -54.03
CA TYR D 13 -19.39 -12.73 -55.17
C TYR D 13 -19.62 -13.57 -56.41
N ALA D 14 -19.89 -14.87 -56.26
CA ALA D 14 -20.22 -15.67 -57.42
C ALA D 14 -21.54 -15.23 -58.05
N ALA D 15 -22.54 -14.96 -57.21
CA ALA D 15 -23.81 -14.45 -57.73
C ALA D 15 -23.64 -13.07 -58.37
N PHE D 16 -22.87 -12.19 -57.73
CA PHE D 16 -22.60 -10.89 -58.32
C PHE D 16 -21.81 -11.02 -59.61
N ALA D 17 -20.94 -12.03 -59.71
CA ALA D 17 -20.13 -12.21 -60.90
C ALA D 17 -20.95 -12.70 -62.07
N THR D 18 -21.85 -13.66 -61.84
CA THR D 18 -22.70 -14.11 -62.95
C THR D 18 -23.69 -13.02 -63.36
N ALA D 19 -24.17 -12.22 -62.40
CA ALA D 19 -24.99 -11.07 -62.75
C ALA D 19 -24.20 -10.05 -63.55
N GLN D 20 -22.94 -9.83 -63.18
CA GLN D 20 -22.09 -8.90 -63.89
C GLN D 20 -21.82 -9.38 -65.30
N GLU D 21 -21.60 -10.69 -65.48
CA GLU D 21 -21.39 -11.24 -66.80
C GLU D 21 -22.64 -11.10 -67.65
N ALA D 22 -23.81 -11.34 -67.07
CA ALA D 22 -25.06 -11.17 -67.80
C ALA D 22 -25.27 -9.72 -68.22
N TYR D 23 -24.96 -8.77 -67.32
CA TYR D 23 -25.13 -7.37 -67.67
C TYR D 23 -24.10 -6.92 -68.69
N GLU D 24 -22.88 -7.46 -68.65
CA GLU D 24 -21.89 -7.15 -69.67
C GLU D 24 -22.33 -7.68 -71.03
N GLN D 25 -22.92 -8.87 -71.05
CA GLN D 25 -23.48 -9.41 -72.28
C GLN D 25 -24.62 -8.52 -72.80
N ALA D 26 -25.45 -8.02 -71.88
CA ALA D 26 -26.52 -7.10 -72.27
C ALA D 26 -25.96 -5.80 -72.84
N VAL D 27 -24.87 -5.29 -72.25
CA VAL D 27 -24.22 -4.10 -72.77
C VAL D 27 -23.65 -4.37 -74.15
N ALA D 28 -23.10 -5.57 -74.36
CA ALA D 28 -22.64 -5.97 -75.68
C ALA D 28 -23.79 -5.99 -76.68
N ASN D 29 -24.96 -6.47 -76.26
CA ASN D 29 -26.17 -6.29 -77.07
C ASN D 29 -26.58 -4.83 -77.11
N GLY D 30 -26.85 -4.24 -75.94
CA GLY D 30 -27.14 -2.82 -75.82
C GLY D 30 -28.36 -2.36 -76.59
N ASP D 31 -29.47 -3.09 -76.46
CA ASP D 31 -30.64 -2.80 -77.28
C ASP D 31 -31.35 -1.53 -76.81
N SER D 32 -31.90 -1.55 -75.60
CA SER D 32 -32.67 -0.42 -75.08
C SER D 32 -32.81 -0.58 -73.58
N GLU D 33 -33.29 0.50 -72.95
CA GLU D 33 -33.41 0.55 -71.49
C GLU D 33 -34.51 -0.34 -70.94
N VAL D 34 -35.39 -0.89 -71.78
CA VAL D 34 -36.53 -1.66 -71.29
C VAL D 34 -36.06 -2.91 -70.54
N VAL D 35 -35.06 -3.60 -71.07
CA VAL D 35 -34.45 -4.72 -70.37
C VAL D 35 -33.12 -4.34 -69.74
N LEU D 36 -32.41 -3.34 -70.29
CA LEU D 36 -31.13 -2.94 -69.73
C LEU D 36 -31.30 -2.35 -68.33
N LYS D 37 -32.36 -1.58 -68.11
CA LYS D 37 -32.58 -1.03 -66.77
C LYS D 37 -32.91 -2.12 -65.77
N LYS D 38 -33.69 -3.12 -66.19
CA LYS D 38 -33.98 -4.26 -65.33
C LYS D 38 -32.71 -5.02 -64.98
N LEU D 39 -31.86 -5.27 -65.96
CA LEU D 39 -30.60 -5.95 -65.69
C LEU D 39 -29.68 -5.11 -64.83
N LYS D 40 -29.69 -3.78 -65.03
CA LYS D 40 -28.93 -2.89 -64.18
C LYS D 40 -29.39 -2.95 -62.74
N LYS D 41 -30.72 -3.01 -62.54
CA LYS D 41 -31.25 -3.11 -61.18
C LYS D 41 -30.86 -4.44 -60.54
N SER D 42 -30.91 -5.53 -61.30
CA SER D 42 -30.51 -6.83 -60.76
C SER D 42 -29.03 -6.85 -60.42
N LEU D 43 -28.20 -6.33 -61.31
CA LEU D 43 -26.77 -6.25 -61.04
C LEU D 43 -26.49 -5.38 -59.83
N ASN D 44 -27.20 -4.27 -59.68
CA ASN D 44 -26.93 -3.38 -58.57
C ASN D 44 -27.38 -3.96 -57.24
N VAL D 45 -28.52 -4.65 -57.21
CA VAL D 45 -28.94 -5.26 -55.95
C VAL D 45 -28.01 -6.41 -55.58
N ALA D 46 -27.55 -7.17 -56.58
CA ALA D 46 -26.55 -8.20 -56.30
C ALA D 46 -25.25 -7.58 -55.79
N LYS D 47 -24.84 -6.46 -56.38
CA LYS D 47 -23.64 -5.77 -55.94
C LYS D 47 -23.79 -5.29 -54.50
N SER D 48 -24.93 -4.72 -54.16
CA SER D 48 -25.13 -4.22 -52.81
C SER D 48 -25.11 -5.37 -51.80
N GLU D 49 -25.75 -6.49 -52.14
CA GLU D 49 -25.73 -7.63 -51.23
C GLU D 49 -24.32 -8.19 -51.06
N PHE D 50 -23.61 -8.38 -52.17
CA PHE D 50 -22.26 -8.90 -52.08
C PHE D 50 -21.35 -7.95 -51.32
N ASP D 51 -21.51 -6.64 -51.53
CA ASP D 51 -20.62 -5.70 -50.88
C ASP D 51 -20.91 -5.59 -49.40
N ARG D 52 -22.17 -5.71 -49.00
CA ARG D 52 -22.47 -5.81 -47.57
C ARG D 52 -21.83 -7.05 -46.97
N ASP D 53 -21.91 -8.17 -47.68
CA ASP D 53 -21.30 -9.41 -47.18
C ASP D 53 -19.79 -9.26 -47.07
N ALA D 54 -19.15 -8.69 -48.08
CA ALA D 54 -17.70 -8.53 -48.07
C ALA D 54 -17.25 -7.54 -47.02
N ALA D 55 -18.04 -6.49 -46.77
CA ALA D 55 -17.70 -5.56 -45.70
C ALA D 55 -17.79 -6.23 -44.34
N MET D 56 -18.82 -7.05 -44.13
CA MET D 56 -18.92 -7.76 -42.86
C MET D 56 -17.74 -8.72 -42.69
N GLN D 57 -17.37 -9.42 -43.75
CA GLN D 57 -16.23 -10.33 -43.68
C GLN D 57 -14.93 -9.57 -43.43
N ARG D 58 -14.77 -8.40 -44.05
CA ARG D 58 -13.58 -7.59 -43.82
C ARG D 58 -13.52 -7.10 -42.38
N LYS D 59 -14.66 -6.73 -41.81
CA LYS D 59 -14.68 -6.35 -40.40
C LYS D 59 -14.26 -7.51 -39.52
N LEU D 60 -14.75 -8.71 -39.84
CA LEU D 60 -14.37 -9.89 -39.07
C LEU D 60 -12.88 -10.20 -39.21
N GLU D 61 -12.34 -10.00 -40.41
CA GLU D 61 -10.91 -10.23 -40.63
C GLU D 61 -10.06 -9.23 -39.86
N LYS D 62 -10.46 -7.96 -39.82
CA LYS D 62 -9.74 -6.97 -39.03
C LYS D 62 -9.80 -7.31 -37.54
N MET D 63 -10.96 -7.77 -37.07
CA MET D 63 -11.06 -8.20 -35.68
C MET D 63 -10.16 -9.40 -35.40
N ALA D 64 -10.05 -10.33 -36.36
CA ALA D 64 -9.12 -11.42 -36.22
C ALA D 64 -7.67 -10.96 -36.15
N ASP D 65 -7.31 -9.94 -36.92
CA ASP D 65 -5.95 -9.41 -36.81
C ASP D 65 -5.70 -8.76 -35.45
N GLN D 66 -6.67 -8.02 -34.94
CA GLN D 66 -6.52 -7.43 -33.61
C GLN D 66 -6.48 -8.47 -32.52
N ALA D 67 -7.09 -9.63 -32.72
CA ALA D 67 -6.97 -10.73 -31.76
C ALA D 67 -5.71 -11.55 -31.97
N MET D 68 -5.10 -11.48 -33.15
CA MET D 68 -3.79 -12.11 -33.34
C MET D 68 -2.70 -11.31 -32.63
N THR D 69 -2.65 -10.01 -32.87
CA THR D 69 -1.54 -9.20 -32.36
C THR D 69 -1.54 -9.12 -30.84
N GLN D 70 -2.71 -8.90 -30.25
CA GLN D 70 -2.80 -8.79 -28.79
C GLN D 70 -2.40 -10.10 -28.12
N MET D 71 -2.84 -11.22 -28.67
CA MET D 71 -2.44 -12.51 -28.10
C MET D 71 -0.95 -12.74 -28.26
N TYR D 72 -0.38 -12.38 -29.41
CA TYR D 72 1.05 -12.59 -29.60
C TYR D 72 1.86 -11.78 -28.61
N LYS D 73 1.56 -10.48 -28.48
CA LYS D 73 2.37 -9.63 -27.63
C LYS D 73 1.90 -9.66 -26.19
N GLN D 74 0.95 -10.52 -25.86
CA GLN D 74 0.78 -10.94 -24.47
C GLN D 74 1.59 -12.20 -24.16
N ALA D 75 1.61 -13.16 -25.08
CA ALA D 75 2.38 -14.38 -24.85
C ALA D 75 3.87 -14.09 -24.79
N ARG D 76 4.37 -13.28 -25.71
CA ARG D 76 5.79 -12.93 -25.69
C ARG D 76 6.13 -12.12 -24.45
N SER D 77 5.24 -11.21 -24.04
CA SER D 77 5.50 -10.41 -22.85
C SER D 77 5.59 -11.27 -21.61
N GLU D 78 4.66 -12.22 -21.44
CA GLU D 78 4.72 -13.05 -20.25
C GLU D 78 5.90 -14.00 -20.30
N ASP D 79 6.30 -14.47 -21.49
CA ASP D 79 7.48 -15.32 -21.57
C ASP D 79 8.74 -14.55 -21.22
N LYS D 80 8.87 -13.32 -21.73
CA LYS D 80 10.05 -12.52 -21.43
C LYS D 80 10.11 -12.16 -19.95
N ARG D 81 8.97 -11.85 -19.35
CA ARG D 81 8.98 -11.45 -17.95
C ARG D 81 9.00 -12.61 -16.98
N ALA D 82 8.73 -13.83 -17.43
CA ALA D 82 8.82 -15.00 -16.56
C ALA D 82 10.15 -15.72 -16.68
N LYS D 83 11.00 -15.33 -17.62
CA LYS D 83 12.30 -15.94 -17.85
C LYS D 83 13.37 -14.87 -17.83
N VAL D 84 13.35 -14.03 -16.81
CA VAL D 84 14.34 -12.96 -16.68
C VAL D 84 15.47 -13.33 -15.72
N THR D 85 15.22 -14.23 -14.77
CA THR D 85 16.26 -14.56 -13.80
C THR D 85 17.38 -15.38 -14.43
N SER D 86 17.14 -16.07 -15.53
CA SER D 86 18.14 -16.91 -16.16
C SER D 86 18.64 -16.38 -17.49
N ALA D 87 17.78 -15.72 -18.27
CA ALA D 87 18.23 -15.12 -19.51
C ALA D 87 19.27 -14.04 -19.24
N MET D 88 19.10 -13.29 -18.14
CA MET D 88 20.07 -12.26 -17.79
C MET D 88 21.43 -12.86 -17.48
N GLN D 89 21.47 -13.97 -16.72
CA GLN D 89 22.75 -14.59 -16.41
C GLN D 89 23.40 -15.18 -17.64
N THR D 90 22.61 -15.85 -18.49
CA THR D 90 23.20 -16.42 -19.70
C THR D 90 23.72 -15.31 -20.62
N MET D 91 23.00 -14.20 -20.70
CA MET D 91 23.48 -13.05 -21.47
C MET D 91 24.77 -12.51 -20.89
N LEU D 92 24.85 -12.44 -19.56
CA LEU D 92 26.06 -11.93 -18.91
C LEU D 92 27.25 -12.79 -19.25
N PHE D 93 27.10 -14.10 -19.17
CA PHE D 93 28.26 -14.94 -19.44
C PHE D 93 28.58 -15.02 -20.93
N THR D 94 27.59 -14.82 -21.81
CA THR D 94 27.90 -14.66 -23.22
C THR D 94 28.77 -13.43 -23.44
N MET D 95 28.42 -12.32 -22.79
CA MET D 95 29.24 -11.12 -22.94
C MET D 95 30.61 -11.31 -22.33
N LEU D 96 30.70 -12.05 -21.22
CA LEU D 96 31.98 -12.25 -20.57
C LEU D 96 32.91 -13.12 -21.40
N ARG D 97 32.36 -14.11 -22.11
CA ARG D 97 33.17 -14.78 -23.12
C ARG D 97 33.54 -13.85 -24.26
N LYS D 98 32.64 -12.92 -24.61
CA LYS D 98 32.88 -12.04 -25.75
C LYS D 98 34.00 -11.04 -25.47
N LEU D 99 34.14 -10.60 -24.21
CA LEU D 99 35.15 -9.59 -23.88
C LEU D 99 36.55 -10.12 -24.13
N ASP D 100 36.81 -11.37 -23.73
CA ASP D 100 38.10 -12.03 -23.89
C ASP D 100 39.22 -11.23 -23.23
N ASN D 101 39.10 -11.07 -21.92
CA ASN D 101 40.14 -10.41 -21.14
C ASN D 101 41.03 -11.47 -20.50
N ASP D 102 41.96 -11.04 -19.65
CA ASP D 102 42.80 -11.97 -18.92
C ASP D 102 42.32 -12.18 -17.49
N ALA D 103 42.05 -11.08 -16.77
CA ALA D 103 41.66 -11.22 -15.38
C ALA D 103 40.28 -11.83 -15.25
N LEU D 104 39.34 -11.47 -16.13
CA LEU D 104 38.00 -12.04 -16.06
C LEU D 104 38.03 -13.54 -16.30
N ASN D 105 38.79 -13.98 -17.31
CA ASN D 105 38.93 -15.39 -17.57
C ASN D 105 39.62 -16.10 -16.40
N ASN D 106 40.59 -15.43 -15.78
CA ASN D 106 41.30 -16.05 -14.66
C ASN D 106 40.37 -16.26 -13.47
N ILE D 107 39.59 -15.26 -13.11
CA ILE D 107 38.73 -15.43 -11.94
C ILE D 107 37.57 -16.38 -12.26
N ILE D 108 37.06 -16.39 -13.49
CA ILE D 108 35.99 -17.32 -13.81
C ILE D 108 36.51 -18.76 -13.81
N ASN D 109 37.65 -18.99 -14.45
CA ASN D 109 38.20 -20.34 -14.50
C ASN D 109 38.63 -20.82 -13.12
N ASN D 110 39.00 -19.91 -12.22
CA ASN D 110 39.22 -20.36 -10.86
C ASN D 110 37.92 -20.60 -10.13
N ALA D 111 36.85 -19.85 -10.44
CA ALA D 111 35.59 -20.04 -9.76
C ALA D 111 34.85 -21.28 -10.21
N ARG D 112 35.18 -21.82 -11.38
CA ARG D 112 34.64 -23.13 -11.74
C ARG D 112 35.21 -24.21 -10.84
N ASP D 113 36.49 -24.10 -10.50
CA ASP D 113 37.17 -25.08 -9.67
C ASP D 113 37.08 -24.77 -8.19
N GLY D 114 36.05 -24.06 -7.75
CA GLY D 114 35.83 -23.83 -6.34
C GLY D 114 36.69 -22.78 -5.69
N CYS D 115 37.52 -22.08 -6.45
CA CYS D 115 38.48 -21.12 -5.87
C CYS D 115 37.89 -19.71 -5.92
N VAL D 116 36.84 -19.50 -5.14
CA VAL D 116 36.14 -18.22 -5.12
C VAL D 116 36.81 -17.30 -4.12
N PRO D 117 36.67 -15.98 -4.25
CA PRO D 117 37.11 -15.07 -3.19
C PRO D 117 35.98 -14.73 -2.23
N LEU D 118 36.35 -14.52 -0.97
CA LEU D 118 35.38 -14.27 0.08
C LEU D 118 35.07 -12.80 0.28
N ASN D 119 35.68 -11.92 -0.51
CA ASN D 119 35.33 -10.50 -0.47
C ASN D 119 35.69 -9.90 -1.81
N ILE D 120 35.30 -8.64 -2.00
CA ILE D 120 35.59 -7.95 -3.24
C ILE D 120 37.10 -7.86 -3.44
N ILE D 121 37.55 -8.16 -4.65
CA ILE D 121 38.97 -8.07 -4.97
C ILE D 121 39.37 -6.60 -4.91
N PRO D 122 40.31 -6.23 -4.04
CA PRO D 122 40.73 -4.83 -3.99
C PRO D 122 41.71 -4.51 -5.10
N LEU D 123 41.87 -3.21 -5.34
CA LEU D 123 42.74 -2.71 -6.39
C LEU D 123 43.93 -1.92 -5.86
N THR D 124 43.79 -1.31 -4.69
CA THR D 124 44.88 -0.53 -4.12
C THR D 124 46.01 -1.45 -3.65
N THR D 125 47.24 -0.97 -3.79
CA THR D 125 48.40 -1.73 -3.34
C THR D 125 48.34 -1.93 -1.83
N ALA D 126 48.77 -3.12 -1.40
CA ALA D 126 48.76 -3.52 0.02
C ALA D 126 47.35 -3.45 0.61
N ALA D 127 46.42 -4.10 -0.07
CA ALA D 127 45.07 -4.28 0.43
C ALA D 127 44.74 -5.78 0.46
N LYS D 128 43.80 -6.14 1.32
CA LYS D 128 43.60 -7.51 1.77
C LYS D 128 42.57 -8.24 0.90
N LEU D 129 42.79 -9.54 0.75
CA LEU D 129 41.91 -10.40 -0.04
C LEU D 129 41.92 -11.79 0.55
N MET D 130 40.74 -12.34 0.86
CA MET D 130 40.63 -13.68 1.45
C MET D 130 39.97 -14.60 0.43
N VAL D 131 40.74 -15.49 -0.17
CA VAL D 131 40.23 -16.38 -1.20
C VAL D 131 40.33 -17.81 -0.70
N VAL D 132 39.30 -18.60 -0.94
CA VAL D 132 39.31 -19.99 -0.54
C VAL D 132 39.93 -20.83 -1.66
N ILE D 133 40.83 -21.72 -1.28
CA ILE D 133 41.39 -22.75 -2.14
C ILE D 133 40.84 -24.09 -1.66
N PRO D 134 40.05 -24.79 -2.45
CA PRO D 134 39.35 -25.96 -1.93
C PRO D 134 40.03 -27.28 -2.25
N ASP D 135 41.06 -27.29 -3.10
CA ASP D 135 41.68 -28.55 -3.44
C ASP D 135 43.15 -28.33 -3.74
N TYR D 136 43.96 -29.36 -3.47
CA TYR D 136 45.39 -29.24 -3.68
C TYR D 136 45.73 -29.01 -5.14
N ASN D 137 44.92 -29.53 -6.05
CA ASN D 137 45.12 -29.24 -7.46
C ASN D 137 44.85 -27.77 -7.76
N THR D 138 43.87 -27.17 -7.08
CA THR D 138 43.65 -25.73 -7.21
C THR D 138 44.69 -24.92 -6.46
N TYR D 139 45.52 -25.56 -5.63
CA TYR D 139 46.61 -24.89 -4.95
C TYR D 139 47.90 -24.94 -5.75
N LYS D 140 48.12 -26.01 -6.51
CA LYS D 140 49.37 -26.15 -7.24
C LYS D 140 49.49 -25.14 -8.36
N ASN D 141 48.36 -24.65 -8.89
CA ASN D 141 48.40 -23.76 -10.04
C ASN D 141 48.61 -22.30 -9.68
N THR D 142 48.17 -21.87 -8.49
CA THR D 142 48.17 -20.46 -8.16
C THR D 142 49.27 -20.07 -7.18
N CYS D 143 49.71 -20.97 -6.32
CA CYS D 143 50.66 -20.66 -5.27
C CYS D 143 52.05 -21.11 -5.67
N ASP D 144 52.98 -20.15 -5.79
CA ASP D 144 54.37 -20.43 -6.12
C ASP D 144 55.24 -19.71 -5.09
N GLY D 145 55.85 -20.47 -4.20
CA GLY D 145 56.56 -19.85 -3.10
C GLY D 145 55.57 -19.12 -2.21
N THR D 146 55.83 -17.84 -1.98
CA THR D 146 54.91 -16.98 -1.27
C THR D 146 54.09 -16.11 -2.22
N THR D 147 54.21 -16.33 -3.52
CA THR D 147 53.43 -15.58 -4.50
C THR D 147 52.14 -16.32 -4.82
N PHE D 148 51.11 -15.55 -5.12
CA PHE D 148 49.76 -16.07 -5.33
C PHE D 148 49.23 -15.37 -6.56
N THR D 149 49.09 -16.10 -7.65
CA THR D 149 48.68 -15.51 -8.92
C THR D 149 47.16 -15.53 -9.02
N TYR D 150 46.55 -14.36 -9.10
CA TYR D 150 45.10 -14.28 -9.12
C TYR D 150 44.70 -12.97 -9.78
N ALA D 151 43.63 -13.04 -10.59
CA ALA D 151 43.12 -11.89 -11.33
C ALA D 151 44.20 -11.23 -12.18
N SER D 152 45.11 -12.05 -12.71
CA SER D 152 46.27 -11.60 -13.47
C SER D 152 47.09 -10.57 -12.69
N ALA D 153 47.30 -10.86 -11.41
CA ALA D 153 48.17 -10.03 -10.58
C ALA D 153 48.82 -10.91 -9.53
N LEU D 154 49.95 -10.44 -9.02
CA LEU D 154 50.70 -11.18 -8.01
C LEU D 154 50.33 -10.67 -6.64
N TRP D 155 50.07 -11.59 -5.72
CA TRP D 155 49.70 -11.27 -4.36
C TRP D 155 50.66 -11.99 -3.42
N GLU D 156 50.93 -11.40 -2.26
CA GLU D 156 51.79 -12.05 -1.30
C GLU D 156 50.93 -12.79 -0.28
N ILE D 157 51.26 -14.04 -0.03
CA ILE D 157 50.48 -14.85 0.90
C ILE D 157 50.82 -14.44 2.32
N GLN D 158 49.80 -14.11 3.10
CA GLN D 158 50.01 -13.81 4.51
C GLN D 158 49.64 -14.97 5.41
N GLN D 159 48.39 -15.42 5.35
CA GLN D 159 47.91 -16.37 6.35
C GLN D 159 47.03 -17.42 5.70
N VAL D 160 47.39 -18.68 5.85
CA VAL D 160 46.63 -19.79 5.31
C VAL D 160 45.99 -20.53 6.48
N VAL D 161 44.66 -20.58 6.50
CA VAL D 161 43.93 -21.18 7.61
C VAL D 161 42.97 -22.24 7.08
N ASP D 162 42.96 -23.41 7.70
CA ASP D 162 42.09 -24.48 7.23
C ASP D 162 40.69 -24.28 7.80
N ALA D 163 39.82 -25.27 7.61
CA ALA D 163 38.43 -25.15 8.03
C ALA D 163 38.28 -25.07 9.55
N ASP D 164 39.27 -25.58 10.28
CA ASP D 164 39.27 -25.48 11.74
C ASP D 164 39.80 -24.14 12.23
N SER D 165 40.14 -23.23 11.33
CA SER D 165 40.60 -21.86 11.56
C SER D 165 42.00 -21.77 12.17
N LYS D 166 42.65 -22.90 12.46
CA LYS D 166 44.00 -22.84 12.99
C LYS D 166 44.99 -22.54 11.88
N ILE D 167 45.95 -21.67 12.15
CA ILE D 167 46.90 -21.25 11.14
C ILE D 167 47.82 -22.41 10.79
N VAL D 168 48.00 -22.65 9.49
CA VAL D 168 48.93 -23.66 9.01
C VAL D 168 49.93 -22.99 8.10
N GLN D 169 51.22 -23.17 8.39
CA GLN D 169 52.26 -22.53 7.62
C GLN D 169 52.39 -23.19 6.25
N LEU D 170 53.08 -22.49 5.35
CA LEU D 170 53.24 -22.99 3.97
C LEU D 170 54.09 -24.24 3.89
N SER D 171 54.86 -24.54 4.94
CA SER D 171 55.67 -25.75 4.93
C SER D 171 54.79 -27.00 5.01
N GLU D 172 53.69 -26.94 5.76
CA GLU D 172 52.84 -28.10 5.93
C GLU D 172 52.04 -28.45 4.68
N ILE D 173 52.01 -27.58 3.68
CA ILE D 173 51.25 -27.87 2.46
C ILE D 173 52.14 -28.69 1.53
N SER D 174 52.13 -30.01 1.72
CA SER D 174 52.89 -30.92 0.88
C SER D 174 51.94 -31.97 0.33
N MET D 175 52.30 -32.54 -0.82
CA MET D 175 51.43 -33.52 -1.47
C MET D 175 51.20 -34.73 -0.58
N ASP D 176 52.25 -35.20 0.09
CA ASP D 176 52.08 -36.26 1.07
C ASP D 176 51.23 -35.79 2.24
N ASN D 177 51.46 -34.57 2.72
CA ASN D 177 50.74 -34.06 3.86
C ASN D 177 49.43 -33.38 3.49
N SER D 178 49.10 -33.33 2.20
CA SER D 178 47.83 -32.73 1.77
C SER D 178 46.60 -33.40 2.36
N PRO D 179 46.46 -34.74 2.37
CA PRO D 179 45.23 -35.32 2.95
C PRO D 179 45.07 -35.06 4.43
N ASN D 180 46.14 -34.72 5.15
CA ASN D 180 46.09 -34.59 6.60
C ASN D 180 45.60 -33.23 7.07
N LEU D 181 44.95 -32.45 6.22
CA LEU D 181 44.41 -31.15 6.58
C LEU D 181 42.92 -31.08 6.25
N ALA D 182 42.16 -30.38 7.08
CA ALA D 182 40.77 -30.10 6.73
C ALA D 182 40.78 -29.09 5.60
N TRP D 183 40.68 -29.58 4.36
CA TRP D 183 41.35 -28.89 3.26
C TRP D 183 40.81 -27.53 2.81
N PRO D 184 39.50 -27.15 2.94
CA PRO D 184 39.08 -25.91 2.28
C PRO D 184 39.76 -24.67 2.84
N LEU D 185 41.01 -24.47 2.44
CA LEU D 185 41.86 -23.43 2.99
C LEU D 185 41.33 -22.05 2.63
N ILE D 186 41.51 -21.11 3.54
CA ILE D 186 41.31 -19.69 3.27
C ILE D 186 42.67 -19.05 3.28
N VAL D 187 43.09 -18.47 2.16
CA VAL D 187 44.34 -17.76 2.06
C VAL D 187 44.02 -16.28 2.12
N THR D 188 44.52 -15.61 3.16
CA THR D 188 44.43 -14.17 3.31
C THR D 188 45.74 -13.62 2.76
N ALA D 189 45.65 -12.85 1.69
CA ALA D 189 46.79 -12.32 0.97
C ALA D 189 46.64 -10.82 0.80
N LEU D 190 47.71 -10.18 0.37
CA LEU D 190 47.75 -8.75 0.14
C LEU D 190 48.20 -8.49 -1.28
N ARG D 191 47.66 -7.44 -1.89
CA ARG D 191 48.03 -7.13 -3.27
C ARG D 191 49.47 -6.65 -3.35
N ALA D 192 50.21 -7.18 -4.31
CA ALA D 192 51.57 -6.73 -4.55
C ALA D 192 51.68 -6.07 -5.92
N ALA E 5 -2.50 -20.46 -23.49
CA ALA E 5 -1.65 -21.46 -22.85
C ALA E 5 -0.91 -22.27 -23.89
N VAL E 6 0.39 -21.98 -24.05
CA VAL E 6 1.25 -22.75 -24.92
C VAL E 6 2.15 -23.63 -24.06
N GLY E 7 2.87 -24.53 -24.71
CA GLY E 7 3.75 -25.41 -23.98
C GLY E 7 4.52 -26.31 -24.92
N ALA E 8 5.06 -27.38 -24.36
CA ALA E 8 5.89 -28.32 -25.09
C ALA E 8 5.18 -29.65 -25.21
N CYS E 9 5.35 -30.29 -26.37
CA CYS E 9 4.74 -31.59 -26.60
C CYS E 9 5.33 -32.63 -25.66
N VAL E 10 4.47 -33.49 -25.11
CA VAL E 10 4.98 -34.56 -24.25
C VAL E 10 5.50 -35.73 -25.04
N LEU E 11 5.58 -35.63 -26.35
CA LEU E 11 6.14 -36.69 -27.17
C LEU E 11 7.39 -36.28 -27.92
N CYS E 12 7.51 -35.01 -28.32
CA CYS E 12 8.66 -34.55 -29.08
C CYS E 12 9.22 -33.22 -28.62
N ASN E 13 8.67 -32.61 -27.57
CA ASN E 13 9.13 -31.35 -27.01
C ASN E 13 9.16 -30.21 -28.02
N SER E 14 8.17 -30.16 -28.90
CA SER E 14 7.99 -29.01 -29.77
C SER E 14 7.00 -28.04 -29.16
N GLN E 15 7.10 -26.78 -29.55
CA GLN E 15 6.15 -25.78 -29.10
C GLN E 15 4.79 -26.06 -29.71
N THR E 16 3.74 -25.95 -28.90
CA THR E 16 2.40 -26.27 -29.35
C THR E 16 1.38 -25.69 -28.39
N SER E 17 0.10 -25.79 -28.78
CA SER E 17 -0.99 -25.34 -27.94
C SER E 17 -2.20 -26.26 -28.02
N LEU E 18 -1.98 -27.55 -28.23
CA LEU E 18 -3.06 -28.53 -28.22
C LEU E 18 -2.96 -29.39 -26.98
N ARG E 19 -4.11 -29.85 -26.48
CA ARG E 19 -4.17 -30.73 -25.33
C ARG E 19 -5.23 -31.79 -25.59
N CYS E 20 -4.82 -33.04 -25.66
CA CYS E 20 -5.77 -34.12 -25.91
C CYS E 20 -6.66 -34.26 -24.68
N GLY E 21 -7.86 -33.68 -24.75
CA GLY E 21 -8.69 -33.55 -23.57
C GLY E 21 -9.34 -34.84 -23.12
N ALA E 22 -9.29 -35.89 -23.92
CA ALA E 22 -9.89 -37.15 -23.49
C ALA E 22 -9.03 -37.84 -22.44
N CYS E 23 -7.73 -37.55 -22.42
CA CYS E 23 -6.86 -38.06 -21.36
C CYS E 23 -7.27 -37.50 -20.03
N ILE E 24 -7.14 -38.31 -18.98
CA ILE E 24 -7.46 -37.84 -17.65
C ILE E 24 -6.49 -36.77 -17.20
N ARG E 25 -5.22 -36.89 -17.57
CA ARG E 25 -4.23 -35.92 -17.14
C ARG E 25 -4.06 -34.74 -18.09
N ARG E 26 -4.66 -34.79 -19.27
CA ARG E 26 -4.72 -33.66 -20.21
C ARG E 26 -3.33 -33.16 -20.60
N PRO E 27 -2.56 -33.92 -21.37
CA PRO E 27 -1.20 -33.51 -21.71
C PRO E 27 -1.17 -32.61 -22.94
N PHE E 28 -0.09 -31.83 -23.02
CA PHE E 28 0.14 -31.09 -24.24
C PHE E 28 0.50 -32.05 -25.38
N LEU E 29 0.29 -31.59 -26.60
CA LEU E 29 0.65 -32.39 -27.77
C LEU E 29 1.00 -31.45 -28.91
N CYS E 30 2.03 -31.81 -29.67
CA CYS E 30 2.30 -31.10 -30.89
C CYS E 30 1.23 -31.44 -31.93
N CYS E 31 1.19 -30.67 -33.01
CA CYS E 31 0.14 -30.83 -34.00
C CYS E 31 0.18 -32.21 -34.65
N LYS E 32 1.35 -32.61 -35.14
CA LYS E 32 1.48 -33.92 -35.77
C LYS E 32 1.20 -35.05 -34.76
N CYS E 33 1.75 -34.91 -33.55
CA CYS E 33 1.51 -35.92 -32.53
C CYS E 33 0.03 -35.96 -32.14
N CYS E 34 -0.62 -34.79 -32.08
CA CYS E 34 -2.04 -34.78 -31.74
C CYS E 34 -2.86 -35.46 -32.82
N TYR E 35 -2.52 -35.24 -34.08
CA TYR E 35 -3.23 -35.93 -35.16
C TYR E 35 -3.02 -37.43 -35.07
N ASP E 36 -1.78 -37.86 -34.87
CA ASP E 36 -1.50 -39.29 -34.79
C ASP E 36 -2.13 -39.94 -33.56
N HIS E 37 -2.39 -39.16 -32.50
CA HIS E 37 -3.04 -39.69 -31.32
C HIS E 37 -4.55 -39.74 -31.45
N VAL E 38 -5.17 -38.72 -32.05
CA VAL E 38 -6.63 -38.75 -32.22
C VAL E 38 -7.06 -39.57 -33.41
N ILE E 39 -6.14 -39.98 -34.29
CA ILE E 39 -6.52 -40.81 -35.41
C ILE E 39 -6.56 -42.29 -35.03
N SER E 40 -5.91 -42.68 -33.94
CA SER E 40 -5.76 -44.09 -33.59
C SER E 40 -6.64 -44.52 -32.44
N THR E 41 -6.56 -43.83 -31.31
CA THR E 41 -7.31 -44.23 -30.12
C THR E 41 -8.72 -43.64 -30.19
N SER E 42 -9.49 -43.84 -29.14
CA SER E 42 -10.81 -43.26 -29.03
C SER E 42 -10.78 -41.83 -28.50
N HIS E 43 -9.59 -41.25 -28.35
CA HIS E 43 -9.46 -39.85 -27.95
C HIS E 43 -9.95 -38.95 -29.07
N LYS E 44 -11.15 -38.41 -28.92
CA LYS E 44 -11.77 -37.57 -29.92
C LYS E 44 -12.24 -36.27 -29.30
N LEU E 45 -11.36 -35.63 -28.55
CA LEU E 45 -11.66 -34.32 -27.98
C LEU E 45 -10.36 -33.58 -27.77
N VAL E 46 -10.16 -32.49 -28.51
CA VAL E 46 -8.92 -31.74 -28.48
C VAL E 46 -9.22 -30.35 -27.94
N LEU E 47 -8.48 -29.92 -26.95
CA LEU E 47 -8.64 -28.60 -26.36
C LEU E 47 -7.52 -27.71 -26.88
N SER E 48 -7.88 -26.69 -27.64
CA SER E 48 -6.99 -25.61 -28.00
C SER E 48 -7.14 -24.52 -26.94
N VAL E 49 -6.70 -23.30 -27.25
CA VAL E 49 -6.88 -22.18 -26.32
C VAL E 49 -8.35 -21.97 -25.98
N ASN E 50 -9.25 -22.37 -26.86
CA ASN E 50 -10.65 -22.61 -26.54
C ASN E 50 -11.04 -23.97 -27.09
N PRO E 51 -11.97 -24.67 -26.43
CA PRO E 51 -12.23 -26.07 -26.81
C PRO E 51 -12.78 -26.21 -28.21
N TYR E 52 -12.41 -27.32 -28.87
CA TYR E 52 -12.91 -27.61 -30.21
C TYR E 52 -14.28 -28.28 -30.07
N VAL E 53 -15.31 -27.43 -29.98
CA VAL E 53 -16.70 -27.87 -29.99
C VAL E 53 -17.44 -27.04 -31.03
N CYS E 54 -18.55 -27.58 -31.52
CA CYS E 54 -19.39 -26.82 -32.44
C CYS E 54 -19.99 -25.63 -31.71
N ASN E 55 -19.51 -24.42 -32.01
CA ASN E 55 -19.92 -23.23 -31.28
C ASN E 55 -21.36 -22.83 -31.55
N ALA E 56 -22.01 -23.44 -32.53
CA ALA E 56 -23.45 -23.26 -32.69
C ALA E 56 -24.14 -23.81 -31.45
N PRO E 57 -25.00 -23.04 -30.78
CA PRO E 57 -25.56 -23.49 -29.49
C PRO E 57 -26.40 -24.75 -29.60
N GLY E 58 -27.05 -24.98 -30.73
CA GLY E 58 -27.86 -26.17 -30.88
C GLY E 58 -27.11 -27.35 -31.46
N CYS E 59 -25.97 -27.69 -30.88
CA CYS E 59 -25.20 -28.82 -31.37
C CYS E 59 -24.27 -29.31 -30.27
N ASP E 60 -24.01 -30.62 -30.27
CA ASP E 60 -23.00 -31.23 -29.41
C ASP E 60 -22.21 -32.22 -30.26
N VAL E 61 -21.18 -31.72 -30.94
CA VAL E 61 -20.21 -32.54 -31.66
C VAL E 61 -18.84 -32.05 -31.28
N THR E 62 -18.02 -32.95 -30.72
CA THR E 62 -16.73 -32.56 -30.16
C THR E 62 -15.55 -33.22 -30.84
N ASP E 63 -15.75 -34.27 -31.63
CA ASP E 63 -14.64 -34.97 -32.25
C ASP E 63 -13.89 -34.06 -33.22
N VAL E 64 -12.56 -34.12 -33.16
CA VAL E 64 -11.74 -33.23 -33.99
C VAL E 64 -11.56 -33.76 -35.41
N THR E 65 -11.97 -35.00 -35.68
CA THR E 65 -11.84 -35.50 -37.05
C THR E 65 -12.79 -34.76 -38.00
N GLN E 66 -13.96 -34.34 -37.49
CA GLN E 66 -14.90 -33.56 -38.27
C GLN E 66 -15.30 -32.32 -37.46
N LEU E 67 -14.49 -31.27 -37.58
CA LEU E 67 -14.85 -29.93 -37.14
C LEU E 67 -14.19 -28.94 -38.08
N TYR E 68 -14.93 -27.90 -38.47
CA TYR E 68 -14.47 -26.94 -39.45
C TYR E 68 -14.41 -25.56 -38.84
N LEU E 69 -13.30 -24.87 -39.10
CA LEU E 69 -13.06 -23.54 -38.58
C LEU E 69 -13.66 -22.50 -39.53
N GLY E 70 -14.47 -21.61 -38.98
CA GLY E 70 -15.08 -20.56 -39.76
C GLY E 70 -15.20 -19.27 -38.98
N GLY E 71 -14.93 -18.14 -39.64
CA GLY E 71 -14.94 -16.86 -38.97
C GLY E 71 -13.91 -16.80 -37.85
N MET E 72 -14.38 -16.86 -36.62
CA MET E 72 -13.51 -16.97 -35.47
C MET E 72 -13.94 -18.09 -34.53
N SER E 73 -14.78 -19.01 -34.99
CA SER E 73 -15.29 -20.10 -34.18
C SER E 73 -15.21 -21.40 -34.97
N TYR E 74 -15.74 -22.46 -34.38
CA TYR E 74 -15.70 -23.80 -34.97
C TYR E 74 -17.10 -24.35 -35.03
N TYR E 75 -17.38 -25.11 -36.09
CA TYR E 75 -18.72 -25.64 -36.33
C TYR E 75 -18.60 -27.05 -36.88
N CYS E 76 -19.68 -27.82 -36.71
CA CYS E 76 -19.76 -29.11 -37.36
C CYS E 76 -20.04 -28.92 -38.85
N LYS E 77 -20.22 -30.03 -39.56
CA LYS E 77 -20.57 -29.93 -40.98
C LYS E 77 -21.97 -29.38 -41.16
N SER E 78 -22.88 -29.64 -40.23
CA SER E 78 -24.25 -29.18 -40.34
C SER E 78 -24.38 -27.67 -40.16
N HIS E 79 -23.62 -27.07 -39.24
CA HIS E 79 -23.62 -25.63 -39.04
C HIS E 79 -22.42 -24.98 -39.71
N LYS E 80 -21.91 -25.60 -40.76
CA LYS E 80 -20.70 -25.12 -41.41
C LYS E 80 -20.95 -23.77 -42.07
N PRO E 81 -20.10 -22.77 -41.85
CA PRO E 81 -20.26 -21.48 -42.51
C PRO E 81 -19.93 -21.58 -43.98
N PRO E 82 -20.29 -20.58 -44.79
CA PRO E 82 -19.96 -20.65 -46.23
C PRO E 82 -18.48 -20.79 -46.51
N ILE E 83 -17.62 -20.13 -45.74
CA ILE E 83 -16.17 -20.30 -45.84
C ILE E 83 -15.69 -21.03 -44.59
N SER E 84 -15.03 -22.16 -44.79
CA SER E 84 -14.62 -23.00 -43.67
C SER E 84 -13.39 -23.79 -44.06
N PHE E 85 -12.55 -24.06 -43.06
CA PHE E 85 -11.33 -24.84 -43.25
C PHE E 85 -11.39 -26.08 -42.38
N PRO E 86 -11.12 -27.27 -42.91
CA PRO E 86 -11.16 -28.48 -42.07
C PRO E 86 -9.97 -28.52 -41.12
N LEU E 87 -10.24 -28.84 -39.86
CA LEU E 87 -9.17 -28.89 -38.87
C LEU E 87 -8.28 -30.10 -39.10
N CYS E 88 -8.85 -31.29 -38.99
CA CYS E 88 -8.10 -32.53 -39.21
C CYS E 88 -7.80 -32.64 -40.70
N ALA E 89 -6.56 -32.35 -41.09
CA ALA E 89 -6.27 -32.26 -42.52
C ALA E 89 -4.79 -32.54 -42.77
N ASN E 90 -4.54 -33.26 -43.87
CA ASN E 90 -3.21 -33.51 -44.45
C ASN E 90 -2.18 -33.93 -43.41
N GLY E 91 -2.60 -34.80 -42.49
CA GLY E 91 -1.69 -35.36 -41.50
C GLY E 91 -1.49 -34.54 -40.25
N GLN E 92 -2.22 -33.45 -40.09
CA GLN E 92 -2.07 -32.59 -38.92
C GLN E 92 -3.43 -32.18 -38.40
N VAL E 93 -3.41 -31.57 -37.22
CA VAL E 93 -4.59 -30.94 -36.62
C VAL E 93 -4.25 -29.49 -36.39
N PHE E 94 -5.13 -28.59 -36.83
CA PHE E 94 -4.83 -27.17 -36.82
C PHE E 94 -4.63 -26.65 -35.41
N GLY E 95 -3.56 -25.90 -35.21
CA GLY E 95 -3.21 -25.35 -33.91
C GLY E 95 -2.03 -24.43 -34.07
N LEU E 96 -1.64 -23.82 -32.96
CA LEU E 96 -0.57 -22.85 -33.00
C LEU E 96 0.77 -23.52 -33.31
N TYR E 97 1.70 -22.73 -33.82
CA TYR E 97 3.03 -23.19 -34.21
C TYR E 97 2.96 -24.38 -35.16
N LYS E 98 2.06 -24.27 -36.14
CA LYS E 98 1.79 -25.38 -37.04
C LYS E 98 2.98 -25.72 -37.93
N ASN E 99 3.77 -24.72 -38.29
CA ASN E 99 4.87 -24.97 -39.23
C ASN E 99 6.12 -25.52 -38.57
N THR E 100 6.23 -25.50 -37.24
CA THR E 100 7.44 -25.93 -36.56
C THR E 100 7.22 -27.15 -35.68
N CYS E 101 6.16 -27.92 -35.92
CA CYS E 101 5.88 -29.13 -35.16
C CYS E 101 6.58 -30.30 -35.82
N VAL E 102 7.72 -30.70 -35.28
CA VAL E 102 8.43 -31.88 -35.76
C VAL E 102 7.75 -33.12 -35.20
N GLY E 103 7.34 -34.02 -36.08
CA GLY E 103 6.62 -35.21 -35.67
C GLY E 103 7.51 -36.21 -34.97
N SER E 104 6.87 -37.24 -34.42
CA SER E 104 7.61 -38.30 -33.75
C SER E 104 6.94 -39.63 -34.05
N ASP E 105 7.74 -40.70 -34.06
CA ASP E 105 7.27 -42.04 -34.33
C ASP E 105 6.98 -42.82 -33.06
N ASN E 106 7.10 -42.19 -31.89
CA ASN E 106 6.88 -42.84 -30.61
C ASN E 106 5.42 -42.75 -30.16
N VAL E 107 4.48 -42.62 -31.10
CA VAL E 107 3.09 -42.43 -30.72
C VAL E 107 2.44 -43.70 -30.22
N THR E 108 3.01 -44.87 -30.52
CA THR E 108 2.40 -46.12 -30.05
C THR E 108 2.50 -46.25 -28.53
N ASP E 109 3.67 -45.94 -27.98
CA ASP E 109 3.84 -46.01 -26.52
C ASP E 109 2.95 -45.00 -25.83
N PHE E 110 2.84 -43.78 -26.38
CA PHE E 110 1.98 -42.78 -25.78
C PHE E 110 0.52 -43.19 -25.84
N ASN E 111 0.09 -43.79 -26.96
CA ASN E 111 -1.28 -44.29 -27.05
C ASN E 111 -1.53 -45.38 -26.02
N ALA E 112 -0.60 -46.31 -25.87
CA ALA E 112 -0.79 -47.40 -24.93
C ALA E 112 -0.79 -46.91 -23.49
N ILE E 113 0.04 -45.91 -23.18
CA ILE E 113 0.08 -45.37 -21.82
C ILE E 113 -1.21 -44.62 -21.51
N ALA E 114 -1.63 -43.74 -22.41
CA ALA E 114 -2.79 -42.90 -22.10
C ALA E 114 -4.10 -43.64 -22.30
N THR E 115 -4.07 -44.82 -22.91
CA THR E 115 -5.30 -45.57 -23.16
C THR E 115 -5.55 -46.64 -22.10
N CYS E 116 -4.50 -47.37 -21.72
CA CYS E 116 -4.67 -48.48 -20.78
C CYS E 116 -5.04 -47.99 -19.40
N ASP E 117 -5.74 -48.84 -18.64
CA ASP E 117 -6.34 -48.46 -17.38
C ASP E 117 -5.53 -48.90 -16.18
N TRP E 118 -4.25 -49.27 -16.38
CA TRP E 118 -3.32 -49.58 -15.30
C TRP E 118 -3.80 -50.77 -14.46
N THR E 119 -4.06 -51.88 -15.15
CA THR E 119 -4.52 -53.10 -14.50
C THR E 119 -3.56 -54.26 -14.67
N ASN E 120 -3.03 -54.46 -15.87
CA ASN E 120 -2.12 -55.56 -16.15
C ASN E 120 -0.67 -55.10 -16.02
N ALA E 121 0.24 -56.07 -15.91
CA ALA E 121 1.65 -55.76 -15.75
C ALA E 121 2.26 -55.17 -17.00
N GLY E 122 1.60 -55.30 -18.16
CA GLY E 122 2.14 -54.70 -19.37
C GLY E 122 2.18 -53.19 -19.31
N ASP E 123 1.17 -52.58 -18.69
CA ASP E 123 1.13 -51.14 -18.58
C ASP E 123 2.29 -50.61 -17.74
N TYR E 124 2.60 -51.29 -16.64
CA TYR E 124 3.67 -50.81 -15.77
C TYR E 124 5.03 -50.95 -16.44
N ILE E 125 5.29 -52.07 -17.11
CA ILE E 125 6.57 -52.22 -17.79
C ILE E 125 6.66 -51.29 -18.98
N LEU E 126 5.51 -50.88 -19.52
CA LEU E 126 5.52 -49.81 -20.52
C LEU E 126 5.79 -48.45 -19.86
N ALA E 127 5.49 -48.32 -18.58
CA ALA E 127 5.67 -47.07 -17.87
C ALA E 127 7.09 -46.88 -17.34
N ASN E 128 7.99 -47.84 -17.55
CA ASN E 128 9.35 -47.72 -17.04
C ASN E 128 10.42 -47.90 -18.11
N THR E 129 10.06 -48.34 -19.31
CA THR E 129 11.02 -48.49 -20.39
C THR E 129 10.87 -47.43 -21.46
N CYS E 130 10.00 -46.45 -21.28
CA CYS E 130 9.77 -45.41 -22.26
C CYS E 130 10.76 -44.27 -22.04
N THR E 131 10.54 -43.15 -22.73
CA THR E 131 11.42 -41.99 -22.59
C THR E 131 11.15 -41.28 -21.27
N GLU E 132 11.88 -40.19 -21.04
CA GLU E 132 11.77 -39.48 -19.77
C GLU E 132 10.41 -38.79 -19.63
N ARG E 133 10.00 -38.06 -20.67
CA ARG E 133 8.71 -37.38 -20.60
C ARG E 133 7.57 -38.37 -20.53
N LEU E 134 7.69 -39.48 -21.25
CA LEU E 134 6.68 -40.53 -21.14
C LEU E 134 6.70 -41.18 -19.76
N LYS E 135 7.88 -41.33 -19.15
CA LYS E 135 7.95 -41.81 -17.78
C LYS E 135 7.15 -40.92 -16.84
N LEU E 136 7.40 -39.61 -16.91
CA LEU E 136 6.70 -38.67 -16.04
C LEU E 136 5.20 -38.69 -16.29
N PHE E 137 4.81 -38.69 -17.57
CA PHE E 137 3.40 -38.68 -17.91
C PHE E 137 2.70 -39.95 -17.44
N ALA E 138 3.36 -41.10 -17.60
CA ALA E 138 2.77 -42.35 -17.17
C ALA E 138 2.60 -42.39 -15.66
N ALA E 139 3.61 -41.93 -14.92
CA ALA E 139 3.49 -41.90 -13.47
C ALA E 139 2.38 -40.96 -13.03
N GLU E 140 2.27 -39.81 -13.68
CA GLU E 140 1.24 -38.84 -13.30
C GLU E 140 -0.15 -39.35 -13.59
N THR E 141 -0.35 -39.99 -14.76
CA THR E 141 -1.68 -40.50 -15.05
C THR E 141 -2.00 -41.73 -14.21
N LEU E 142 -0.99 -42.49 -13.78
CA LEU E 142 -1.23 -43.58 -12.84
C LEU E 142 -1.71 -43.04 -11.50
N LYS E 143 -1.08 -41.98 -11.01
CA LYS E 143 -1.53 -41.36 -9.77
C LYS E 143 -2.94 -40.81 -9.91
N ALA E 144 -3.24 -40.22 -11.07
CA ALA E 144 -4.59 -39.71 -11.30
C ALA E 144 -5.62 -40.83 -11.34
N THR E 145 -5.27 -41.97 -11.94
CA THR E 145 -6.18 -43.11 -11.95
C THR E 145 -6.40 -43.64 -10.54
N GLU E 146 -5.33 -43.68 -9.73
CA GLU E 146 -5.50 -44.09 -8.34
C GLU E 146 -6.44 -43.15 -7.59
N GLU E 147 -6.31 -41.84 -7.82
CA GLU E 147 -7.19 -40.88 -7.16
C GLU E 147 -8.64 -41.06 -7.60
N THR E 148 -8.88 -41.27 -8.90
CA THR E 148 -10.25 -41.45 -9.37
C THR E 148 -10.85 -42.76 -8.88
N PHE E 149 -10.04 -43.81 -8.76
CA PHE E 149 -10.54 -45.04 -8.16
C PHE E 149 -10.86 -44.85 -6.69
N LYS E 150 -10.08 -44.02 -5.99
CA LYS E 150 -10.40 -43.67 -4.62
C LYS E 150 -11.71 -42.92 -4.53
N LEU E 151 -12.00 -42.08 -5.53
CA LEU E 151 -13.24 -41.30 -5.54
C LEU E 151 -14.49 -42.17 -5.66
N SER E 152 -14.36 -43.38 -6.19
CA SER E 152 -15.51 -44.24 -6.44
C SER E 152 -15.91 -45.07 -5.23
N TYR E 153 -15.54 -44.65 -4.03
CA TYR E 153 -15.89 -45.38 -2.82
C TYR E 153 -17.26 -44.92 -2.30
N GLY E 154 -17.80 -45.73 -1.39
CA GLY E 154 -19.15 -45.50 -0.89
C GLY E 154 -19.24 -44.35 0.09
N ILE E 155 -20.48 -44.03 0.45
CA ILE E 155 -20.80 -42.95 1.38
C ILE E 155 -21.30 -43.55 2.68
N ALA E 156 -20.75 -43.10 3.80
CA ALA E 156 -21.04 -43.70 5.10
C ALA E 156 -22.05 -42.83 5.85
N THR E 157 -23.29 -43.28 5.89
CA THR E 157 -24.32 -42.58 6.66
C THR E 157 -24.46 -43.27 8.01
N VAL E 158 -24.49 -42.48 9.08
CA VAL E 158 -24.58 -43.05 10.41
C VAL E 158 -26.00 -43.53 10.66
N ARG E 159 -26.15 -44.47 11.58
CA ARG E 159 -27.46 -44.92 12.03
C ARG E 159 -27.82 -44.41 13.41
N GLU E 160 -26.88 -44.50 14.35
CA GLU E 160 -27.07 -43.91 15.67
C GLU E 160 -25.70 -43.61 16.26
N VAL E 161 -25.70 -42.79 17.30
CA VAL E 161 -24.48 -42.38 17.99
C VAL E 161 -24.38 -43.20 19.27
N LEU E 162 -23.38 -44.08 19.35
CA LEU E 162 -23.24 -44.95 20.51
C LEU E 162 -22.69 -44.20 21.72
N SER E 163 -21.66 -43.39 21.52
CA SER E 163 -21.02 -42.65 22.60
C SER E 163 -20.48 -41.34 22.03
N ASP E 164 -19.78 -40.59 22.89
CA ASP E 164 -19.12 -39.37 22.42
C ASP E 164 -18.04 -39.66 21.39
N ARG E 165 -17.47 -40.86 21.40
CA ARG E 165 -16.42 -41.24 20.46
C ARG E 165 -16.79 -42.41 19.58
N GLU E 166 -17.76 -43.23 19.97
CA GLU E 166 -18.11 -44.44 19.24
C GLU E 166 -19.33 -44.20 18.38
N LEU E 167 -19.28 -44.64 17.12
CA LEU E 167 -20.33 -44.38 16.15
C LEU E 167 -20.70 -45.67 15.42
N HIS E 168 -21.98 -45.78 15.05
CA HIS E 168 -22.48 -46.90 14.27
C HIS E 168 -22.83 -46.41 12.87
N LEU E 169 -22.19 -46.99 11.87
CA LEU E 169 -22.28 -46.50 10.50
C LEU E 169 -22.93 -47.53 9.60
N SER E 170 -23.29 -47.08 8.40
CA SER E 170 -23.78 -47.95 7.34
C SER E 170 -23.33 -47.36 6.01
N TRP E 171 -22.69 -48.17 5.19
CA TRP E 171 -22.16 -47.71 3.91
C TRP E 171 -23.21 -47.94 2.82
N GLU E 172 -23.23 -47.03 1.86
CA GLU E 172 -24.21 -47.11 0.78
C GLU E 172 -23.91 -48.32 -0.11
N VAL E 173 -24.93 -49.14 -0.34
CA VAL E 173 -24.75 -50.35 -1.12
C VAL E 173 -24.68 -50.01 -2.60
N GLY E 174 -23.87 -50.78 -3.34
CA GLY E 174 -23.62 -50.54 -4.74
C GLY E 174 -22.22 -50.06 -5.04
N LYS E 175 -21.51 -49.55 -4.05
CA LYS E 175 -20.12 -49.15 -4.20
C LYS E 175 -19.34 -49.82 -3.07
N PRO E 176 -18.14 -50.35 -3.33
CA PRO E 176 -17.40 -51.06 -2.29
C PRO E 176 -17.02 -50.14 -1.14
N ARG E 177 -17.05 -50.70 0.06
CA ARG E 177 -16.72 -49.93 1.25
C ARG E 177 -15.20 -49.78 1.36
N PRO E 178 -14.68 -48.56 1.54
CA PRO E 178 -13.25 -48.41 1.72
C PRO E 178 -12.80 -49.03 3.03
N PRO E 179 -11.59 -49.60 3.08
CA PRO E 179 -11.10 -50.16 4.34
C PRO E 179 -10.85 -49.08 5.37
N LEU E 180 -10.92 -49.48 6.64
CA LEU E 180 -10.82 -48.56 7.77
C LEU E 180 -9.38 -48.54 8.25
N ASN E 181 -8.68 -47.45 8.00
CA ASN E 181 -7.33 -47.24 8.51
C ASN E 181 -7.06 -45.75 8.58
N ARG E 182 -5.87 -45.40 9.04
CA ARG E 182 -5.57 -44.00 9.36
C ARG E 182 -5.35 -43.15 8.12
N ASN E 183 -5.09 -43.75 6.96
CA ASN E 183 -4.81 -42.96 5.77
C ASN E 183 -6.07 -42.31 5.23
N TYR E 184 -7.17 -43.05 5.17
CA TYR E 184 -8.40 -42.56 4.56
C TYR E 184 -9.08 -41.56 5.48
N VAL E 185 -9.44 -40.40 4.92
CA VAL E 185 -10.16 -39.37 5.65
C VAL E 185 -11.52 -39.21 5.02
N PHE E 186 -12.43 -38.58 5.76
CA PHE E 186 -13.77 -38.30 5.28
C PHE E 186 -14.15 -36.87 5.64
N THR E 187 -15.05 -36.30 4.85
CA THR E 187 -15.68 -35.03 5.17
C THR E 187 -17.13 -35.29 5.54
N GLY E 188 -17.56 -34.73 6.67
CA GLY E 188 -18.93 -34.91 7.10
C GLY E 188 -19.87 -33.87 6.54
N TYR E 189 -21.13 -34.29 6.36
CA TYR E 189 -22.17 -33.45 5.81
C TYR E 189 -23.41 -33.57 6.67
N ARG E 190 -24.05 -32.44 6.94
CA ARG E 190 -25.26 -32.35 7.75
C ARG E 190 -26.38 -31.83 6.86
N VAL E 191 -27.34 -32.70 6.53
CA VAL E 191 -28.42 -32.36 5.61
C VAL E 191 -29.66 -32.10 6.46
N THR E 192 -30.01 -30.82 6.61
CA THR E 192 -31.24 -30.40 7.28
C THR E 192 -32.13 -29.65 6.31
N LYS E 193 -32.24 -30.18 5.08
CA LYS E 193 -32.92 -29.61 3.91
C LYS E 193 -32.23 -28.36 3.38
N ASN E 194 -31.15 -27.91 4.02
CA ASN E 194 -30.38 -26.77 3.56
C ASN E 194 -29.02 -26.80 4.27
N SER E 195 -28.13 -25.92 3.83
CA SER E 195 -26.84 -25.66 4.48
C SER E 195 -25.99 -26.93 4.57
N LYS E 196 -25.64 -27.45 3.39
CA LYS E 196 -24.75 -28.60 3.30
C LYS E 196 -23.30 -28.12 3.42
N VAL E 197 -22.88 -27.92 4.66
CA VAL E 197 -21.56 -27.39 4.97
C VAL E 197 -20.68 -28.52 5.48
N GLN E 198 -19.38 -28.44 5.16
CA GLN E 198 -18.42 -29.40 5.69
C GLN E 198 -18.36 -29.27 7.21
N ILE E 199 -18.87 -30.30 7.91
CA ILE E 199 -18.92 -30.26 9.37
C ILE E 199 -17.63 -30.75 10.01
N GLY E 200 -16.68 -31.22 9.23
CA GLY E 200 -15.39 -31.61 9.77
C GLY E 200 -14.75 -32.74 8.98
N GLU E 201 -13.47 -32.94 9.23
CA GLU E 201 -12.69 -34.02 8.66
C GLU E 201 -12.51 -35.10 9.72
N TYR E 202 -12.92 -36.31 9.40
CA TYR E 202 -12.97 -37.42 10.34
C TYR E 202 -12.14 -38.59 9.82
N THR E 203 -11.38 -39.20 10.72
CA THR E 203 -10.66 -40.44 10.42
C THR E 203 -11.28 -41.55 11.24
N PHE E 204 -11.45 -42.72 10.62
CA PHE E 204 -12.20 -43.82 11.20
C PHE E 204 -11.29 -44.98 11.56
N GLU E 205 -11.65 -45.69 12.62
CA GLU E 205 -10.99 -46.91 13.02
C GLU E 205 -12.05 -47.95 13.34
N LYS E 206 -11.78 -49.20 12.99
CA LYS E 206 -12.69 -50.28 13.37
C LYS E 206 -12.61 -50.50 14.88
N GLY E 207 -13.77 -50.72 15.51
CA GLY E 207 -13.81 -50.87 16.94
C GLY E 207 -13.25 -52.20 17.41
N ASP E 208 -13.05 -52.26 18.74
CA ASP E 208 -12.56 -53.49 19.35
C ASP E 208 -13.58 -54.61 19.24
N TYR E 209 -14.87 -54.29 19.42
CA TYR E 209 -15.93 -55.27 19.41
C TYR E 209 -17.13 -54.74 18.65
N GLY E 210 -17.75 -55.61 17.86
CA GLY E 210 -18.97 -55.27 17.15
C GLY E 210 -18.72 -54.40 15.94
N ASP E 211 -19.79 -54.21 15.16
CA ASP E 211 -19.76 -53.34 13.99
C ASP E 211 -19.83 -51.89 14.44
N ALA E 212 -18.69 -51.41 14.93
CA ALA E 212 -18.60 -50.07 15.48
C ALA E 212 -17.41 -49.33 14.87
N VAL E 213 -17.55 -48.02 14.74
CA VAL E 213 -16.52 -47.17 14.18
C VAL E 213 -16.15 -46.13 15.22
N VAL E 214 -14.87 -46.08 15.58
CA VAL E 214 -14.35 -45.04 16.46
C VAL E 214 -13.85 -43.93 15.56
N TYR E 215 -14.40 -42.74 15.72
CA TYR E 215 -14.06 -41.62 14.86
C TYR E 215 -13.23 -40.58 15.63
N ARG E 216 -12.26 -40.01 14.93
CA ARG E 216 -11.50 -38.87 15.43
C ARG E 216 -11.69 -37.72 14.46
N GLY E 217 -12.26 -36.63 14.95
CA GLY E 217 -12.63 -35.51 14.09
C GLY E 217 -11.81 -34.27 14.39
N THR E 218 -11.56 -33.48 13.35
CA THR E 218 -10.97 -32.17 13.54
C THR E 218 -11.90 -31.27 14.34
N THR E 219 -13.20 -31.33 14.03
CA THR E 219 -14.21 -30.57 14.73
C THR E 219 -14.76 -31.36 15.91
N THR E 220 -15.49 -30.66 16.78
CA THR E 220 -16.08 -31.27 17.97
C THR E 220 -17.61 -31.25 17.93
N TYR E 221 -18.18 -31.15 16.72
CA TYR E 221 -19.63 -31.15 16.58
C TYR E 221 -20.22 -32.50 16.98
N LYS E 222 -21.35 -32.47 17.67
CA LYS E 222 -22.03 -33.70 18.04
C LYS E 222 -22.71 -34.29 16.81
N LEU E 223 -22.48 -35.57 16.57
CA LEU E 223 -23.05 -36.23 15.40
C LEU E 223 -24.52 -36.55 15.63
N ASN E 224 -25.31 -36.41 14.59
CA ASN E 224 -26.71 -36.82 14.57
C ASN E 224 -26.91 -37.87 13.49
N VAL E 225 -28.15 -38.35 13.39
CA VAL E 225 -28.45 -39.47 12.50
C VAL E 225 -28.28 -39.07 11.03
N GLY E 226 -28.65 -37.84 10.69
CA GLY E 226 -28.66 -37.43 9.30
C GLY E 226 -27.32 -37.15 8.67
N ASP E 227 -26.25 -37.07 9.46
CA ASP E 227 -24.94 -36.73 8.92
C ASP E 227 -24.36 -37.92 8.16
N TYR E 228 -23.73 -37.62 7.03
CA TYR E 228 -23.09 -38.66 6.22
C TYR E 228 -21.69 -38.21 5.82
N PHE E 229 -20.79 -39.17 5.73
CA PHE E 229 -19.39 -38.92 5.42
C PHE E 229 -19.07 -39.35 4.00
N VAL E 230 -18.33 -38.50 3.30
CA VAL E 230 -17.90 -38.74 1.93
C VAL E 230 -16.38 -38.68 1.88
N LEU E 231 -15.77 -39.64 1.21
CA LEU E 231 -14.32 -39.69 1.12
C LEU E 231 -13.78 -38.53 0.28
N THR E 232 -12.67 -37.96 0.72
CA THR E 232 -12.06 -36.83 0.05
C THR E 232 -10.91 -37.31 -0.83
N SER E 233 -10.79 -36.70 -2.00
CA SER E 233 -9.74 -37.02 -2.96
C SER E 233 -8.78 -35.84 -3.09
N HIS E 234 -7.50 -36.15 -3.25
CA HIS E 234 -6.47 -35.14 -3.42
C HIS E 234 -6.21 -34.93 -4.90
N THR E 235 -6.21 -33.67 -5.33
CA THR E 235 -5.93 -33.33 -6.72
C THR E 235 -4.45 -33.51 -6.99
N VAL E 236 -4.09 -34.52 -7.78
CA VAL E 236 -2.69 -34.79 -8.07
C VAL E 236 -2.16 -33.71 -8.99
N MET E 237 -1.13 -33.04 -8.55
CA MET E 237 -0.56 -31.93 -9.30
C MET E 237 0.47 -32.44 -10.30
N PRO E 238 0.63 -31.74 -11.44
CA PRO E 238 1.61 -32.18 -12.42
C PRO E 238 3.03 -31.95 -11.95
N LEU E 239 3.95 -32.74 -12.50
CA LEU E 239 5.36 -32.65 -12.16
C LEU E 239 6.16 -32.26 -13.39
N SER E 240 7.37 -31.77 -13.15
CA SER E 240 8.21 -31.29 -14.24
C SER E 240 9.60 -31.89 -14.24
N ALA E 241 10.19 -32.12 -13.07
CA ALA E 241 11.58 -32.53 -13.00
C ALA E 241 11.76 -33.95 -13.51
N PRO E 242 12.94 -34.26 -14.06
CA PRO E 242 13.19 -35.63 -14.54
C PRO E 242 13.24 -36.62 -13.39
N THR E 243 13.02 -37.89 -13.74
CA THR E 243 13.11 -38.95 -12.75
C THR E 243 14.53 -39.10 -12.22
N LEU E 244 15.52 -39.05 -13.11
CA LEU E 244 16.93 -39.11 -12.73
C LEU E 244 17.66 -37.96 -13.37
N VAL E 245 18.38 -37.18 -12.57
CA VAL E 245 19.22 -36.11 -13.10
C VAL E 245 20.35 -36.77 -13.88
N PRO E 246 20.85 -36.14 -14.95
CA PRO E 246 21.88 -36.80 -15.77
C PRO E 246 23.19 -36.93 -15.01
N GLN E 247 23.74 -38.14 -15.04
CA GLN E 247 24.99 -38.40 -14.32
C GLN E 247 26.14 -37.65 -14.95
N GLU E 248 26.97 -37.06 -14.11
CA GLU E 248 28.17 -36.35 -14.57
C GLU E 248 29.30 -36.65 -13.61
N HIS E 249 30.21 -37.53 -14.01
CA HIS E 249 31.34 -37.88 -13.17
C HIS E 249 32.24 -36.67 -12.97
N TYR E 250 32.83 -36.59 -11.78
CA TYR E 250 33.75 -35.52 -11.45
C TYR E 250 35.14 -36.08 -11.27
N VAL E 251 36.15 -35.32 -11.68
CA VAL E 251 37.53 -35.77 -11.52
C VAL E 251 37.92 -35.79 -10.06
N ARG E 252 37.45 -34.82 -9.28
CA ARG E 252 37.77 -34.73 -7.88
C ARG E 252 36.52 -34.36 -7.10
N ILE E 253 36.58 -34.53 -5.78
CA ILE E 253 35.43 -34.31 -4.92
C ILE E 253 35.10 -32.83 -4.88
N THR E 254 33.86 -32.50 -5.21
CA THR E 254 33.39 -31.12 -5.23
C THR E 254 32.20 -30.98 -4.31
N GLY E 255 32.06 -29.80 -3.72
CA GLY E 255 30.97 -29.54 -2.80
C GLY E 255 31.05 -30.29 -1.48
N LEU E 256 32.15 -30.99 -1.24
CA LEU E 256 32.35 -31.75 -0.02
C LEU E 256 33.78 -31.56 0.47
N TYR E 257 33.98 -31.76 1.76
CA TYR E 257 35.29 -31.59 2.39
C TYR E 257 35.51 -32.74 3.35
N PRO E 258 36.26 -33.76 2.94
CA PRO E 258 36.37 -34.98 3.76
C PRO E 258 37.11 -34.72 5.07
N THR E 259 36.78 -35.54 6.06
CA THR E 259 37.37 -35.45 7.39
C THR E 259 38.19 -36.72 7.64
N LEU E 260 39.44 -36.55 8.02
CA LEU E 260 40.32 -37.69 8.26
C LEU E 260 39.94 -38.41 9.54
N ASN E 261 39.95 -39.74 9.48
CA ASN E 261 39.78 -40.61 10.65
C ASN E 261 38.46 -40.33 11.38
N ILE E 262 37.36 -40.60 10.69
CA ILE E 262 36.05 -40.30 11.24
C ILE E 262 35.72 -41.25 12.39
N SER E 263 35.96 -42.54 12.20
CA SER E 263 35.73 -43.58 13.20
C SER E 263 36.35 -44.87 12.69
N ASP E 264 36.29 -45.90 13.52
CA ASP E 264 36.85 -47.19 13.13
C ASP E 264 35.84 -48.09 12.45
N GLU E 265 34.57 -48.01 12.87
CA GLU E 265 33.55 -48.88 12.29
C GLU E 265 33.24 -48.51 10.85
N PHE E 266 33.45 -47.26 10.47
CA PHE E 266 33.20 -46.79 9.11
C PHE E 266 34.41 -46.96 8.21
N SER E 267 35.35 -47.83 8.58
CA SER E 267 36.60 -47.93 7.84
C SER E 267 36.38 -48.47 6.43
N SER E 268 35.59 -49.54 6.32
CA SER E 268 35.40 -50.18 5.03
C SER E 268 34.51 -49.36 4.09
N ASN E 269 33.85 -48.33 4.59
CA ASN E 269 32.94 -47.53 3.79
C ASN E 269 33.57 -46.23 3.29
N VAL E 270 34.86 -46.01 3.55
CA VAL E 270 35.50 -44.75 3.17
C VAL E 270 35.55 -44.63 1.64
N ALA E 271 35.91 -45.71 0.96
CA ALA E 271 36.00 -45.68 -0.50
C ALA E 271 34.65 -45.38 -1.13
N ASN E 272 33.58 -45.94 -0.57
CA ASN E 272 32.24 -45.66 -1.08
C ASN E 272 31.83 -44.22 -0.78
N TYR E 273 32.28 -43.66 0.36
CA TYR E 273 32.02 -42.24 0.62
C TYR E 273 32.70 -41.38 -0.42
N GLN E 274 33.94 -41.72 -0.78
CA GLN E 274 34.63 -40.97 -1.82
C GLN E 274 33.95 -41.14 -3.18
N LYS E 275 33.42 -42.33 -3.45
CA LYS E 275 32.71 -42.54 -4.71
C LYS E 275 31.43 -41.72 -4.77
N VAL E 276 30.71 -41.61 -3.65
CA VAL E 276 29.52 -40.76 -3.60
C VAL E 276 29.91 -39.30 -3.77
N GLY E 277 31.05 -38.91 -3.20
CA GLY E 277 31.55 -37.57 -3.46
C GLY E 277 31.90 -37.35 -4.92
N MET E 278 32.33 -38.41 -5.60
CA MET E 278 32.75 -38.28 -6.99
C MET E 278 31.56 -38.04 -7.91
N GLN E 279 30.63 -38.99 -7.96
CA GLN E 279 29.55 -38.98 -8.94
C GLN E 279 28.48 -37.97 -8.57
N LYS E 280 27.66 -37.61 -9.56
CA LYS E 280 26.54 -36.73 -9.30
C LYS E 280 25.45 -37.44 -8.50
N TYR E 281 25.10 -38.66 -8.91
CA TYR E 281 24.20 -39.49 -8.15
C TYR E 281 24.77 -40.89 -8.11
N SER E 282 24.39 -41.64 -7.09
CA SER E 282 24.89 -43.00 -6.95
C SER E 282 23.84 -43.87 -6.29
N THR E 283 23.94 -45.16 -6.52
CA THR E 283 22.99 -46.14 -6.03
C THR E 283 23.71 -47.19 -5.18
N LEU E 284 23.10 -47.54 -4.05
CA LEU E 284 23.64 -48.56 -3.15
C LEU E 284 22.59 -49.65 -2.97
N GLN E 285 22.89 -50.85 -3.44
CA GLN E 285 22.02 -52.01 -3.30
C GLN E 285 22.67 -53.01 -2.37
N GLY E 286 21.90 -53.50 -1.40
CA GLY E 286 22.38 -54.54 -0.52
C GLY E 286 21.25 -55.33 0.10
N PRO E 287 21.56 -56.55 0.54
CA PRO E 287 20.56 -57.36 1.25
C PRO E 287 20.15 -56.68 2.55
N PRO E 288 18.99 -57.03 3.10
CA PRO E 288 18.49 -56.30 4.28
C PRO E 288 19.39 -56.49 5.49
N GLY E 289 19.48 -55.44 6.30
CA GLY E 289 20.32 -55.47 7.48
C GLY E 289 21.80 -55.55 7.19
N THR E 290 22.27 -54.86 6.16
CA THR E 290 23.68 -54.86 5.81
C THR E 290 24.30 -53.47 5.93
N GLY E 291 23.70 -52.60 6.73
CA GLY E 291 24.27 -51.30 6.96
C GLY E 291 23.98 -50.26 5.90
N LYS E 292 23.02 -50.50 5.02
CA LYS E 292 22.72 -49.55 3.96
C LYS E 292 22.25 -48.22 4.52
N SER E 293 21.36 -48.26 5.51
CA SER E 293 20.95 -47.01 6.15
C SER E 293 22.08 -46.45 7.00
N HIS E 294 22.82 -47.31 7.69
CA HIS E 294 23.92 -46.87 8.53
C HIS E 294 25.10 -46.39 7.68
N PHE E 295 25.20 -46.87 6.44
CA PHE E 295 26.15 -46.31 5.49
C PHE E 295 25.87 -44.84 5.26
N ALA E 296 24.59 -44.47 5.14
CA ALA E 296 24.24 -43.07 4.92
C ALA E 296 24.60 -42.24 6.15
N ILE E 297 24.47 -42.82 7.34
CA ILE E 297 24.87 -42.12 8.55
C ILE E 297 26.37 -41.87 8.57
N GLY E 298 27.16 -42.90 8.26
CA GLY E 298 28.60 -42.70 8.16
C GLY E 298 29.00 -41.77 7.04
N LEU E 299 28.19 -41.71 5.99
CA LEU E 299 28.40 -40.75 4.92
C LEU E 299 28.18 -39.33 5.42
N ALA E 300 27.17 -39.14 6.27
CA ALA E 300 26.95 -37.83 6.88
C ALA E 300 28.12 -37.46 7.78
N LEU E 301 28.64 -38.42 8.53
CA LEU E 301 29.77 -38.14 9.41
C LEU E 301 31.03 -37.83 8.61
N TYR E 302 31.25 -38.52 7.50
CA TYR E 302 32.47 -38.36 6.71
C TYR E 302 32.55 -37.00 6.04
N TYR E 303 31.42 -36.34 5.78
CA TYR E 303 31.39 -35.00 5.21
C TYR E 303 30.56 -34.11 6.11
N PRO E 304 31.12 -33.70 7.25
CA PRO E 304 30.34 -32.92 8.23
C PRO E 304 29.96 -31.53 7.75
N SER E 305 30.59 -31.03 6.68
CA SER E 305 30.28 -29.72 6.13
C SER E 305 29.24 -29.79 5.02
N ALA E 306 28.34 -30.75 5.06
CA ALA E 306 27.33 -30.96 4.02
C ALA E 306 25.95 -30.95 4.62
N ARG E 307 25.09 -30.06 4.13
CA ARG E 307 23.71 -29.97 4.60
C ARG E 307 22.91 -31.12 3.98
N ILE E 308 22.70 -32.17 4.75
CA ILE E 308 22.17 -33.43 4.23
C ILE E 308 20.68 -33.51 4.52
N VAL E 309 19.90 -33.81 3.50
CA VAL E 309 18.48 -34.11 3.65
C VAL E 309 18.32 -35.61 3.46
N TYR E 310 17.97 -36.29 4.54
CA TYR E 310 17.49 -37.65 4.44
C TYR E 310 16.01 -37.62 4.14
N THR E 311 15.58 -38.34 3.12
CA THR E 311 14.17 -38.42 2.81
C THR E 311 13.82 -39.87 2.52
N ALA E 312 12.56 -40.21 2.78
CA ALA E 312 12.16 -41.60 2.63
C ALA E 312 10.70 -41.64 2.22
N CYS E 313 10.32 -42.77 1.60
CA CYS E 313 8.94 -42.93 1.15
C CYS E 313 8.00 -43.17 2.32
N SER E 314 8.39 -44.03 3.25
CA SER E 314 7.52 -44.43 4.34
C SER E 314 7.57 -43.38 5.45
N HIS E 315 6.99 -43.69 6.60
CA HIS E 315 7.04 -42.81 7.77
C HIS E 315 7.93 -43.40 8.86
N ALA E 316 7.66 -44.62 9.29
CA ALA E 316 8.51 -45.25 10.30
C ALA E 316 9.89 -45.56 9.75
N ALA E 317 10.05 -45.64 8.43
CA ALA E 317 11.40 -45.76 7.86
C ALA E 317 12.22 -44.51 8.11
N VAL E 318 11.64 -43.33 7.86
CA VAL E 318 12.38 -42.10 8.13
C VAL E 318 12.52 -41.90 9.64
N ASP E 319 11.58 -42.43 10.43
CA ASP E 319 11.72 -42.35 11.88
C ASP E 319 12.88 -43.21 12.37
N ALA E 320 13.04 -44.39 11.79
CA ALA E 320 14.17 -45.24 12.14
C ALA E 320 15.48 -44.62 11.68
N LEU E 321 15.44 -43.92 10.54
CA LEU E 321 16.61 -43.16 10.11
C LEU E 321 16.96 -42.07 11.12
N CYS E 322 15.94 -41.38 11.64
CA CYS E 322 16.16 -40.41 12.70
C CYS E 322 16.77 -41.04 13.94
N GLU E 323 16.27 -42.22 14.32
CA GLU E 323 16.79 -42.91 15.50
C GLU E 323 18.25 -43.30 15.31
N LYS E 324 18.60 -43.81 14.13
CA LYS E 324 19.98 -44.17 13.86
C LYS E 324 20.87 -42.94 13.87
N ALA E 325 20.38 -41.82 13.33
CA ALA E 325 21.14 -40.58 13.36
C ALA E 325 21.38 -40.12 14.79
N LEU E 326 20.34 -40.18 15.63
CA LEU E 326 20.51 -39.81 17.04
C LEU E 326 21.49 -40.74 17.73
N LYS E 327 21.53 -42.01 17.31
CA LYS E 327 22.51 -42.94 17.86
C LYS E 327 23.94 -42.53 17.49
N TYR E 328 24.16 -42.12 16.24
CA TYR E 328 25.51 -41.78 15.80
C TYR E 328 25.75 -40.30 15.60
N LEU E 329 24.95 -39.64 14.78
CA LEU E 329 25.20 -38.25 14.44
C LEU E 329 24.96 -37.35 15.65
N PRO E 330 25.68 -36.24 15.76
CA PRO E 330 25.39 -35.27 16.82
C PRO E 330 24.00 -34.69 16.65
N ILE E 331 23.30 -34.54 17.79
CA ILE E 331 21.86 -34.32 17.75
C ILE E 331 21.51 -32.93 17.25
N ASP E 332 22.20 -31.89 17.72
CA ASP E 332 21.71 -30.53 17.51
C ASP E 332 22.07 -29.95 16.14
N LYS E 333 21.87 -30.73 15.08
CA LYS E 333 21.73 -30.22 13.73
C LYS E 333 20.66 -30.99 12.96
N CYS E 334 19.97 -31.92 13.60
CA CYS E 334 19.01 -32.79 12.95
C CYS E 334 17.59 -32.32 13.27
N SER E 335 16.75 -32.34 12.23
CA SER E 335 15.35 -31.99 12.37
C SER E 335 14.52 -33.06 11.69
N ARG E 336 13.28 -33.21 12.13
CA ARG E 336 12.35 -34.19 11.59
C ARG E 336 11.08 -33.44 11.21
N ILE E 337 10.88 -33.23 9.91
CA ILE E 337 9.73 -32.46 9.44
C ILE E 337 8.53 -33.38 9.32
N ILE E 338 7.43 -33.01 9.98
CA ILE E 338 6.17 -33.74 9.84
C ILE E 338 5.22 -32.83 9.07
N PRO E 339 4.22 -33.38 8.38
CA PRO E 339 3.29 -32.53 7.65
C PRO E 339 2.35 -31.80 8.59
N ALA E 340 1.55 -30.90 7.99
CA ALA E 340 0.55 -30.16 8.76
C ALA E 340 -0.51 -31.10 9.33
N ARG E 341 -0.91 -32.10 8.55
CA ARG E 341 -1.89 -33.07 9.04
C ARG E 341 -1.26 -34.00 10.07
N ALA E 342 -0.28 -34.80 9.63
CA ALA E 342 0.50 -35.69 10.50
C ALA E 342 -0.39 -36.59 11.34
N ARG E 343 -1.33 -37.26 10.67
CA ARG E 343 -2.30 -38.10 11.38
C ARG E 343 -1.66 -39.36 11.95
N VAL E 344 -0.45 -39.71 11.51
CA VAL E 344 0.26 -40.88 12.01
C VAL E 344 1.30 -40.41 13.01
N GLU E 345 1.63 -41.28 13.96
CA GLU E 345 2.57 -40.93 15.02
C GLU E 345 3.99 -40.84 14.47
N CYS E 346 4.61 -39.68 14.63
CA CYS E 346 5.95 -39.42 14.15
C CYS E 346 6.97 -39.71 15.25
N PHE E 347 8.21 -39.30 15.03
CA PHE E 347 9.32 -39.48 15.96
C PHE E 347 9.67 -38.11 16.53
N ASP E 348 9.38 -37.90 17.82
CA ASP E 348 9.57 -36.61 18.45
C ASP E 348 10.75 -36.68 19.41
N LYS E 349 11.95 -36.53 18.86
CA LYS E 349 13.15 -36.30 19.65
C LYS E 349 14.05 -35.21 19.09
N PHE E 350 13.97 -34.89 17.81
CA PHE E 350 14.69 -33.78 17.22
C PHE E 350 13.82 -32.53 17.23
N LYS E 351 14.41 -31.41 16.85
CA LYS E 351 13.67 -30.15 16.77
C LYS E 351 12.71 -30.25 15.59
N VAL E 352 11.42 -30.44 15.90
CA VAL E 352 10.44 -30.79 14.88
C VAL E 352 10.17 -29.59 13.98
N ASN E 353 10.08 -29.85 12.68
CA ASN E 353 9.72 -28.87 11.65
C ASN E 353 10.72 -27.70 11.63
N SER E 354 11.98 -28.04 11.38
CA SER E 354 13.06 -27.06 11.27
C SER E 354 13.74 -27.28 9.92
N THR E 355 13.27 -26.58 8.90
CA THR E 355 13.85 -26.71 7.56
C THR E 355 15.28 -26.18 7.53
N LEU E 356 15.59 -25.18 8.33
CA LEU E 356 16.87 -24.49 8.27
C LEU E 356 18.01 -25.28 8.89
N GLU E 357 17.74 -26.41 9.52
CA GLU E 357 18.80 -27.20 10.15
C GLU E 357 19.64 -27.89 9.08
N GLN E 358 20.73 -28.52 9.53
CA GLN E 358 21.69 -29.09 8.59
C GLN E 358 21.28 -30.50 8.17
N TYR E 359 20.83 -31.32 9.11
CA TYR E 359 20.49 -32.72 8.85
C TYR E 359 18.98 -32.86 8.94
N VAL E 360 18.30 -32.69 7.80
CA VAL E 360 16.85 -32.58 7.75
C VAL E 360 16.27 -33.90 7.28
N PHE E 361 15.31 -34.44 8.04
CA PHE E 361 14.70 -35.72 7.76
C PHE E 361 13.25 -35.51 7.36
N CYS E 362 12.81 -36.20 6.31
CA CYS E 362 11.46 -35.95 5.83
C CYS E 362 10.94 -37.13 5.02
N THR E 363 9.61 -37.19 4.94
CA THR E 363 8.94 -38.02 3.97
C THR E 363 8.99 -37.36 2.60
N VAL E 364 8.80 -38.16 1.56
CA VAL E 364 8.89 -37.66 0.19
C VAL E 364 7.83 -36.59 -0.07
N ASN E 365 6.59 -36.86 0.32
CA ASN E 365 5.50 -35.97 -0.01
C ASN E 365 5.55 -34.67 0.78
N ALA E 366 6.26 -34.66 1.91
CA ALA E 366 6.31 -33.49 2.78
C ALA E 366 7.57 -32.67 2.59
N LEU E 367 8.34 -32.94 1.54
CA LEU E 367 9.59 -32.22 1.33
C LEU E 367 9.33 -30.75 1.04
N PRO E 368 10.11 -29.84 1.61
CA PRO E 368 9.98 -28.42 1.26
C PRO E 368 10.89 -28.04 0.11
N GLU E 369 10.42 -27.09 -0.71
CA GLU E 369 11.18 -26.65 -1.87
C GLU E 369 12.43 -25.92 -1.42
N THR E 370 13.59 -26.57 -1.55
CA THR E 370 14.81 -26.04 -0.95
C THR E 370 16.03 -26.43 -1.77
N THR E 371 17.09 -25.66 -1.59
CA THR E 371 18.42 -26.08 -1.97
C THR E 371 19.01 -26.93 -0.85
N ALA E 372 19.97 -27.77 -1.22
CA ALA E 372 20.59 -28.65 -0.25
C ALA E 372 21.92 -29.13 -0.80
N ASP E 373 22.70 -29.73 0.09
CA ASP E 373 23.85 -30.54 -0.29
C ASP E 373 23.34 -31.96 -0.49
N ILE E 374 24.25 -32.94 -0.46
CA ILE E 374 23.99 -34.35 -0.72
C ILE E 374 22.74 -34.84 -0.01
N VAL E 375 21.80 -35.38 -0.79
CA VAL E 375 20.49 -35.81 -0.31
C VAL E 375 20.41 -37.32 -0.46
N VAL E 376 19.98 -37.99 0.61
CA VAL E 376 19.93 -39.44 0.65
C VAL E 376 18.48 -39.88 0.64
N PHE E 377 18.09 -40.59 -0.41
CA PHE E 377 16.78 -41.19 -0.54
C PHE E 377 16.86 -42.61 -0.01
N ASP E 378 15.94 -42.97 0.87
CA ASP E 378 15.97 -44.24 1.57
C ASP E 378 14.79 -45.09 1.13
N GLU E 379 15.06 -46.39 0.89
CA GLU E 379 14.08 -47.36 0.45
C GLU E 379 13.43 -46.93 -0.86
N ILE E 380 14.27 -46.91 -1.91
CA ILE E 380 13.81 -46.57 -3.25
C ILE E 380 12.79 -47.57 -3.76
N SER E 381 12.87 -48.83 -3.31
CA SER E 381 11.90 -49.82 -3.75
C SER E 381 10.48 -49.47 -3.32
N MET E 382 10.33 -48.79 -2.19
CA MET E 382 9.01 -48.39 -1.74
C MET E 382 8.41 -47.26 -2.56
N ALA E 383 9.18 -46.61 -3.44
CA ALA E 383 8.76 -45.39 -4.09
C ALA E 383 8.60 -45.59 -5.59
N THR E 384 7.65 -44.86 -6.16
CA THR E 384 7.41 -44.87 -7.60
C THR E 384 7.99 -43.60 -8.23
N ASN E 385 7.89 -43.54 -9.57
CA ASN E 385 8.48 -42.45 -10.32
C ASN E 385 7.90 -41.10 -9.95
N TYR E 386 6.67 -41.07 -9.45
CA TYR E 386 6.13 -39.83 -8.90
C TYR E 386 6.98 -39.35 -7.73
N ASP E 387 7.37 -40.27 -6.84
CA ASP E 387 8.18 -39.88 -5.70
C ASP E 387 9.55 -39.38 -6.12
N LEU E 388 10.18 -40.05 -7.08
CA LEU E 388 11.49 -39.62 -7.54
C LEU E 388 11.40 -38.26 -8.22
N SER E 389 10.33 -38.03 -9.00
CA SER E 389 10.15 -36.72 -9.61
C SER E 389 9.92 -35.65 -8.56
N VAL E 390 9.18 -35.97 -7.49
CA VAL E 390 8.95 -35.00 -6.43
C VAL E 390 10.25 -34.64 -5.72
N VAL E 391 11.04 -35.66 -5.36
CA VAL E 391 12.28 -35.41 -4.64
C VAL E 391 13.29 -34.71 -5.53
N ASN E 392 13.21 -34.91 -6.84
CA ASN E 392 14.11 -34.23 -7.75
C ASN E 392 13.59 -32.86 -8.17
N ALA E 393 12.34 -32.53 -7.87
CA ALA E 393 11.80 -31.22 -8.14
C ALA E 393 11.88 -30.27 -6.95
N ARG E 394 11.77 -30.79 -5.73
CA ARG E 394 11.76 -29.94 -4.56
C ARG E 394 13.14 -29.69 -3.98
N LEU E 395 14.06 -30.63 -4.08
CA LEU E 395 15.38 -30.53 -3.49
C LEU E 395 16.41 -30.38 -4.59
N ARG E 396 16.95 -29.18 -4.77
CA ARG E 396 18.05 -28.99 -5.71
C ARG E 396 19.37 -29.16 -4.98
N ALA E 397 20.18 -30.12 -5.42
CA ALA E 397 21.33 -30.55 -4.63
C ALA E 397 22.51 -30.82 -5.53
N LYS E 398 23.67 -31.02 -4.89
CA LYS E 398 24.92 -31.26 -5.58
C LYS E 398 25.36 -32.71 -5.57
N HIS E 399 24.70 -33.57 -4.79
CA HIS E 399 25.00 -34.98 -4.78
C HIS E 399 23.74 -35.74 -4.35
N TYR E 400 23.48 -36.85 -5.02
CA TYR E 400 22.30 -37.67 -4.73
C TYR E 400 22.75 -39.08 -4.41
N VAL E 401 22.24 -39.63 -3.33
CA VAL E 401 22.47 -41.03 -2.99
C VAL E 401 21.12 -41.70 -2.91
N TYR E 402 20.97 -42.84 -3.57
CA TYR E 402 19.75 -43.64 -3.51
C TYR E 402 20.11 -44.98 -2.89
N ILE E 403 19.59 -45.26 -1.71
CA ILE E 403 19.89 -46.50 -1.01
C ILE E 403 18.60 -47.29 -0.84
N GLY E 404 18.68 -48.59 -1.04
CA GLY E 404 17.53 -49.45 -0.97
C GLY E 404 17.79 -50.76 -1.69
N ASP E 405 16.86 -51.68 -1.52
CA ASP E 405 17.03 -53.03 -2.03
C ASP E 405 15.89 -53.41 -2.96
N PRO E 406 16.18 -53.86 -4.18
CA PRO E 406 15.10 -54.36 -5.04
C PRO E 406 14.40 -55.60 -4.52
N ALA E 407 15.03 -56.36 -3.62
CA ALA E 407 14.42 -57.61 -3.19
C ALA E 407 13.27 -57.38 -2.21
N GLN E 408 13.19 -56.21 -1.59
CA GLN E 408 12.12 -55.92 -0.65
C GLN E 408 10.80 -55.69 -1.39
N LEU E 409 9.74 -55.53 -0.61
CA LEU E 409 8.42 -55.32 -1.19
C LEU E 409 8.32 -53.92 -1.79
N PRO E 410 7.68 -53.77 -2.95
CA PRO E 410 7.63 -52.46 -3.60
C PRO E 410 6.52 -51.57 -3.08
N ALA E 411 6.23 -50.51 -3.84
CA ALA E 411 5.06 -49.69 -3.56
C ALA E 411 3.80 -50.52 -3.75
N PRO E 412 2.70 -50.17 -3.06
CA PRO E 412 1.51 -51.04 -3.12
C PRO E 412 0.92 -51.21 -4.51
N ARG E 413 0.71 -50.11 -5.23
CA ARG E 413 0.09 -50.12 -6.56
C ARG E 413 -1.28 -50.81 -6.52
N THR E 414 -2.22 -50.15 -5.82
CA THR E 414 -3.52 -50.75 -5.59
C THR E 414 -4.29 -51.02 -6.88
N LEU E 415 -3.99 -50.28 -7.94
CA LEU E 415 -4.65 -50.52 -9.22
C LEU E 415 -4.25 -51.86 -9.81
N LEU E 416 -3.00 -52.26 -9.63
CA LEU E 416 -2.54 -53.52 -10.20
C LEU E 416 -3.16 -54.69 -9.47
N THR E 417 -3.78 -55.60 -10.23
CA THR E 417 -4.36 -56.80 -9.64
C THR E 417 -4.06 -58.08 -10.41
N LYS E 418 -3.76 -58.03 -11.70
CA LYS E 418 -3.56 -59.22 -12.51
C LYS E 418 -2.14 -59.24 -13.05
N GLY E 419 -1.46 -60.36 -12.83
CA GLY E 419 -0.05 -60.45 -13.12
C GLY E 419 0.80 -59.91 -11.97
N THR E 420 2.08 -60.24 -12.02
CA THR E 420 3.00 -59.83 -10.98
C THR E 420 4.11 -58.98 -11.59
N LEU E 421 4.57 -58.00 -10.82
CA LEU E 421 5.60 -57.08 -11.30
C LEU E 421 6.98 -57.68 -11.05
N GLU E 422 7.81 -57.69 -12.10
CA GLU E 422 9.20 -58.03 -11.91
C GLU E 422 9.89 -56.93 -11.10
N PRO E 423 10.94 -57.27 -10.34
CA PRO E 423 11.59 -56.24 -9.52
C PRO E 423 12.14 -55.07 -10.32
N GLU E 424 12.74 -55.34 -11.47
CA GLU E 424 13.49 -54.32 -12.20
C GLU E 424 12.62 -53.20 -12.75
N TYR E 425 11.30 -53.36 -12.74
CA TYR E 425 10.41 -52.31 -13.19
C TYR E 425 9.75 -51.56 -12.05
N PHE E 426 10.30 -51.64 -10.84
CA PHE E 426 9.69 -50.94 -9.70
C PHE E 426 9.66 -49.44 -9.94
N ASN E 427 10.79 -48.86 -10.33
CA ASN E 427 10.89 -47.46 -10.73
C ASN E 427 12.18 -47.31 -11.51
N SER E 428 12.57 -46.05 -11.78
CA SER E 428 13.75 -45.82 -12.58
C SER E 428 15.02 -46.30 -11.89
N VAL E 429 15.12 -46.05 -10.58
CA VAL E 429 16.36 -46.36 -9.87
C VAL E 429 16.55 -47.87 -9.73
N CYS E 430 15.45 -48.60 -9.48
CA CYS E 430 15.58 -50.06 -9.44
C CYS E 430 15.92 -50.62 -10.80
N ARG E 431 15.44 -50.00 -11.88
CA ARG E 431 15.84 -50.40 -13.21
C ARG E 431 17.33 -50.14 -13.42
N LEU E 432 17.82 -49.01 -12.90
CA LEU E 432 19.25 -48.73 -12.95
C LEU E 432 20.05 -49.79 -12.20
N MET E 433 19.54 -50.20 -11.03
CA MET E 433 20.23 -51.21 -10.23
C MET E 433 20.28 -52.55 -10.94
N LYS E 434 19.20 -52.95 -11.58
CA LYS E 434 19.15 -54.26 -12.19
C LYS E 434 19.62 -54.28 -13.64
N THR E 435 19.98 -53.14 -14.21
CA THR E 435 20.53 -53.10 -15.57
C THR E 435 22.05 -53.11 -15.57
N ILE E 436 22.67 -52.11 -14.95
CA ILE E 436 24.12 -51.95 -14.98
C ILE E 436 24.78 -52.29 -13.66
N GLY E 437 24.00 -52.64 -12.64
CA GLY E 437 24.55 -52.96 -11.34
C GLY E 437 24.61 -51.74 -10.45
N PRO E 438 24.61 -51.97 -9.14
CA PRO E 438 24.69 -50.86 -8.20
C PRO E 438 26.05 -50.19 -8.24
N ASP E 439 26.06 -48.88 -7.99
CA ASP E 439 27.33 -48.16 -7.92
C ASP E 439 28.14 -48.60 -6.71
N MET E 440 27.48 -48.78 -5.56
CA MET E 440 28.10 -49.39 -4.40
C MET E 440 27.30 -50.60 -3.99
N PHE E 441 27.98 -51.63 -3.50
CA PHE E 441 27.33 -52.88 -3.13
C PHE E 441 28.02 -53.48 -1.93
N LEU E 442 27.24 -53.83 -0.91
CA LEU E 442 27.78 -54.43 0.31
C LEU E 442 26.80 -55.48 0.81
N GLY E 443 27.18 -56.75 0.76
CA GLY E 443 26.33 -57.76 1.34
C GLY E 443 26.99 -58.60 2.43
N THR E 444 26.61 -58.34 3.67
CA THR E 444 26.90 -59.17 4.84
C THR E 444 26.04 -58.65 5.98
N CYS E 445 25.21 -59.51 6.57
CA CYS E 445 24.21 -59.04 7.52
C CYS E 445 24.85 -58.75 8.87
N ARG E 446 24.74 -57.50 9.32
CA ARG E 446 25.13 -57.11 10.66
C ARG E 446 23.92 -56.97 11.58
N ARG E 447 22.80 -57.59 11.22
CA ARG E 447 21.55 -57.40 11.93
C ARG E 447 21.05 -58.67 12.60
N CYS E 448 20.89 -59.71 11.86
CA CYS E 448 20.18 -60.91 12.26
C CYS E 448 21.14 -62.03 12.61
N PRO E 449 20.74 -62.95 13.50
CA PRO E 449 21.59 -64.11 13.79
C PRO E 449 21.70 -65.09 12.63
N ALA E 450 22.38 -66.21 12.85
CA ALA E 450 22.82 -67.05 11.75
C ALA E 450 21.68 -67.83 11.10
N GLU E 451 20.74 -68.32 11.90
CA GLU E 451 19.71 -69.20 11.33
C GLU E 451 18.76 -68.43 10.42
N ILE E 452 18.34 -67.24 10.82
CA ILE E 452 17.40 -66.46 10.03
C ILE E 452 18.03 -66.03 8.70
N VAL E 453 19.28 -65.57 8.75
CA VAL E 453 19.94 -65.17 7.52
C VAL E 453 20.24 -66.40 6.65
N ASP E 454 20.47 -67.56 7.25
CA ASP E 454 20.62 -68.78 6.46
C ASP E 454 19.34 -69.13 5.74
N THR E 455 18.20 -69.00 6.43
CA THR E 455 16.91 -69.27 5.80
C THR E 455 16.64 -68.29 4.67
N VAL E 456 16.93 -67.00 4.90
CA VAL E 456 16.68 -66.02 3.86
C VAL E 456 17.67 -66.16 2.71
N SER E 457 18.81 -66.81 2.93
CA SER E 457 19.68 -67.20 1.84
C SER E 457 19.22 -68.48 1.16
N ALA E 458 18.35 -69.26 1.81
CA ALA E 458 17.64 -70.33 1.14
C ALA E 458 16.36 -69.85 0.45
N LEU E 459 15.93 -68.65 0.78
CA LEU E 459 14.74 -68.02 0.20
C LEU E 459 15.15 -67.27 -1.07
N VAL E 460 14.32 -66.31 -1.48
CA VAL E 460 14.45 -65.50 -2.71
C VAL E 460 15.89 -65.11 -3.00
N TYR E 461 16.63 -64.70 -1.97
CA TYR E 461 18.06 -64.48 -2.12
C TYR E 461 18.75 -65.79 -2.44
N ASP E 462 19.20 -65.95 -3.67
CA ASP E 462 20.08 -67.06 -4.01
C ASP E 462 21.33 -66.92 -3.15
N ASN E 463 21.76 -68.03 -2.54
CA ASN E 463 22.62 -67.98 -1.36
C ASN E 463 23.90 -67.19 -1.57
N LYS E 464 23.95 -66.02 -0.94
CA LYS E 464 25.09 -65.12 -1.02
C LYS E 464 25.45 -64.49 0.32
N LEU E 465 24.58 -64.56 1.32
CA LEU E 465 24.83 -63.89 2.59
C LEU E 465 25.90 -64.62 3.40
N LYS E 466 26.73 -63.84 4.08
CA LYS E 466 27.84 -64.34 4.89
C LYS E 466 27.85 -63.62 6.23
N ALA E 467 26.69 -63.59 6.89
CA ALA E 467 26.47 -62.75 8.06
C ALA E 467 27.40 -63.09 9.21
N HIS E 468 27.82 -62.06 9.93
CA HIS E 468 28.74 -62.17 11.05
C HIS E 468 27.92 -62.26 12.32
N LYS E 469 27.34 -63.44 12.56
CA LYS E 469 26.64 -63.75 13.80
C LYS E 469 26.54 -65.26 13.89
N ASP E 470 26.11 -65.74 15.06
CA ASP E 470 25.95 -67.17 15.31
C ASP E 470 24.52 -67.44 15.73
N LYS E 471 24.14 -68.72 15.67
CA LYS E 471 22.78 -69.13 16.00
C LYS E 471 22.46 -68.84 17.47
N SER E 472 21.56 -67.89 17.70
CA SER E 472 21.20 -67.47 19.06
C SER E 472 20.12 -68.34 19.69
N ALA E 473 19.57 -69.30 18.93
CA ALA E 473 18.49 -70.18 19.39
C ALA E 473 17.30 -69.38 19.91
N GLN E 474 17.00 -68.28 19.21
CA GLN E 474 15.87 -67.42 19.54
C GLN E 474 14.89 -67.30 18.38
N CYS E 475 14.90 -68.28 17.47
CA CYS E 475 14.02 -68.28 16.31
C CYS E 475 13.08 -69.47 16.41
N PHE E 476 11.78 -69.18 16.39
CA PHE E 476 10.75 -70.18 16.67
C PHE E 476 9.68 -70.15 15.59
N LYS E 477 9.07 -71.30 15.33
CA LYS E 477 8.07 -71.46 14.29
C LYS E 477 6.78 -72.06 14.86
N MET E 478 5.66 -71.74 14.23
CA MET E 478 4.41 -72.43 14.51
C MET E 478 3.72 -72.77 13.19
N PHE E 479 2.64 -73.54 13.28
CA PHE E 479 1.99 -74.10 12.10
C PHE E 479 0.47 -73.96 12.09
N TYR E 480 -0.18 -73.80 13.24
CA TYR E 480 -1.64 -73.88 13.33
C TYR E 480 -2.32 -72.81 12.49
N LYS E 481 -3.55 -73.10 12.07
CA LYS E 481 -4.20 -72.29 11.04
C LYS E 481 -4.74 -70.99 11.60
N GLY E 482 -5.72 -71.07 12.50
CA GLY E 482 -6.40 -69.86 12.92
C GLY E 482 -7.64 -69.58 12.10
N VAL E 483 -8.42 -68.60 12.57
CA VAL E 483 -9.69 -68.25 11.95
C VAL E 483 -9.58 -66.89 11.30
N ILE E 484 -10.23 -66.74 10.14
CA ILE E 484 -10.22 -65.50 9.37
C ILE E 484 -11.53 -64.76 9.62
N THR E 485 -11.46 -63.43 9.63
CA THR E 485 -12.63 -62.59 9.84
C THR E 485 -13.04 -61.77 8.61
N HIS E 486 -12.07 -61.24 7.86
CA HIS E 486 -12.30 -60.42 6.67
C HIS E 486 -13.18 -59.20 7.01
N ASP E 487 -12.60 -58.33 7.86
CA ASP E 487 -13.30 -57.16 8.36
C ASP E 487 -13.70 -56.20 7.25
N VAL E 488 -12.71 -55.58 6.62
CA VAL E 488 -12.93 -54.61 5.55
C VAL E 488 -12.07 -55.03 4.36
N SER E 489 -11.91 -56.35 4.19
CA SER E 489 -10.91 -56.99 3.33
C SER E 489 -9.51 -56.80 3.87
N SER E 490 -9.39 -56.65 5.20
CA SER E 490 -8.13 -56.63 5.92
C SER E 490 -8.29 -57.61 7.08
N ALA E 491 -7.88 -58.86 6.86
CA ALA E 491 -8.25 -59.96 7.73
C ALA E 491 -7.63 -59.81 9.12
N ILE E 492 -8.32 -60.38 10.11
CA ILE E 492 -7.86 -60.42 11.49
C ILE E 492 -7.98 -61.86 11.97
N ASN E 493 -6.92 -62.35 12.62
CA ASN E 493 -6.88 -63.72 13.12
C ASN E 493 -6.89 -63.67 14.64
N ARG E 494 -8.09 -63.77 15.23
CA ARG E 494 -8.22 -63.71 16.68
C ARG E 494 -7.54 -64.88 17.41
N PRO E 495 -7.69 -66.15 17.02
CA PRO E 495 -6.98 -67.21 17.76
C PRO E 495 -5.47 -67.11 17.69
N GLN E 496 -4.91 -66.61 16.59
CA GLN E 496 -3.46 -66.41 16.54
C GLN E 496 -3.01 -65.35 17.53
N ILE E 497 -3.77 -64.25 17.61
CA ILE E 497 -3.52 -63.23 18.63
C ILE E 497 -3.65 -63.84 20.02
N GLY E 498 -4.61 -64.74 20.20
CA GLY E 498 -4.78 -65.38 21.50
C GLY E 498 -3.61 -66.28 21.87
N VAL E 499 -3.07 -67.01 20.89
CA VAL E 499 -1.91 -67.86 21.17
C VAL E 499 -0.68 -67.02 21.46
N VAL E 500 -0.52 -65.90 20.75
CA VAL E 500 0.60 -65.00 21.06
C VAL E 500 0.45 -64.42 22.47
N ARG E 501 -0.78 -64.03 22.84
CA ARG E 501 -1.04 -63.57 24.20
C ARG E 501 -0.81 -64.68 25.22
N GLU E 502 -1.06 -65.93 24.82
CA GLU E 502 -0.77 -67.06 25.69
C GLU E 502 0.72 -67.22 25.91
N PHE E 503 1.53 -67.02 24.85
CA PHE E 503 2.95 -67.34 24.95
C PHE E 503 3.64 -66.45 25.95
N LEU E 504 4.02 -65.22 25.57
CA LEU E 504 3.98 -63.96 26.32
C LEU E 504 4.42 -63.99 27.79
N THR E 505 4.56 -65.16 28.39
CA THR E 505 4.84 -65.29 29.81
C THR E 505 5.92 -66.34 30.04
N ARG E 506 5.86 -67.41 29.25
CA ARG E 506 6.81 -68.50 29.38
C ARG E 506 8.21 -68.07 29.02
N ASN E 507 8.34 -67.03 28.21
CA ASN E 507 9.62 -66.41 27.88
C ASN E 507 9.45 -64.91 28.10
N PRO E 508 9.73 -64.42 29.31
CA PRO E 508 9.43 -63.03 29.64
C PRO E 508 10.23 -62.01 28.84
N ALA E 509 11.35 -62.42 28.22
CA ALA E 509 12.15 -61.51 27.41
C ALA E 509 11.42 -61.03 26.16
N TRP E 510 10.33 -61.68 25.77
CA TRP E 510 9.55 -61.29 24.61
C TRP E 510 8.41 -60.34 24.97
N ARG E 511 8.35 -59.86 26.20
CA ARG E 511 7.35 -58.86 26.55
C ARG E 511 7.67 -57.50 25.95
N LYS E 512 8.90 -57.28 25.49
CA LYS E 512 9.26 -56.10 24.74
C LYS E 512 9.35 -56.36 23.24
N ALA E 513 8.91 -57.53 22.79
CA ALA E 513 8.91 -57.85 21.38
C ALA E 513 7.92 -56.98 20.62
N VAL E 514 8.11 -56.91 19.31
CA VAL E 514 7.31 -56.05 18.45
C VAL E 514 6.50 -56.91 17.49
N PHE E 515 5.23 -56.55 17.32
CA PHE E 515 4.28 -57.34 16.54
C PHE E 515 4.36 -56.99 15.07
N ILE E 516 4.38 -58.01 14.21
CA ILE E 516 4.51 -57.84 12.77
C ILE E 516 3.46 -58.70 12.08
N SER E 517 2.54 -58.05 11.38
CA SER E 517 1.52 -58.65 10.52
C SER E 517 1.03 -57.56 9.60
N PRO E 518 1.02 -57.77 8.27
CA PRO E 518 0.81 -56.63 7.35
C PRO E 518 -0.54 -55.95 7.51
N TYR E 519 -1.63 -56.58 7.05
CA TYR E 519 -2.90 -56.72 7.75
C TYR E 519 -3.19 -55.64 8.79
N ASN E 520 -3.32 -54.38 8.34
CA ASN E 520 -3.38 -53.24 9.24
C ASN E 520 -4.48 -53.37 10.30
N SER E 521 -5.60 -54.00 9.94
CA SER E 521 -6.66 -54.23 10.91
C SER E 521 -6.20 -55.16 12.03
N GLN E 522 -5.50 -56.24 11.68
CA GLN E 522 -4.96 -57.13 12.71
C GLN E 522 -3.86 -56.43 13.51
N ASN E 523 -3.11 -55.54 12.87
CA ASN E 523 -2.12 -54.74 13.58
C ASN E 523 -2.78 -53.85 14.63
N ALA E 524 -3.94 -53.28 14.31
CA ALA E 524 -4.66 -52.48 15.31
C ALA E 524 -5.27 -53.37 16.39
N VAL E 525 -5.70 -54.58 16.02
CA VAL E 525 -6.27 -55.50 16.99
C VAL E 525 -5.21 -55.92 18.01
N ALA E 526 -3.98 -56.13 17.55
CA ALA E 526 -2.88 -56.53 18.44
C ALA E 526 -2.58 -55.49 19.51
N SER E 527 -2.92 -54.22 19.28
CA SER E 527 -2.67 -53.19 20.27
C SER E 527 -3.57 -53.30 21.49
N LYS E 528 -4.69 -54.03 21.38
CA LYS E 528 -5.64 -54.14 22.47
C LYS E 528 -5.44 -55.40 23.30
N ILE E 529 -5.37 -56.56 22.63
CA ILE E 529 -5.42 -57.83 23.35
C ILE E 529 -4.16 -58.06 24.16
N LEU E 530 -3.01 -57.80 23.57
CA LEU E 530 -1.74 -57.97 24.27
C LEU E 530 -0.96 -56.69 24.47
N GLY E 531 -1.28 -55.63 23.73
CA GLY E 531 -0.69 -54.33 24.01
C GLY E 531 0.76 -54.16 23.65
N LEU E 532 1.32 -55.09 22.87
CA LEU E 532 2.69 -54.92 22.42
C LEU E 532 2.78 -53.80 21.39
N PRO E 533 3.92 -53.12 21.32
CA PRO E 533 4.16 -52.23 20.18
C PRO E 533 4.11 -53.02 18.89
N THR E 534 3.44 -52.47 17.88
CA THR E 534 3.16 -53.21 16.67
C THR E 534 3.46 -52.35 15.47
N GLN E 535 3.68 -53.01 14.33
CA GLN E 535 4.00 -52.29 13.10
C GLN E 535 3.68 -53.18 11.92
N THR E 536 3.02 -52.61 10.91
CA THR E 536 2.77 -53.37 9.69
C THR E 536 4.06 -53.53 8.90
N VAL E 537 4.06 -54.52 8.01
CA VAL E 537 5.29 -54.87 7.30
C VAL E 537 5.71 -53.75 6.34
N ASP E 538 4.74 -53.05 5.75
CA ASP E 538 5.09 -52.00 4.81
C ASP E 538 5.66 -50.78 5.52
N SER E 539 5.06 -50.36 6.63
CA SER E 539 5.65 -49.26 7.39
C SER E 539 6.90 -49.70 8.14
N SER E 540 7.18 -50.99 8.16
CA SER E 540 8.47 -51.54 8.54
C SER E 540 9.42 -51.37 7.37
N GLN E 541 10.47 -52.20 7.28
CA GLN E 541 11.51 -52.08 6.26
C GLN E 541 12.28 -50.77 6.42
N GLY E 542 13.10 -50.78 7.47
CA GLY E 542 13.98 -49.66 7.77
C GLY E 542 14.23 -49.54 9.25
N SER E 543 13.38 -50.16 10.05
CA SER E 543 13.56 -50.26 11.50
C SER E 543 13.89 -51.69 11.86
N GLU E 544 14.33 -51.89 13.09
CA GLU E 544 14.63 -53.22 13.58
C GLU E 544 14.32 -53.31 15.06
N TYR E 545 14.09 -54.53 15.53
CA TYR E 545 13.72 -54.77 16.91
C TYR E 545 14.47 -55.98 17.43
N ASP E 546 14.69 -56.01 18.75
CA ASP E 546 15.45 -57.10 19.36
C ASP E 546 14.71 -58.41 19.31
N TYR E 547 13.42 -58.39 19.62
CA TYR E 547 12.55 -59.56 19.57
C TYR E 547 11.35 -59.22 18.71
N VAL E 548 11.04 -60.09 17.75
CA VAL E 548 9.98 -59.85 16.78
C VAL E 548 9.00 -61.01 16.81
N ILE E 549 7.71 -60.71 16.96
CA ILE E 549 6.65 -61.69 16.89
C ILE E 549 5.92 -61.46 15.57
N PHE E 550 6.10 -62.38 14.63
CA PHE E 550 5.52 -62.28 13.30
C PHE E 550 4.38 -63.28 13.17
N THR E 551 3.23 -62.81 12.69
CA THR E 551 2.03 -63.65 12.58
C THR E 551 1.53 -63.64 11.15
N GLN E 552 1.63 -64.76 10.46
CA GLN E 552 1.08 -64.88 9.11
C GLN E 552 -0.39 -65.24 9.23
N THR E 553 -1.26 -64.38 8.72
CA THR E 553 -2.69 -64.53 8.95
C THR E 553 -3.32 -65.52 7.98
N THR E 554 -3.28 -65.22 6.69
CA THR E 554 -4.02 -65.99 5.69
C THR E 554 -3.08 -66.43 4.57
N GLU E 555 -3.37 -67.60 4.01
CA GLU E 555 -2.62 -68.11 2.86
C GLU E 555 -3.18 -67.49 1.59
N THR E 556 -3.02 -66.17 1.49
CA THR E 556 -3.44 -65.39 0.34
C THR E 556 -2.21 -65.03 -0.50
N ALA E 557 -2.47 -64.32 -1.60
CA ALA E 557 -1.35 -63.83 -2.41
C ALA E 557 -0.58 -62.72 -1.74
N HIS E 558 -1.18 -62.06 -0.73
CA HIS E 558 -0.56 -60.89 -0.13
C HIS E 558 0.47 -61.28 0.92
N SER E 559 0.05 -61.97 1.97
CA SER E 559 0.93 -62.30 3.09
C SER E 559 1.69 -63.60 2.89
N CYS E 560 1.82 -64.07 1.65
CA CYS E 560 2.69 -65.18 1.32
C CYS E 560 3.72 -64.82 0.27
N ASN E 561 3.74 -63.56 -0.16
CA ASN E 561 4.79 -63.10 -1.06
C ASN E 561 6.13 -63.23 -0.37
N VAL E 562 7.11 -63.78 -1.08
CA VAL E 562 8.40 -64.09 -0.47
C VAL E 562 9.11 -62.83 -0.04
N ASN E 563 8.95 -61.74 -0.80
CA ASN E 563 9.56 -60.47 -0.41
C ASN E 563 8.99 -59.96 0.91
N ARG E 564 7.66 -60.04 1.07
CA ARG E 564 7.04 -59.55 2.30
C ARG E 564 7.45 -60.37 3.51
N PHE E 565 7.49 -61.70 3.35
CA PHE E 565 7.93 -62.56 4.45
C PHE E 565 9.39 -62.30 4.80
N ASN E 566 10.24 -62.13 3.79
CA ASN E 566 11.65 -61.87 4.03
C ASN E 566 11.84 -60.55 4.77
N VAL E 567 11.15 -59.49 4.33
CA VAL E 567 11.35 -58.20 4.96
C VAL E 567 10.66 -58.15 6.32
N ALA E 568 9.70 -59.04 6.58
CA ALA E 568 9.14 -59.13 7.93
C ALA E 568 10.11 -59.82 8.88
N ILE E 569 10.72 -60.93 8.44
CA ILE E 569 11.57 -61.68 9.35
C ILE E 569 12.89 -60.96 9.59
N THR E 570 13.44 -60.30 8.58
CA THR E 570 14.80 -59.78 8.70
C THR E 570 14.90 -58.50 9.53
N ARG E 571 13.87 -58.14 10.29
CA ARG E 571 13.99 -57.07 11.27
C ARG E 571 14.35 -57.58 12.66
N ALA E 572 14.53 -58.89 12.81
CA ALA E 572 14.80 -59.50 14.10
C ALA E 572 16.26 -59.32 14.45
N LYS E 573 16.55 -58.43 15.41
CA LYS E 573 17.93 -58.22 15.81
C LYS E 573 18.49 -59.45 16.53
N VAL E 574 17.75 -59.97 17.51
CA VAL E 574 18.27 -61.09 18.29
C VAL E 574 17.36 -62.31 18.20
N GLY E 575 16.07 -62.11 17.96
CA GLY E 575 15.18 -63.25 17.95
C GLY E 575 13.81 -62.94 17.36
N ILE E 576 13.16 -64.00 16.88
CA ILE E 576 11.85 -63.88 16.26
C ILE E 576 11.09 -65.18 16.47
N LEU E 577 9.81 -65.05 16.81
CA LEU E 577 8.86 -66.16 16.79
C LEU E 577 7.84 -65.86 15.69
N CYS E 578 7.78 -66.73 14.69
CA CYS E 578 6.85 -66.60 13.59
C CYS E 578 5.82 -67.71 13.65
N ILE E 579 4.55 -67.34 13.69
CA ILE E 579 3.46 -68.31 13.64
C ILE E 579 2.94 -68.32 12.20
N MET E 580 3.11 -69.45 11.54
CA MET E 580 2.92 -69.58 10.11
C MET E 580 1.60 -70.28 9.79
N SER E 581 1.11 -70.01 8.58
CA SER E 581 -0.11 -70.63 8.07
C SER E 581 0.16 -71.61 6.95
N ASP E 582 0.97 -71.22 5.97
CA ASP E 582 1.24 -72.07 4.82
C ASP E 582 2.22 -73.18 5.19
N ARG E 583 1.89 -74.40 4.77
CA ARG E 583 2.76 -75.54 5.05
C ARG E 583 4.09 -75.40 4.32
N ASP E 584 4.06 -74.92 3.07
CA ASP E 584 5.29 -74.82 2.28
C ASP E 584 6.19 -73.71 2.80
N LEU E 585 5.62 -72.56 3.13
CA LEU E 585 6.44 -71.45 3.63
C LEU E 585 7.04 -71.77 4.98
N TYR E 586 6.26 -72.40 5.87
CA TYR E 586 6.79 -72.79 7.17
C TYR E 586 7.90 -73.83 7.03
N ASP E 587 7.74 -74.78 6.12
CA ASP E 587 8.75 -75.81 5.95
C ASP E 587 9.99 -75.30 5.22
N LYS E 588 9.90 -74.15 4.56
CA LYS E 588 11.01 -73.64 3.77
C LYS E 588 12.08 -72.96 4.62
N LEU E 589 11.81 -72.65 5.87
CA LEU E 589 12.80 -72.08 6.78
C LEU E 589 13.08 -73.05 7.91
N GLN E 590 14.26 -72.89 8.52
CA GLN E 590 14.78 -73.79 9.54
C GLN E 590 14.87 -73.03 10.86
N PHE E 591 13.76 -73.00 11.59
CA PHE E 591 13.75 -72.58 12.99
C PHE E 591 13.42 -73.80 13.85
N THR E 592 13.22 -73.57 15.14
CA THR E 592 12.74 -74.63 16.01
C THR E 592 11.29 -74.98 15.67
N SER E 593 10.91 -76.20 16.03
CA SER E 593 9.63 -76.75 15.57
C SER E 593 8.44 -76.20 16.35
N LEU E 594 8.48 -76.32 17.68
CA LEU E 594 7.38 -75.96 18.58
C LEU E 594 6.07 -76.65 18.20
N ALA F 5 -23.20 1.46 -4.80
CA ALA F 5 -23.62 0.70 -3.63
C ALA F 5 -24.43 -0.52 -4.05
N VAL F 6 -23.80 -1.69 -3.98
CA VAL F 6 -24.46 -2.95 -4.24
C VAL F 6 -24.69 -3.66 -2.90
N GLY F 7 -25.47 -4.73 -2.95
CA GLY F 7 -25.75 -5.48 -1.74
C GLY F 7 -26.59 -6.69 -2.04
N ALA F 8 -27.21 -7.22 -0.98
CA ALA F 8 -28.00 -8.44 -1.06
C ALA F 8 -29.47 -8.11 -0.82
N CYS F 9 -30.33 -8.80 -1.56
CA CYS F 9 -31.76 -8.60 -1.41
C CYS F 9 -32.22 -9.03 -0.03
N VAL F 10 -33.10 -8.25 0.58
CA VAL F 10 -33.64 -8.63 1.88
C VAL F 10 -34.76 -9.63 1.77
N LEU F 11 -35.03 -10.15 0.58
CA LEU F 11 -36.05 -11.16 0.42
C LEU F 11 -35.50 -12.48 -0.10
N CYS F 12 -34.44 -12.46 -0.92
CA CYS F 12 -33.89 -13.68 -1.48
C CYS F 12 -32.37 -13.75 -1.45
N ASN F 13 -31.70 -12.73 -0.90
CA ASN F 13 -30.24 -12.70 -0.77
C ASN F 13 -29.52 -12.84 -2.10
N SER F 14 -30.06 -12.23 -3.15
CA SER F 14 -29.35 -12.13 -4.41
C SER F 14 -28.62 -10.80 -4.50
N GLN F 15 -27.57 -10.77 -5.31
CA GLN F 15 -26.85 -9.53 -5.54
C GLN F 15 -27.73 -8.56 -6.32
N THR F 16 -27.72 -7.29 -5.89
CA THR F 16 -28.59 -6.30 -6.51
C THR F 16 -28.11 -4.91 -6.13
N SER F 17 -28.72 -3.91 -6.76
CA SER F 17 -28.43 -2.51 -6.47
C SER F 17 -29.67 -1.64 -6.49
N LEU F 18 -30.81 -2.18 -6.12
CA LEU F 18 -32.03 -1.41 -6.00
C LEU F 18 -32.41 -1.25 -4.53
N ARG F 19 -33.04 -0.12 -4.21
CA ARG F 19 -33.50 0.15 -2.85
C ARG F 19 -34.87 0.79 -2.94
N CYS F 20 -35.89 0.14 -2.40
CA CYS F 20 -37.24 0.69 -2.45
C CYS F 20 -37.28 1.90 -1.53
N GLY F 21 -37.17 3.09 -2.12
CA GLY F 21 -36.97 4.30 -1.33
C GLY F 21 -38.19 4.77 -0.59
N ALA F 22 -39.38 4.22 -0.88
CA ALA F 22 -40.56 4.64 -0.15
C ALA F 22 -40.59 4.08 1.26
N CYS F 23 -39.90 2.97 1.49
CA CYS F 23 -39.76 2.44 2.84
C CYS F 23 -38.97 3.40 3.70
N ILE F 24 -39.35 3.47 4.98
CA ILE F 24 -38.64 4.33 5.90
C ILE F 24 -37.22 3.83 6.13
N ARG F 25 -37.03 2.52 6.16
CA ARG F 25 -35.70 1.96 6.42
C ARG F 25 -34.88 1.74 5.16
N ARG F 26 -35.47 1.85 3.98
CA ARG F 26 -34.77 1.82 2.69
C ARG F 26 -33.98 0.52 2.49
N PRO F 27 -34.65 -0.60 2.29
CA PRO F 27 -33.94 -1.88 2.18
C PRO F 27 -33.50 -2.16 0.76
N PHE F 28 -32.48 -2.99 0.63
CA PHE F 28 -32.10 -3.47 -0.67
C PHE F 28 -33.18 -4.41 -1.22
N LEU F 29 -33.21 -4.55 -2.53
CA LEU F 29 -34.16 -5.44 -3.17
C LEU F 29 -33.56 -5.96 -4.45
N CYS F 30 -33.76 -7.25 -4.72
CA CYS F 30 -33.41 -7.78 -6.03
C CYS F 30 -34.37 -7.24 -7.07
N CYS F 31 -34.02 -7.43 -8.35
CA CYS F 31 -34.81 -6.83 -9.42
C CYS F 31 -36.23 -7.40 -9.45
N LYS F 32 -36.36 -8.72 -9.43
CA LYS F 32 -37.68 -9.34 -9.45
C LYS F 32 -38.47 -8.98 -8.19
N CYS F 33 -37.81 -9.02 -7.04
CA CYS F 33 -38.48 -8.66 -5.80
C CYS F 33 -38.88 -7.19 -5.81
N CYS F 34 -38.02 -6.31 -6.37
CA CYS F 34 -38.38 -4.90 -6.43
C CYS F 34 -39.58 -4.67 -7.33
N TYR F 35 -39.66 -5.39 -8.45
CA TYR F 35 -40.83 -5.25 -9.31
C TYR F 35 -42.08 -5.74 -8.60
N ASP F 36 -42.00 -6.89 -7.94
CA ASP F 36 -43.16 -7.41 -7.24
C ASP F 36 -43.57 -6.55 -6.06
N HIS F 37 -42.64 -5.78 -5.50
CA HIS F 37 -42.97 -4.88 -4.40
C HIS F 37 -43.55 -3.56 -4.87
N VAL F 38 -43.02 -2.99 -5.96
CA VAL F 38 -43.56 -1.73 -6.46
C VAL F 38 -44.81 -1.92 -7.31
N ILE F 39 -45.13 -3.16 -7.69
CA ILE F 39 -46.35 -3.38 -8.46
C ILE F 39 -47.56 -3.53 -7.56
N SER F 40 -47.37 -3.81 -6.27
CA SER F 40 -48.47 -4.14 -5.39
C SER F 40 -48.81 -3.02 -4.41
N THR F 41 -47.83 -2.56 -3.66
CA THR F 41 -48.06 -1.54 -2.64
C THR F 41 -48.02 -0.16 -3.28
N SER F 42 -48.12 0.88 -2.47
CA SER F 42 -48.00 2.26 -2.93
C SER F 42 -46.56 2.71 -2.99
N HIS F 43 -45.60 1.79 -2.80
CA HIS F 43 -44.19 2.11 -2.96
C HIS F 43 -43.88 2.36 -4.42
N LYS F 44 -43.74 3.62 -4.79
CA LYS F 44 -43.49 4.02 -6.17
C LYS F 44 -42.28 4.94 -6.24
N LEU F 45 -41.19 4.53 -5.60
CA LEU F 45 -39.95 5.30 -5.67
C LEU F 45 -38.80 4.34 -5.45
N VAL F 46 -37.99 4.13 -6.48
CA VAL F 46 -36.90 3.16 -6.44
C VAL F 46 -35.60 3.93 -6.59
N LEU F 47 -34.66 3.68 -5.68
CA LEU F 47 -33.35 4.32 -5.72
C LEU F 47 -32.35 3.31 -6.24
N SER F 48 -31.79 3.59 -7.40
CA SER F 48 -30.63 2.88 -7.90
C SER F 48 -29.39 3.62 -7.43
N VAL F 49 -28.23 3.36 -8.07
CA VAL F 49 -27.02 4.09 -7.73
C VAL F 49 -27.21 5.60 -7.88
N ASN F 50 -28.12 6.03 -8.74
CA ASN F 50 -28.69 7.36 -8.70
C ASN F 50 -30.20 7.24 -8.76
N PRO F 51 -30.94 8.16 -8.14
CA PRO F 51 -32.39 7.98 -7.99
C PRO F 51 -33.12 7.96 -9.33
N TYR F 52 -34.19 7.16 -9.38
CA TYR F 52 -35.02 7.08 -10.57
C TYR F 52 -36.02 8.23 -10.54
N VAL F 53 -35.57 9.39 -11.05
CA VAL F 53 -36.42 10.55 -11.23
C VAL F 53 -36.23 11.04 -12.65
N CYS F 54 -37.22 11.77 -13.16
CA CYS F 54 -37.09 12.37 -14.48
C CYS F 54 -35.99 13.43 -14.44
N ASN F 55 -34.85 13.15 -15.06
CA ASN F 55 -33.69 14.02 -14.98
C ASN F 55 -33.87 15.33 -15.74
N ALA F 56 -34.94 15.46 -16.53
CA ALA F 56 -35.29 16.75 -17.10
C ALA F 56 -35.63 17.70 -15.96
N PRO F 57 -35.02 18.88 -15.89
CA PRO F 57 -35.21 19.75 -14.71
C PRO F 57 -36.65 20.21 -14.52
N GLY F 58 -37.41 20.35 -15.59
CA GLY F 58 -38.78 20.79 -15.47
C GLY F 58 -39.77 19.64 -15.35
N CYS F 59 -39.53 18.74 -14.41
CA CYS F 59 -40.45 17.62 -14.21
C CYS F 59 -40.25 17.05 -12.80
N ASP F 60 -41.34 16.54 -12.24
CA ASP F 60 -41.29 15.79 -10.98
C ASP F 60 -42.18 14.56 -11.16
N VAL F 61 -41.61 13.48 -11.70
CA VAL F 61 -42.26 12.18 -11.77
C VAL F 61 -41.25 11.16 -11.28
N THR F 62 -41.62 10.42 -10.23
CA THR F 62 -40.69 9.52 -9.56
C THR F 62 -41.08 8.06 -9.62
N ASP F 63 -42.34 7.75 -9.96
CA ASP F 63 -42.79 6.37 -9.96
C ASP F 63 -42.02 5.54 -10.98
N VAL F 64 -41.62 4.34 -10.58
CA VAL F 64 -40.82 3.49 -11.45
C VAL F 64 -41.65 2.72 -12.46
N THR F 65 -42.97 2.73 -12.33
CA THR F 65 -43.81 2.03 -13.31
C THR F 65 -43.74 2.72 -14.67
N GLN F 66 -43.60 4.04 -14.68
CA GLN F 66 -43.42 4.80 -15.91
C GLN F 66 -42.21 5.70 -15.78
N LEU F 67 -41.04 5.15 -16.09
CA LEU F 67 -39.82 5.92 -16.31
C LEU F 67 -39.01 5.21 -17.37
N TYR F 68 -38.43 5.97 -18.30
CA TYR F 68 -37.72 5.40 -19.43
C TYR F 68 -36.26 5.86 -19.41
N LEU F 69 -35.37 4.91 -19.62
CA LEU F 69 -33.94 5.15 -19.63
C LEU F 69 -33.49 5.58 -21.01
N GLY F 70 -32.79 6.70 -21.08
CA GLY F 70 -32.28 7.21 -22.34
C GLY F 70 -30.94 7.87 -22.17
N GLY F 71 -30.03 7.62 -23.12
CA GLY F 71 -28.69 8.14 -23.03
C GLY F 71 -27.96 7.60 -21.81
N MET F 72 -27.80 8.46 -20.81
CA MET F 72 -27.26 8.04 -19.52
C MET F 72 -28.12 8.54 -18.37
N SER F 73 -29.36 8.93 -18.63
CA SER F 73 -30.26 9.45 -17.61
C SER F 73 -31.63 8.83 -17.78
N TYR F 74 -32.58 9.29 -16.98
CA TYR F 74 -33.93 8.77 -16.98
C TYR F 74 -34.92 9.90 -17.17
N TYR F 75 -36.01 9.63 -17.88
CA TYR F 75 -36.98 10.64 -18.22
C TYR F 75 -38.38 10.06 -18.13
N CYS F 76 -39.37 10.93 -17.95
CA CYS F 76 -40.74 10.49 -18.05
C CYS F 76 -41.11 10.28 -19.51
N LYS F 77 -42.38 9.94 -19.75
CA LYS F 77 -42.83 9.79 -21.14
C LYS F 77 -42.85 11.12 -21.87
N SER F 78 -43.10 12.22 -21.16
CA SER F 78 -43.16 13.54 -21.79
C SER F 78 -41.79 14.03 -22.25
N HIS F 79 -40.74 13.79 -21.48
CA HIS F 79 -39.39 14.17 -21.86
C HIS F 79 -38.61 12.98 -22.41
N LYS F 80 -39.32 12.01 -22.97
CA LYS F 80 -38.69 10.78 -23.43
C LYS F 80 -37.76 11.06 -24.60
N PRO F 81 -36.52 10.58 -24.57
CA PRO F 81 -35.61 10.77 -25.70
C PRO F 81 -36.05 9.93 -26.89
N PRO F 82 -35.50 10.20 -28.09
CA PRO F 82 -35.90 9.38 -29.25
C PRO F 82 -35.63 7.89 -29.09
N ILE F 83 -34.53 7.52 -28.42
CA ILE F 83 -34.24 6.13 -28.09
C ILE F 83 -34.35 5.97 -26.59
N SER F 84 -35.22 5.06 -26.16
CA SER F 84 -35.50 4.90 -24.74
C SER F 84 -35.92 3.46 -24.46
N PHE F 85 -35.60 3.00 -23.26
CA PHE F 85 -35.95 1.66 -22.82
C PHE F 85 -36.82 1.75 -21.59
N PRO F 86 -37.96 1.07 -21.52
CA PRO F 86 -38.81 1.14 -20.32
C PRO F 86 -38.16 0.38 -19.17
N LEU F 87 -38.16 0.99 -17.99
CA LEU F 87 -37.56 0.36 -16.82
C LEU F 87 -38.42 -0.79 -16.34
N CYS F 88 -39.64 -0.49 -15.91
CA CYS F 88 -40.58 -1.51 -15.45
C CYS F 88 -41.03 -2.33 -16.64
N ALA F 89 -40.48 -3.53 -16.80
CA ALA F 89 -40.73 -4.28 -18.01
C ALA F 89 -40.59 -5.78 -17.77
N ASN F 90 -41.49 -6.55 -18.40
CA ASN F 90 -41.45 -8.02 -18.48
C ASN F 90 -41.18 -8.68 -17.13
N GLY F 91 -41.81 -8.16 -16.09
CA GLY F 91 -41.73 -8.76 -14.78
C GLY F 91 -40.55 -8.32 -13.93
N GLN F 92 -39.75 -7.38 -14.40
CA GLN F 92 -38.57 -6.92 -13.66
C GLN F 92 -38.49 -5.41 -13.70
N VAL F 93 -37.59 -4.89 -12.88
CA VAL F 93 -37.24 -3.47 -12.88
C VAL F 93 -35.74 -3.38 -13.16
N PHE F 94 -35.37 -2.55 -14.12
CA PHE F 94 -33.99 -2.52 -14.58
C PHE F 94 -33.03 -2.09 -13.49
N GLY F 95 -31.96 -2.84 -13.34
CA GLY F 95 -30.96 -2.58 -12.32
C GLY F 95 -29.80 -3.52 -12.51
N LEU F 96 -28.79 -3.35 -11.67
CA LEU F 96 -27.58 -4.15 -11.82
C LEU F 96 -27.85 -5.61 -11.49
N TYR F 97 -26.99 -6.48 -12.03
CA TYR F 97 -27.08 -7.93 -11.85
C TYR F 97 -28.46 -8.44 -12.26
N LYS F 98 -28.95 -7.95 -13.40
CA LYS F 98 -30.31 -8.25 -13.83
C LYS F 98 -30.49 -9.72 -14.18
N ASN F 99 -29.45 -10.36 -14.70
CA ASN F 99 -29.59 -11.74 -15.15
C ASN F 99 -29.48 -12.77 -14.04
N THR F 100 -29.02 -12.38 -12.85
CA THR F 100 -28.81 -13.35 -11.77
C THR F 100 -29.72 -13.10 -10.57
N CYS F 101 -30.82 -12.38 -10.75
CA CYS F 101 -31.77 -12.11 -9.67
C CYS F 101 -32.79 -13.24 -9.63
N VAL F 102 -32.61 -14.17 -8.71
CA VAL F 102 -33.59 -15.24 -8.50
C VAL F 102 -34.74 -14.68 -7.70
N GLY F 103 -35.95 -14.82 -8.22
CA GLY F 103 -37.12 -14.27 -7.58
C GLY F 103 -37.52 -15.05 -6.35
N SER F 104 -38.49 -14.49 -5.62
CA SER F 104 -39.00 -15.15 -4.43
C SER F 104 -40.50 -14.93 -4.34
N ASP F 105 -41.19 -15.89 -3.73
CA ASP F 105 -42.64 -15.85 -3.58
C ASP F 105 -43.05 -15.31 -2.21
N ASN F 106 -42.09 -14.87 -1.40
CA ASN F 106 -42.37 -14.35 -0.06
C ASN F 106 -42.62 -12.85 -0.07
N VAL F 107 -43.09 -12.29 -1.18
CA VAL F 107 -43.25 -10.85 -1.28
C VAL F 107 -44.45 -10.35 -0.49
N THR F 108 -45.40 -11.22 -0.16
CA THR F 108 -46.59 -10.78 0.59
C THR F 108 -46.21 -10.36 2.01
N ASP F 109 -45.39 -11.17 2.68
CA ASP F 109 -44.95 -10.82 4.03
C ASP F 109 -44.13 -9.55 4.03
N PHE F 110 -43.24 -9.39 3.04
CA PHE F 110 -42.44 -8.17 2.98
C PHE F 110 -43.31 -6.95 2.72
N ASN F 111 -44.32 -7.09 1.85
CA ASN F 111 -45.24 -5.98 1.62
C ASN F 111 -45.98 -5.61 2.89
N ALA F 112 -46.47 -6.61 3.62
CA ALA F 112 -47.24 -6.33 4.83
C ALA F 112 -46.36 -5.74 5.92
N ILE F 113 -45.10 -6.16 6.01
CA ILE F 113 -44.19 -5.61 7.01
C ILE F 113 -43.85 -4.17 6.67
N ALA F 114 -43.47 -3.90 5.43
CA ALA F 114 -43.00 -2.56 5.09
C ALA F 114 -44.15 -1.59 4.88
N THR F 115 -45.38 -2.09 4.79
CA THR F 115 -46.52 -1.20 4.57
C THR F 115 -47.24 -0.84 5.86
N CYS F 116 -47.45 -1.82 6.74
CA CYS F 116 -48.22 -1.58 7.96
C CYS F 116 -47.46 -0.65 8.90
N ASP F 117 -48.23 0.07 9.72
CA ASP F 117 -47.70 1.15 10.55
C ASP F 117 -47.48 0.73 12.00
N TRP F 118 -47.45 -0.58 12.27
CA TRP F 118 -47.11 -1.12 13.59
C TRP F 118 -48.08 -0.64 14.67
N THR F 119 -49.35 -0.89 14.44
CA THR F 119 -50.41 -0.49 15.37
C THR F 119 -51.20 -1.67 15.90
N ASN F 120 -51.55 -2.62 15.05
CA ASN F 120 -52.33 -3.79 15.45
C ASN F 120 -51.40 -4.96 15.76
N ALA F 121 -51.95 -5.96 16.46
CA ALA F 121 -51.17 -7.12 16.83
C ALA F 121 -50.80 -7.99 15.64
N GLY F 122 -51.48 -7.83 14.51
CA GLY F 122 -51.15 -8.61 13.33
C GLY F 122 -49.76 -8.31 12.80
N ASP F 123 -49.36 -7.04 12.87
CA ASP F 123 -48.04 -6.65 12.39
C ASP F 123 -46.94 -7.30 13.22
N TYR F 124 -47.11 -7.35 14.54
CA TYR F 124 -46.08 -7.93 15.39
C TYR F 124 -45.96 -9.42 15.20
N ILE F 125 -47.08 -10.13 15.11
CA ILE F 125 -47.00 -11.57 14.88
C ILE F 125 -46.49 -11.86 13.48
N LEU F 126 -46.67 -10.93 12.55
CA LEU F 126 -46.00 -11.06 11.26
C LEU F 126 -44.51 -10.78 11.37
N ALA F 127 -44.10 -10.03 12.40
CA ALA F 127 -42.70 -9.69 12.57
C ALA F 127 -41.91 -10.75 13.32
N ASN F 128 -42.54 -11.85 13.75
CA ASN F 128 -41.85 -12.89 14.48
C ASN F 128 -41.98 -14.27 13.88
N THR F 129 -42.86 -14.46 12.89
CA THR F 129 -43.01 -15.75 12.23
C THR F 129 -42.42 -15.77 10.83
N CYS F 130 -41.76 -14.70 10.40
CA CYS F 130 -41.21 -14.61 9.06
C CYS F 130 -39.79 -15.19 9.06
N THR F 131 -39.07 -15.00 7.96
CA THR F 131 -37.71 -15.50 7.85
C THR F 131 -36.76 -14.64 8.69
N GLU F 132 -35.48 -15.00 8.64
CA GLU F 132 -34.50 -14.30 9.46
C GLU F 132 -34.27 -12.87 8.98
N ARG F 133 -34.06 -12.69 7.68
CA ARG F 133 -33.85 -11.35 7.15
C ARG F 133 -35.09 -10.50 7.31
N LEU F 134 -36.27 -11.09 7.12
CA LEU F 134 -37.50 -10.37 7.39
C LEU F 134 -37.65 -10.04 8.86
N LYS F 135 -37.22 -10.93 9.76
CA LYS F 135 -37.23 -10.61 11.19
C LYS F 135 -36.40 -9.37 11.47
N LEU F 136 -35.17 -9.34 10.97
CA LEU F 136 -34.29 -8.20 11.19
C LEU F 136 -34.87 -6.92 10.59
N PHE F 137 -35.39 -7.01 9.37
CA PHE F 137 -35.94 -5.84 8.71
C PHE F 137 -37.15 -5.31 9.45
N ALA F 138 -38.02 -6.21 9.91
CA ALA F 138 -39.21 -5.78 10.64
C ALA F 138 -38.84 -5.12 11.95
N ALA F 139 -37.88 -5.68 12.68
CA ALA F 139 -37.46 -5.05 13.92
C ALA F 139 -36.84 -3.68 13.67
N GLU F 140 -36.03 -3.57 12.62
CA GLU F 140 -35.38 -2.30 12.32
C GLU F 140 -36.40 -1.23 11.91
N THR F 141 -37.38 -1.60 11.08
CA THR F 141 -38.36 -0.59 10.68
C THR F 141 -39.31 -0.27 11.83
N LEU F 142 -39.53 -1.21 12.76
CA LEU F 142 -40.31 -0.88 13.95
C LEU F 142 -39.57 0.13 14.81
N LYS F 143 -38.27 -0.04 14.99
CA LYS F 143 -37.49 0.93 15.74
C LYS F 143 -37.50 2.28 15.04
N ALA F 144 -37.41 2.28 13.71
CA ALA F 144 -37.46 3.54 12.98
C ALA F 144 -38.81 4.23 13.13
N THR F 145 -39.90 3.46 13.12
CA THR F 145 -41.22 4.04 13.32
C THR F 145 -41.35 4.62 14.73
N GLU F 146 -40.78 3.93 15.72
CA GLU F 146 -40.78 4.48 17.09
C GLU F 146 -40.03 5.79 17.14
N GLU F 147 -38.88 5.87 16.46
CA GLU F 147 -38.11 7.12 16.45
C GLU F 147 -38.87 8.25 15.77
N THR F 148 -39.53 7.95 14.64
CA THR F 148 -40.27 9.01 13.95
C THR F 148 -41.49 9.44 14.74
N PHE F 149 -42.13 8.53 15.47
CA PHE F 149 -43.23 8.94 16.34
C PHE F 149 -42.72 9.79 17.49
N LYS F 150 -41.51 9.49 17.99
CA LYS F 150 -40.89 10.34 18.99
C LYS F 150 -40.61 11.73 18.44
N LEU F 151 -40.25 11.81 17.16
CA LEU F 151 -39.96 13.10 16.53
C LEU F 151 -41.18 14.01 16.46
N SER F 152 -42.39 13.46 16.48
CA SER F 152 -43.61 14.24 16.31
C SER F 152 -44.12 14.86 17.62
N TYR F 153 -43.26 15.02 18.61
CA TYR F 153 -43.66 15.62 19.87
C TYR F 153 -43.54 17.14 19.82
N GLY F 154 -44.17 17.80 20.80
CA GLY F 154 -44.24 19.23 20.81
C GLY F 154 -42.95 19.91 21.22
N ILE F 155 -42.96 21.23 21.10
CA ILE F 155 -41.81 22.07 21.42
C ILE F 155 -42.13 22.86 22.69
N ALA F 156 -41.20 22.85 23.64
CA ALA F 156 -41.44 23.44 24.96
C ALA F 156 -40.76 24.80 25.03
N THR F 157 -41.55 25.87 24.93
CA THR F 157 -41.03 27.21 25.09
C THR F 157 -41.29 27.68 26.52
N VAL F 158 -40.27 28.24 27.14
CA VAL F 158 -40.41 28.67 28.53
C VAL F 158 -41.22 29.96 28.57
N ARG F 159 -41.85 30.21 29.72
CA ARG F 159 -42.53 31.48 29.96
C ARG F 159 -41.77 32.39 30.91
N GLU F 160 -41.27 31.84 32.02
CA GLU F 160 -40.40 32.60 32.91
C GLU F 160 -39.51 31.63 33.66
N VAL F 161 -38.46 32.16 34.26
CA VAL F 161 -37.50 31.38 35.02
C VAL F 161 -37.80 31.57 36.50
N LEU F 162 -38.24 30.49 37.15
CA LEU F 162 -38.63 30.59 38.56
C LEU F 162 -37.41 30.67 39.48
N SER F 163 -36.41 29.83 39.24
CA SER F 163 -35.22 29.79 40.07
C SER F 163 -34.05 29.38 39.20
N ASP F 164 -32.88 29.18 39.83
CA ASP F 164 -31.72 28.69 39.11
C ASP F 164 -31.92 27.27 38.58
N ARG F 165 -32.82 26.50 39.20
CA ARG F 165 -33.10 25.14 38.78
C ARG F 165 -34.55 24.91 38.36
N GLU F 166 -35.48 25.76 38.78
CA GLU F 166 -36.89 25.56 38.50
C GLU F 166 -37.33 26.44 37.34
N LEU F 167 -38.09 25.85 36.42
CA LEU F 167 -38.49 26.52 35.19
C LEU F 167 -39.99 26.33 34.96
N HIS F 168 -40.61 27.33 34.36
CA HIS F 168 -42.02 27.29 33.98
C HIS F 168 -42.10 27.23 32.46
N LEU F 169 -42.72 26.17 31.94
CA LEU F 169 -42.72 25.86 30.53
C LEU F 169 -44.14 25.93 29.96
N SER F 170 -44.21 25.94 28.63
CA SER F 170 -45.47 25.82 27.91
C SER F 170 -45.18 25.07 26.62
N TRP F 171 -45.95 24.02 26.37
CA TRP F 171 -45.77 23.20 25.18
C TRP F 171 -46.63 23.72 24.05
N GLU F 172 -46.12 23.60 22.82
CA GLU F 172 -46.84 24.10 21.66
C GLU F 172 -48.08 23.26 21.42
N VAL F 173 -49.22 23.93 21.27
CA VAL F 173 -50.49 23.24 21.10
C VAL F 173 -50.60 22.72 19.67
N GLY F 174 -51.25 21.57 19.52
CA GLY F 174 -51.38 20.90 18.25
C GLY F 174 -50.59 19.61 18.13
N LYS F 175 -49.59 19.42 19.00
CA LYS F 175 -48.84 18.19 19.07
C LYS F 175 -48.84 17.73 20.52
N PRO F 176 -49.01 16.43 20.78
CA PRO F 176 -49.08 15.97 22.17
C PRO F 176 -47.79 16.21 22.93
N ARG F 177 -47.93 16.55 24.20
CA ARG F 177 -46.78 16.83 25.04
C ARG F 177 -46.13 15.51 25.46
N PRO F 178 -44.81 15.36 25.28
CA PRO F 178 -44.15 14.15 25.74
C PRO F 178 -44.17 14.07 27.25
N PRO F 179 -44.26 12.87 27.82
CA PRO F 179 -44.24 12.74 29.28
C PRO F 179 -42.87 13.10 29.83
N LEU F 180 -42.87 13.53 31.10
CA LEU F 180 -41.67 14.02 31.76
C LEU F 180 -41.04 12.89 32.55
N ASN F 181 -39.90 12.39 32.08
CA ASN F 181 -39.14 11.37 32.79
C ASN F 181 -37.69 11.48 32.33
N ARG F 182 -36.85 10.63 32.91
CA ARG F 182 -35.40 10.77 32.72
C ARG F 182 -34.94 10.31 31.34
N ASN F 183 -35.74 9.54 30.62
CA ASN F 183 -35.30 9.03 29.32
C ASN F 183 -35.29 10.14 28.27
N TYR F 184 -36.34 10.97 28.24
CA TYR F 184 -36.47 11.96 27.20
C TYR F 184 -35.52 13.13 27.45
N VAL F 185 -34.76 13.50 26.42
CA VAL F 185 -33.86 14.63 26.48
C VAL F 185 -34.35 15.70 25.51
N PHE F 186 -33.85 16.91 25.70
CA PHE F 186 -34.18 18.02 24.83
C PHE F 186 -32.91 18.81 24.50
N THR F 187 -32.94 19.47 23.36
CA THR F 187 -31.90 20.43 22.98
C THR F 187 -32.50 21.82 23.05
N GLY F 188 -31.79 22.73 23.72
CA GLY F 188 -32.27 24.09 23.85
C GLY F 188 -31.82 24.98 22.71
N TYR F 189 -32.66 25.97 22.39
CA TYR F 189 -32.39 26.91 21.32
C TYR F 189 -32.67 28.32 21.82
N ARG F 190 -31.77 29.23 21.46
CA ARG F 190 -31.83 30.64 21.84
C ARG F 190 -32.00 31.45 20.56
N VAL F 191 -33.19 32.02 20.37
CA VAL F 191 -33.52 32.77 19.16
C VAL F 191 -33.43 34.25 19.49
N THR F 192 -32.36 34.89 19.04
CA THR F 192 -32.16 36.33 19.16
C THR F 192 -32.09 36.98 17.79
N LYS F 193 -32.96 36.53 16.88
CA LYS F 193 -33.03 36.86 15.45
C LYS F 193 -31.85 36.32 14.67
N ASN F 194 -30.90 35.64 15.32
CA ASN F 194 -29.75 35.03 14.67
C ASN F 194 -29.13 34.04 15.65
N SER F 195 -28.19 33.25 15.14
CA SER F 195 -27.34 32.36 15.94
C SER F 195 -28.17 31.34 16.73
N LYS F 196 -28.89 30.50 15.98
CA LYS F 196 -29.66 29.40 16.57
C LYS F 196 -28.72 28.24 16.85
N VAL F 197 -28.02 28.33 17.97
CA VAL F 197 -27.02 27.35 18.37
C VAL F 197 -27.60 26.48 19.48
N GLN F 198 -27.21 25.20 19.49
CA GLN F 198 -27.59 24.31 20.59
C GLN F 198 -27.00 24.81 21.90
N ILE F 199 -27.87 25.30 22.78
CA ILE F 199 -27.43 25.86 24.05
C ILE F 199 -27.24 24.80 25.12
N GLY F 200 -27.60 23.57 24.85
CA GLY F 200 -27.36 22.50 25.80
C GLY F 200 -28.40 21.41 25.71
N GLU F 201 -28.08 20.28 26.33
CA GLU F 201 -28.98 19.13 26.44
C GLU F 201 -29.57 19.11 27.84
N TYR F 202 -30.89 19.12 27.92
CA TYR F 202 -31.62 19.25 29.18
C TYR F 202 -32.55 18.08 29.38
N THR F 203 -32.57 17.55 30.60
CA THR F 203 -33.54 16.55 31.00
C THR F 203 -34.50 17.16 32.01
N PHE F 204 -35.78 16.84 31.86
CA PHE F 204 -36.84 17.49 32.62
C PHE F 204 -37.48 16.54 33.61
N GLU F 205 -37.91 17.11 34.75
CA GLU F 205 -38.66 16.36 35.74
C GLU F 205 -39.84 17.22 36.16
N LYS F 206 -40.99 16.60 36.41
CA LYS F 206 -42.13 17.33 36.94
C LYS F 206 -41.85 17.74 38.38
N GLY F 207 -42.23 18.96 38.73
CA GLY F 207 -41.95 19.48 40.05
C GLY F 207 -42.81 18.85 41.13
N ASP F 208 -42.41 19.11 42.38
CA ASP F 208 -43.17 18.62 43.52
C ASP F 208 -44.53 19.28 43.61
N TYR F 209 -44.61 20.58 43.31
CA TYR F 209 -45.84 21.34 43.42
C TYR F 209 -45.98 22.27 42.24
N GLY F 210 -47.20 22.39 41.72
CA GLY F 210 -47.51 23.32 40.66
C GLY F 210 -47.01 22.85 39.30
N ASP F 211 -47.42 23.60 38.28
CA ASP F 211 -47.00 23.34 36.90
C ASP F 211 -45.58 23.88 36.72
N ALA F 212 -44.63 23.11 37.25
CA ALA F 212 -43.22 23.50 37.24
C ALA F 212 -42.37 22.36 36.72
N VAL F 213 -41.27 22.72 36.06
CA VAL F 213 -40.35 21.77 35.48
C VAL F 213 -38.98 22.02 36.09
N VAL F 214 -38.42 20.98 36.72
CA VAL F 214 -37.05 21.03 37.22
C VAL F 214 -36.16 20.49 36.11
N TYR F 215 -35.22 21.32 35.66
CA TYR F 215 -34.36 20.94 34.55
C TYR F 215 -32.94 20.67 35.03
N ARG F 216 -32.31 19.66 34.44
CA ARG F 216 -30.89 19.39 34.63
C ARG F 216 -30.23 19.47 33.26
N GLY F 217 -29.28 20.39 33.13
CA GLY F 217 -28.66 20.67 31.85
C GLY F 217 -27.19 20.29 31.84
N THR F 218 -26.72 19.85 30.67
CA THR F 218 -25.28 19.67 30.48
C THR F 218 -24.55 20.99 30.60
N THR F 219 -25.12 22.05 30.03
CA THR F 219 -24.55 23.39 30.10
C THR F 219 -25.08 24.13 31.32
N THR F 220 -24.43 25.25 31.64
CA THR F 220 -24.80 26.08 32.78
C THR F 220 -25.30 27.46 32.34
N TYR F 221 -25.77 27.58 31.11
CA TYR F 221 -26.27 28.86 30.61
C TYR F 221 -27.56 29.24 31.33
N LYS F 222 -27.68 30.53 31.66
CA LYS F 222 -28.90 31.01 32.28
C LYS F 222 -30.01 31.07 31.26
N LEU F 223 -31.16 30.51 31.60
CA LEU F 223 -32.29 30.48 30.68
C LEU F 223 -32.99 31.83 30.65
N ASN F 224 -33.44 32.21 29.47
CA ASN F 224 -34.26 33.39 29.26
C ASN F 224 -35.59 32.98 28.66
N VAL F 225 -36.46 33.97 28.45
CA VAL F 225 -37.83 33.69 28.02
C VAL F 225 -37.85 33.11 26.61
N GLY F 226 -36.98 33.59 25.73
CA GLY F 226 -37.04 33.21 24.33
C GLY F 226 -36.53 31.82 24.00
N ASP F 227 -35.87 31.14 24.94
CA ASP F 227 -35.31 29.82 24.66
C ASP F 227 -36.41 28.78 24.59
N TYR F 228 -36.29 27.86 23.63
CA TYR F 228 -37.24 26.78 23.47
C TYR F 228 -36.51 25.46 23.30
N PHE F 229 -37.11 24.39 23.82
CA PHE F 229 -36.52 23.06 23.80
C PHE F 229 -37.23 22.19 22.79
N VAL F 230 -36.44 21.45 22.01
CA VAL F 230 -36.93 20.53 21.01
C VAL F 230 -36.39 19.14 21.32
N LEU F 231 -37.26 18.14 21.25
CA LEU F 231 -36.87 16.77 21.55
C LEU F 231 -35.90 16.24 20.49
N THR F 232 -34.89 15.50 20.94
CA THR F 232 -33.88 14.94 20.05
C THR F 232 -34.22 13.49 19.74
N SER F 233 -33.98 13.09 18.49
CA SER F 233 -34.21 11.73 18.04
C SER F 233 -32.88 11.06 17.71
N HIS F 234 -32.79 9.77 18.00
CA HIS F 234 -31.60 8.99 17.72
C HIS F 234 -31.78 8.28 16.39
N THR F 235 -30.78 8.40 15.52
CA THR F 235 -30.81 7.74 14.22
C THR F 235 -30.56 6.24 14.43
N VAL F 236 -31.59 5.42 14.20
CA VAL F 236 -31.46 3.99 14.41
C VAL F 236 -30.59 3.41 13.30
N MET F 237 -29.52 2.76 13.69
CA MET F 237 -28.57 2.22 12.73
C MET F 237 -28.99 0.81 12.30
N PRO F 238 -28.66 0.43 11.07
CA PRO F 238 -29.03 -0.91 10.60
C PRO F 238 -28.22 -1.99 11.29
N LEU F 239 -28.80 -3.18 11.34
CA LEU F 239 -28.17 -4.33 11.96
C LEU F 239 -27.92 -5.41 10.92
N SER F 240 -27.01 -6.32 11.24
CA SER F 240 -26.64 -7.37 10.30
C SER F 240 -26.73 -8.77 10.88
N ALA F 241 -26.39 -8.94 12.15
CA ALA F 241 -26.28 -10.28 12.72
C ALA F 241 -27.66 -10.93 12.87
N PRO F 242 -27.72 -12.25 12.79
CA PRO F 242 -29.00 -12.94 12.96
C PRO F 242 -29.53 -12.80 14.38
N THR F 243 -30.84 -12.99 14.51
CA THR F 243 -31.46 -12.95 15.82
C THR F 243 -30.98 -14.09 16.70
N LEU F 244 -30.88 -15.29 16.15
CA LEU F 244 -30.37 -16.45 16.86
C LEU F 244 -29.28 -17.10 16.02
N VAL F 245 -28.12 -17.31 16.61
CA VAL F 245 -27.05 -18.04 15.95
C VAL F 245 -27.50 -19.49 15.78
N PRO F 246 -27.09 -20.18 14.72
CA PRO F 246 -27.59 -21.54 14.50
C PRO F 246 -27.07 -22.50 15.55
N GLN F 247 -27.97 -23.28 16.14
CA GLN F 247 -27.60 -24.21 17.18
C GLN F 247 -26.73 -25.32 16.62
N GLU F 248 -25.68 -25.67 17.35
CA GLU F 248 -24.80 -26.77 16.95
C GLU F 248 -24.40 -27.53 18.22
N HIS F 249 -25.02 -28.68 18.43
CA HIS F 249 -24.72 -29.50 19.59
C HIS F 249 -23.27 -29.99 19.52
N TYR F 250 -22.65 -30.09 20.69
CA TYR F 250 -21.30 -30.58 20.80
C TYR F 250 -21.29 -31.91 21.53
N VAL F 251 -20.39 -32.81 21.12
CA VAL F 251 -20.31 -34.12 21.78
C VAL F 251 -19.77 -33.96 23.18
N ARG F 252 -18.81 -33.05 23.37
CA ARG F 252 -18.20 -32.83 24.67
C ARG F 252 -18.04 -31.33 24.90
N ILE F 253 -17.77 -30.98 26.16
CA ILE F 253 -17.70 -29.58 26.55
C ILE F 253 -16.46 -28.94 25.93
N THR F 254 -16.66 -27.86 25.19
CA THR F 254 -15.59 -27.15 24.52
C THR F 254 -15.57 -25.70 24.98
N GLY F 255 -14.38 -25.11 25.01
CA GLY F 255 -14.23 -23.75 25.46
C GLY F 255 -14.48 -23.52 26.93
N LEU F 256 -14.67 -24.59 27.70
CA LEU F 256 -14.93 -24.50 29.12
C LEU F 256 -14.14 -25.59 29.83
N TYR F 257 -13.87 -25.37 31.11
CA TYR F 257 -13.10 -26.30 31.93
C TYR F 257 -13.77 -26.42 33.29
N PRO F 258 -14.56 -27.46 33.51
CA PRO F 258 -15.37 -27.54 34.73
C PRO F 258 -14.50 -27.70 35.98
N THR F 259 -15.05 -27.22 37.10
CA THR F 259 -14.39 -27.29 38.39
C THR F 259 -15.17 -28.20 39.30
N LEU F 260 -14.49 -29.18 39.89
CA LEU F 260 -15.16 -30.13 40.76
C LEU F 260 -15.54 -29.49 42.09
N ASN F 261 -16.75 -29.80 42.56
CA ASN F 261 -17.24 -29.43 43.89
C ASN F 261 -17.20 -27.90 44.10
N ILE F 262 -18.01 -27.21 43.31
CA ILE F 262 -18.00 -25.75 43.35
C ILE F 262 -18.61 -25.25 44.66
N SER F 263 -19.74 -25.82 45.06
CA SER F 263 -20.45 -25.46 46.29
C SER F 263 -21.54 -26.49 46.50
N ASP F 264 -22.26 -26.35 47.61
CA ASP F 264 -23.33 -27.29 47.91
C ASP F 264 -24.67 -26.78 47.40
N GLU F 265 -24.89 -25.47 47.42
CA GLU F 265 -26.19 -24.93 47.00
C GLU F 265 -26.39 -25.06 45.49
N PHE F 266 -25.30 -25.12 44.72
CA PHE F 266 -25.38 -25.27 43.28
C PHE F 266 -25.42 -26.74 42.84
N SER F 267 -25.77 -27.65 43.75
CA SER F 267 -25.68 -29.07 43.45
C SER F 267 -26.67 -29.47 42.36
N SER F 268 -27.91 -29.03 42.47
CA SER F 268 -28.94 -29.43 41.52
C SER F 268 -28.77 -28.77 40.16
N ASN F 269 -27.91 -27.77 40.03
CA ASN F 269 -27.73 -27.07 38.78
C ASN F 269 -26.51 -27.54 37.99
N VAL F 270 -25.82 -28.57 38.46
CA VAL F 270 -24.60 -29.03 37.78
C VAL F 270 -24.92 -29.58 36.41
N ALA F 271 -25.98 -30.38 36.30
CA ALA F 271 -26.36 -30.96 35.02
C ALA F 271 -26.72 -29.89 34.01
N ASN F 272 -27.42 -28.84 34.46
CA ASN F 272 -27.74 -27.74 33.56
C ASN F 272 -26.49 -26.95 33.17
N TYR F 273 -25.51 -26.83 34.07
CA TYR F 273 -24.25 -26.22 33.69
C TYR F 273 -23.56 -27.01 32.59
N GLN F 274 -23.57 -28.34 32.72
CA GLN F 274 -22.99 -29.18 31.67
C GLN F 274 -23.77 -29.07 30.37
N LYS F 275 -25.09 -28.93 30.46
CA LYS F 275 -25.89 -28.77 29.25
C LYS F 275 -25.59 -27.45 28.55
N VAL F 276 -25.39 -26.38 29.33
CA VAL F 276 -25.01 -25.10 28.74
C VAL F 276 -23.62 -25.20 28.12
N GLY F 277 -22.72 -25.95 28.76
CA GLY F 277 -21.44 -26.21 28.14
C GLY F 277 -21.56 -27.00 26.84
N MET F 278 -22.58 -27.86 26.76
CA MET F 278 -22.76 -28.70 25.58
C MET F 278 -23.20 -27.89 24.38
N GLN F 279 -24.37 -27.26 24.47
CA GLN F 279 -25.00 -26.62 23.33
C GLN F 279 -24.33 -25.29 22.99
N LYS F 280 -24.57 -24.81 21.77
CA LYS F 280 -24.07 -23.51 21.37
C LYS F 280 -24.82 -22.40 22.08
N TYR F 281 -26.15 -22.48 22.11
CA TYR F 281 -26.96 -21.56 22.88
C TYR F 281 -28.02 -22.37 23.61
N SER F 282 -28.51 -21.83 24.71
CA SER F 282 -29.52 -22.53 25.48
C SER F 282 -30.44 -21.52 26.14
N THR F 283 -31.64 -21.97 26.48
CA THR F 283 -32.67 -21.14 27.06
C THR F 283 -33.12 -21.72 28.39
N LEU F 284 -33.31 -20.84 29.38
CA LEU F 284 -33.77 -21.23 30.70
C LEU F 284 -35.03 -20.45 31.03
N GLN F 285 -36.15 -21.15 31.15
CA GLN F 285 -37.42 -20.54 31.50
C GLN F 285 -37.83 -21.02 32.88
N GLY F 286 -38.23 -20.08 33.75
CA GLY F 286 -38.74 -20.44 35.04
C GLY F 286 -39.63 -19.35 35.61
N PRO F 287 -40.49 -19.74 36.56
CA PRO F 287 -41.33 -18.75 37.26
C PRO F 287 -40.47 -17.78 38.04
N PRO F 288 -40.99 -16.60 38.38
CA PRO F 288 -40.14 -15.58 39.01
C PRO F 288 -39.65 -16.01 40.38
N GLY F 289 -38.44 -15.59 40.71
CA GLY F 289 -37.83 -15.95 41.98
C GLY F 289 -37.52 -17.42 42.13
N THR F 290 -37.05 -18.06 41.06
CA THR F 290 -36.69 -19.48 41.10
C THR F 290 -35.22 -19.70 40.83
N GLY F 291 -34.39 -18.68 41.05
CA GLY F 291 -32.97 -18.85 40.89
C GLY F 291 -32.44 -18.73 39.48
N LYS F 292 -33.25 -18.22 38.55
CA LYS F 292 -32.81 -18.11 37.15
C LYS F 292 -31.60 -17.20 37.02
N SER F 293 -31.62 -16.05 37.69
CA SER F 293 -30.45 -15.19 37.67
C SER F 293 -29.32 -15.80 38.49
N HIS F 294 -29.65 -16.42 39.62
CA HIS F 294 -28.64 -17.04 40.47
C HIS F 294 -28.08 -18.30 39.83
N PHE F 295 -28.86 -18.93 38.94
CA PHE F 295 -28.32 -20.02 38.12
C PHE F 295 -27.18 -19.52 37.26
N ALA F 296 -27.30 -18.32 36.70
CA ALA F 296 -26.22 -17.79 35.89
C ALA F 296 -24.99 -17.50 36.73
N ILE F 297 -25.19 -17.10 37.98
CA ILE F 297 -24.07 -16.88 38.89
C ILE F 297 -23.34 -18.19 39.18
N GLY F 298 -24.11 -19.24 39.49
CA GLY F 298 -23.50 -20.55 39.70
C GLY F 298 -22.87 -21.10 38.44
N LEU F 299 -23.41 -20.72 37.28
CA LEU F 299 -22.78 -21.08 36.02
C LEU F 299 -21.44 -20.41 35.84
N ALA F 300 -21.34 -19.15 36.28
CA ALA F 300 -20.05 -18.46 36.25
C ALA F 300 -19.06 -19.13 37.20
N LEU F 301 -19.53 -19.54 38.37
CA LEU F 301 -18.65 -20.21 39.32
C LEU F 301 -18.19 -21.57 38.81
N TYR F 302 -19.08 -22.31 38.15
CA TYR F 302 -18.78 -23.65 37.68
C TYR F 302 -17.74 -23.68 36.58
N TYR F 303 -17.60 -22.61 35.82
CA TYR F 303 -16.57 -22.49 34.78
C TYR F 303 -15.77 -21.22 35.04
N PRO F 304 -14.87 -21.25 36.02
CA PRO F 304 -14.14 -20.02 36.38
C PRO F 304 -13.16 -19.56 35.32
N SER F 305 -12.84 -20.39 34.35
CA SER F 305 -11.92 -20.03 33.27
C SER F 305 -12.65 -19.48 32.04
N ALA F 306 -13.80 -18.84 32.24
CA ALA F 306 -14.63 -18.35 31.14
C ALA F 306 -14.89 -16.86 31.32
N ARG F 307 -14.52 -16.06 30.34
CA ARG F 307 -14.75 -14.63 30.36
C ARG F 307 -16.21 -14.36 30.06
N ILE F 308 -17.00 -14.12 31.11
CA ILE F 308 -18.45 -14.08 30.99
C ILE F 308 -18.92 -12.65 30.92
N VAL F 309 -19.76 -12.35 29.93
CA VAL F 309 -20.44 -11.07 29.82
C VAL F 309 -21.89 -11.31 30.20
N TYR F 310 -22.29 -10.77 31.34
CA TYR F 310 -23.70 -10.64 31.66
C TYR F 310 -24.23 -9.39 31.01
N THR F 311 -25.32 -9.52 30.27
CA THR F 311 -25.96 -8.35 29.68
C THR F 311 -27.45 -8.45 29.90
N ALA F 312 -28.09 -7.28 29.95
CA ALA F 312 -29.51 -7.25 30.24
C ALA F 312 -30.16 -6.08 29.54
N CYS F 313 -31.47 -6.18 29.34
CA CYS F 313 -32.20 -5.12 28.65
C CYS F 313 -32.36 -3.91 29.55
N SER F 314 -32.74 -4.12 30.81
CA SER F 314 -33.04 -3.02 31.71
C SER F 314 -31.75 -2.46 32.29
N HIS F 315 -31.87 -1.59 33.30
CA HIS F 315 -30.72 -1.05 34.00
C HIS F 315 -30.62 -1.60 35.42
N ALA F 316 -31.68 -1.45 36.21
CA ALA F 316 -31.66 -2.02 37.55
C ALA F 316 -31.65 -3.54 37.54
N ALA F 317 -32.07 -4.16 36.43
CA ALA F 317 -31.92 -5.61 36.32
C ALA F 317 -30.45 -6.00 36.26
N VAL F 318 -29.67 -5.32 35.43
CA VAL F 318 -28.23 -5.63 35.38
C VAL F 318 -27.56 -5.18 36.67
N ASP F 319 -28.10 -4.16 37.35
CA ASP F 319 -27.53 -3.77 38.63
C ASP F 319 -27.78 -4.84 39.70
N ALA F 320 -28.98 -5.44 39.68
CA ALA F 320 -29.26 -6.53 40.61
C ALA F 320 -28.41 -7.76 40.28
N LEU F 321 -28.15 -7.97 38.99
CA LEU F 321 -27.22 -9.03 38.61
C LEU F 321 -25.82 -8.76 39.17
N CYS F 322 -25.38 -7.50 39.11
CA CYS F 322 -24.11 -7.11 39.72
C CYS F 322 -24.11 -7.38 41.22
N GLU F 323 -25.21 -7.04 41.89
CA GLU F 323 -25.30 -7.24 43.33
C GLU F 323 -25.24 -8.72 43.68
N LYS F 324 -25.94 -9.57 42.92
CA LYS F 324 -25.89 -11.00 43.17
C LYS F 324 -24.49 -11.55 42.92
N ALA F 325 -23.82 -11.05 41.88
CA ALA F 325 -22.45 -11.46 41.62
C ALA F 325 -21.52 -11.09 42.77
N LEU F 326 -21.66 -9.87 43.28
CA LEU F 326 -20.85 -9.45 44.42
C LEU F 326 -21.16 -10.30 45.65
N LYS F 327 -22.41 -10.74 45.78
CA LYS F 327 -22.76 -11.65 46.86
C LYS F 327 -22.04 -12.98 46.73
N TYR F 328 -21.98 -13.54 45.53
CA TYR F 328 -21.38 -14.86 45.34
C TYR F 328 -20.02 -14.83 44.64
N LEU F 329 -19.94 -14.24 43.46
CA LEU F 329 -18.71 -14.29 42.68
C LEU F 329 -17.62 -13.46 43.36
N PRO F 330 -16.36 -13.84 43.20
CA PRO F 330 -15.27 -13.00 43.68
C PRO F 330 -15.24 -11.66 42.96
N ILE F 331 -15.00 -10.60 43.73
CA ILE F 331 -15.28 -9.25 43.25
C ILE F 331 -14.29 -8.82 42.17
N ASP F 332 -13.00 -9.06 42.37
CA ASP F 332 -12.01 -8.39 41.53
C ASP F 332 -11.78 -9.09 40.18
N LYS F 333 -12.87 -9.43 39.49
CA LYS F 333 -12.86 -9.67 38.06
C LYS F 333 -14.13 -9.13 37.41
N CYS F 334 -15.00 -8.48 38.17
CA CYS F 334 -16.28 -8.00 37.70
C CYS F 334 -16.23 -6.51 37.44
N SER F 335 -16.82 -6.10 36.32
CA SER F 335 -16.92 -4.71 35.95
C SER F 335 -18.36 -4.41 35.56
N ARG F 336 -18.76 -3.16 35.70
CA ARG F 336 -20.12 -2.71 35.36
C ARG F 336 -19.97 -1.52 34.41
N ILE F 337 -20.24 -1.75 33.14
CA ILE F 337 -20.06 -0.71 32.13
C ILE F 337 -21.32 0.15 32.08
N ILE F 338 -21.14 1.45 32.25
CA ILE F 338 -22.24 2.41 32.10
C ILE F 338 -21.98 3.20 30.83
N PRO F 339 -22.99 3.75 30.18
CA PRO F 339 -22.75 4.52 28.96
C PRO F 339 -22.12 5.87 29.27
N ALA F 340 -21.75 6.58 28.19
CA ALA F 340 -21.19 7.91 28.34
C ALA F 340 -22.19 8.88 28.94
N ARG F 341 -23.47 8.76 28.54
CA ARG F 341 -24.50 9.62 29.10
C ARG F 341 -24.82 9.21 30.53
N ALA F 342 -25.35 8.00 30.71
CA ALA F 342 -25.63 7.39 32.02
C ALA F 342 -26.49 8.32 32.89
N ARG F 343 -27.58 8.80 32.32
CA ARG F 343 -28.44 9.74 33.03
C ARG F 343 -29.19 9.09 34.19
N VAL F 344 -29.25 7.77 34.24
CA VAL F 344 -29.91 7.05 35.32
C VAL F 344 -28.84 6.54 36.28
N GLU F 345 -29.23 6.38 37.55
CA GLU F 345 -28.29 5.97 38.58
C GLU F 345 -27.92 4.50 38.42
N CYS F 346 -26.62 4.25 38.26
CA CYS F 346 -26.11 2.90 38.06
C CYS F 346 -25.71 2.30 39.41
N PHE F 347 -24.99 1.18 39.36
CA PHE F 347 -24.52 0.46 40.54
C PHE F 347 -23.00 0.62 40.60
N ASP F 348 -22.53 1.38 41.59
CA ASP F 348 -21.11 1.72 41.70
C ASP F 348 -20.51 0.95 42.86
N LYS F 349 -20.15 -0.30 42.61
CA LYS F 349 -19.31 -1.07 43.53
C LYS F 349 -18.20 -1.85 42.84
N PHE F 350 -18.34 -2.16 41.55
CA PHE F 350 -17.28 -2.79 40.78
C PHE F 350 -16.45 -1.72 40.08
N LYS F 351 -15.36 -2.16 39.47
CA LYS F 351 -14.50 -1.24 38.72
C LYS F 351 -15.25 -0.80 37.47
N VAL F 352 -15.75 0.44 37.49
CA VAL F 352 -16.69 0.91 36.49
C VAL F 352 -15.97 1.09 35.15
N ASN F 353 -16.63 0.67 34.08
CA ASN F 353 -16.17 0.84 32.70
C ASN F 353 -14.82 0.17 32.47
N SER F 354 -14.78 -1.14 32.69
CA SER F 354 -13.58 -1.95 32.48
C SER F 354 -13.97 -3.10 31.55
N THR F 355 -13.81 -2.87 30.24
CA THR F 355 -14.13 -3.90 29.26
C THR F 355 -13.21 -5.10 29.38
N LEU F 356 -11.96 -4.89 29.78
CA LEU F 356 -10.95 -5.94 29.77
C LEU F 356 -11.10 -6.93 30.92
N GLU F 357 -12.02 -6.70 31.86
CA GLU F 357 -12.19 -7.61 32.98
C GLU F 357 -12.85 -8.90 32.52
N GLN F 358 -12.92 -9.87 33.43
CA GLN F 358 -13.42 -11.19 33.06
C GLN F 358 -14.93 -11.28 33.13
N TYR F 359 -15.53 -10.69 34.17
CA TYR F 359 -16.97 -10.78 34.40
C TYR F 359 -17.55 -9.40 34.15
N VAL F 360 -17.97 -9.15 32.90
CA VAL F 360 -18.37 -7.82 32.46
C VAL F 360 -19.88 -7.74 32.41
N PHE F 361 -20.44 -6.71 33.05
CA PHE F 361 -21.87 -6.53 33.15
C PHE F 361 -22.27 -5.30 32.35
N CYS F 362 -23.35 -5.41 31.58
CA CYS F 362 -23.71 -4.30 30.71
C CYS F 362 -25.18 -4.35 30.33
N THR F 363 -25.69 -3.18 29.95
CA THR F 363 -26.95 -3.09 29.24
C THR F 363 -26.76 -3.47 27.78
N VAL F 364 -27.85 -3.83 27.13
CA VAL F 364 -27.77 -4.29 25.73
C VAL F 364 -27.24 -3.19 24.83
N ASN F 365 -27.78 -1.98 24.98
CA ASN F 365 -27.42 -0.91 24.05
C ASN F 365 -26.01 -0.39 24.27
N ALA F 366 -25.43 -0.64 25.44
CA ALA F 366 -24.11 -0.15 25.77
C ALA F 366 -23.01 -1.19 25.59
N LEU F 367 -23.32 -2.32 24.96
CA LEU F 367 -22.34 -3.38 24.82
C LEU F 367 -21.19 -2.93 23.92
N PRO F 368 -19.95 -3.24 24.26
CA PRO F 368 -18.82 -2.94 23.36
C PRO F 368 -18.53 -4.10 22.42
N GLU F 369 -18.08 -3.75 21.21
CA GLU F 369 -17.78 -4.76 20.20
C GLU F 369 -16.58 -5.59 20.63
N THR F 370 -16.83 -6.83 21.07
CA THR F 370 -15.78 -7.62 21.68
C THR F 370 -15.99 -9.10 21.41
N THR F 371 -14.89 -9.84 21.54
CA THR F 371 -14.96 -11.27 21.71
C THR F 371 -15.19 -11.60 23.18
N ALA F 372 -15.74 -12.78 23.42
CA ALA F 372 -16.04 -13.20 24.77
C ALA F 372 -16.19 -14.70 24.81
N ASP F 373 -16.21 -15.23 26.02
CA ASP F 373 -16.68 -16.58 26.29
C ASP F 373 -18.18 -16.50 26.54
N ILE F 374 -18.75 -17.53 27.17
CA ILE F 374 -20.18 -17.68 27.42
C ILE F 374 -20.81 -16.39 27.92
N VAL F 375 -21.84 -15.93 27.21
CA VAL F 375 -22.51 -14.65 27.48
C VAL F 375 -23.93 -14.95 27.91
N VAL F 376 -24.34 -14.32 29.01
CA VAL F 376 -25.66 -14.58 29.60
C VAL F 376 -26.52 -13.35 29.40
N PHE F 377 -27.59 -13.52 28.64
CA PHE F 377 -28.60 -12.49 28.44
C PHE F 377 -29.69 -12.69 29.48
N ASP F 378 -30.04 -11.61 30.17
CA ASP F 378 -30.96 -11.66 31.29
C ASP F 378 -32.25 -10.92 30.94
N GLU F 379 -33.38 -11.53 31.29
CA GLU F 379 -34.72 -10.99 31.04
C GLU F 379 -34.94 -10.77 29.54
N ILE F 380 -34.96 -11.90 28.82
CA ILE F 380 -35.21 -11.88 27.39
C ILE F 380 -36.59 -11.34 27.06
N SER F 381 -37.55 -11.51 27.97
CA SER F 381 -38.88 -11.01 27.73
C SER F 381 -38.90 -9.49 27.61
N MET F 382 -38.00 -8.81 28.32
CA MET F 382 -37.94 -7.36 28.22
C MET F 382 -37.36 -6.85 26.90
N ALA F 383 -36.81 -7.74 26.08
CA ALA F 383 -36.04 -7.32 24.92
C ALA F 383 -36.73 -7.74 23.62
N THR F 384 -36.55 -6.92 22.59
CA THR F 384 -37.07 -7.21 21.27
C THR F 384 -35.94 -7.69 20.36
N ASN F 385 -36.32 -8.05 19.13
CA ASN F 385 -35.37 -8.62 18.18
C ASN F 385 -34.25 -7.67 17.83
N TYR F 386 -34.47 -6.37 17.96
CA TYR F 386 -33.36 -5.43 17.83
C TYR F 386 -32.30 -5.68 18.90
N ASP F 387 -32.73 -5.92 20.14
CA ASP F 387 -31.78 -6.17 21.20
C ASP F 387 -31.01 -7.46 20.97
N LEU F 388 -31.70 -8.52 20.55
CA LEU F 388 -31.02 -9.79 20.29
C LEU F 388 -30.04 -9.65 19.13
N SER F 389 -30.41 -8.90 18.10
CA SER F 389 -29.49 -8.66 17.01
C SER F 389 -28.28 -7.87 17.47
N VAL F 390 -28.48 -6.89 18.34
CA VAL F 390 -27.37 -6.10 18.85
C VAL F 390 -26.42 -6.96 19.66
N VAL F 391 -26.96 -7.78 20.58
CA VAL F 391 -26.12 -8.59 21.43
C VAL F 391 -25.43 -9.68 20.61
N ASN F 392 -26.04 -10.11 19.51
CA ASN F 392 -25.40 -11.11 18.66
C ASN F 392 -24.46 -10.49 17.64
N ALA F 393 -24.50 -9.17 17.46
CA ALA F 393 -23.57 -8.50 16.57
C ALA F 393 -22.34 -7.95 17.28
N ARG F 394 -22.48 -7.53 18.54
CA ARG F 394 -21.35 -6.93 19.24
C ARG F 394 -20.50 -7.93 20.01
N LEU F 395 -21.10 -9.01 20.52
CA LEU F 395 -20.39 -9.99 21.33
C LEU F 395 -20.25 -11.28 20.55
N ARG F 396 -19.05 -11.58 20.07
CA ARG F 396 -18.81 -12.86 19.43
C ARG F 396 -18.32 -13.84 20.48
N ALA F 397 -19.05 -14.94 20.66
CA ALA F 397 -18.81 -15.81 21.80
C ALA F 397 -18.95 -17.27 21.41
N LYS F 398 -18.55 -18.14 22.34
CA LYS F 398 -18.58 -19.58 22.14
C LYS F 398 -19.73 -20.27 22.83
N HIS F 399 -20.47 -19.57 23.69
CA HIS F 399 -21.65 -20.15 24.33
C HIS F 399 -22.60 -19.02 24.67
N TYR F 400 -23.89 -19.25 24.46
CA TYR F 400 -24.91 -18.25 24.74
C TYR F 400 -25.94 -18.85 25.67
N VAL F 401 -26.27 -18.12 26.73
CA VAL F 401 -27.36 -18.51 27.62
C VAL F 401 -28.37 -17.39 27.62
N TYR F 402 -29.63 -17.73 27.44
CA TYR F 402 -30.72 -16.77 27.50
C TYR F 402 -31.63 -17.17 28.66
N ILE F 403 -31.69 -16.33 29.68
CA ILE F 403 -32.50 -16.62 30.86
C ILE F 403 -33.57 -15.56 31.00
N GLY F 404 -34.77 -15.98 31.34
CA GLY F 404 -35.90 -15.08 31.45
C GLY F 404 -37.19 -15.84 31.38
N ASP F 405 -38.28 -15.13 31.67
CA ASP F 405 -39.58 -15.76 31.78
C ASP F 405 -40.57 -15.13 30.82
N PRO F 406 -41.25 -15.92 29.99
CA PRO F 406 -42.31 -15.35 29.14
C PRO F 406 -43.49 -14.79 29.92
N ALA F 407 -43.70 -15.21 31.16
CA ALA F 407 -44.89 -14.75 31.89
C ALA F 407 -44.75 -13.32 32.37
N GLN F 408 -43.54 -12.78 32.43
CA GLN F 408 -43.35 -11.41 32.91
C GLN F 408 -43.80 -10.42 31.83
N LEU F 409 -43.77 -9.15 32.19
CA LEU F 409 -44.18 -8.10 31.26
C LEU F 409 -43.14 -7.92 30.16
N PRO F 410 -43.56 -7.71 28.91
CA PRO F 410 -42.59 -7.63 27.82
C PRO F 410 -42.01 -6.23 27.65
N ALA F 411 -41.37 -6.01 26.50
CA ALA F 411 -40.94 -4.67 26.14
C ALA F 411 -42.15 -3.77 25.98
N PRO F 412 -41.99 -2.45 26.17
CA PRO F 412 -43.17 -1.57 26.16
C PRO F 412 -43.93 -1.55 24.85
N ARG F 413 -43.24 -1.38 23.73
CA ARG F 413 -43.85 -1.28 22.39
C ARG F 413 -44.89 -0.16 22.36
N THR F 414 -44.40 1.08 22.48
CA THR F 414 -45.29 2.23 22.61
C THR F 414 -46.18 2.40 21.38
N LEU F 415 -45.72 1.93 20.21
CA LEU F 415 -46.55 2.03 19.01
C LEU F 415 -47.80 1.18 19.11
N LEU F 416 -47.70 0.00 19.73
CA LEU F 416 -48.84 -0.89 19.84
C LEU F 416 -49.88 -0.30 20.78
N THR F 417 -51.12 -0.19 20.30
CA THR F 417 -52.20 0.28 21.15
C THR F 417 -53.49 -0.53 21.04
N LYS F 418 -53.73 -1.26 19.95
CA LYS F 418 -54.98 -1.97 19.74
C LYS F 418 -54.70 -3.46 19.64
N GLY F 419 -55.42 -4.25 20.43
CA GLY F 419 -55.13 -5.66 20.56
C GLY F 419 -54.03 -5.90 21.57
N THR F 420 -53.92 -7.15 21.99
CA THR F 420 -52.93 -7.56 22.98
C THR F 420 -51.99 -8.59 22.39
N LEU F 421 -50.73 -8.54 22.81
CA LEU F 421 -49.72 -9.45 22.28
C LEU F 421 -49.73 -10.74 23.07
N GLU F 422 -49.80 -11.87 22.36
CA GLU F 422 -49.59 -13.15 23.00
C GLU F 422 -48.14 -13.25 23.47
N PRO F 423 -47.87 -14.01 24.53
CA PRO F 423 -46.48 -14.11 25.03
C PRO F 423 -45.50 -14.64 24.00
N GLU F 424 -45.89 -15.66 23.23
CA GLU F 424 -44.96 -16.37 22.38
C GLU F 424 -44.41 -15.54 21.24
N TYR F 425 -44.96 -14.37 20.98
CA TYR F 425 -44.45 -13.49 19.94
C TYR F 425 -43.65 -12.32 20.51
N PHE F 426 -43.17 -12.42 21.74
CA PHE F 426 -42.40 -11.31 22.33
C PHE F 426 -41.13 -11.05 21.52
N ASN F 427 -40.37 -12.10 21.24
CA ASN F 427 -39.20 -12.03 20.37
C ASN F 427 -38.89 -13.45 19.93
N SER F 428 -37.72 -13.63 19.31
CA SER F 428 -37.37 -14.94 18.79
C SER F 428 -37.18 -15.95 19.91
N VAL F 429 -36.53 -15.54 21.01
CA VAL F 429 -36.19 -16.48 22.06
C VAL F 429 -37.44 -16.92 22.82
N CYS F 430 -38.38 -16.00 23.06
CA CYS F 430 -39.62 -16.41 23.69
C CYS F 430 -40.43 -17.32 22.79
N ARG F 431 -40.35 -17.11 21.47
CA ARG F 431 -40.98 -18.05 20.55
C ARG F 431 -40.32 -19.41 20.63
N LEU F 432 -39.00 -19.45 20.77
CA LEU F 432 -38.30 -20.70 20.98
C LEU F 432 -38.77 -21.38 22.26
N MET F 433 -38.95 -20.61 23.32
CA MET F 433 -39.38 -21.16 24.60
C MET F 433 -40.78 -21.75 24.51
N LYS F 434 -41.68 -21.07 23.82
CA LYS F 434 -43.07 -21.52 23.78
C LYS F 434 -43.37 -22.46 22.61
N THR F 435 -42.39 -22.74 21.75
CA THR F 435 -42.59 -23.70 20.68
C THR F 435 -42.11 -25.10 21.06
N ILE F 436 -40.82 -25.24 21.39
CA ILE F 436 -40.22 -26.54 21.66
C ILE F 436 -39.91 -26.75 23.12
N GLY F 437 -40.16 -25.75 23.96
CA GLY F 437 -39.88 -25.87 25.37
C GLY F 437 -38.50 -25.36 25.71
N PRO F 438 -38.31 -24.94 26.96
CA PRO F 438 -37.01 -24.45 27.38
C PRO F 438 -35.98 -25.57 27.43
N ASP F 439 -34.73 -25.20 27.14
CA ASP F 439 -33.65 -26.18 27.24
C ASP F 439 -33.41 -26.59 28.69
N MET F 440 -33.45 -25.63 29.61
CA MET F 440 -33.44 -25.92 31.03
C MET F 440 -34.66 -25.29 31.67
N PHE F 441 -35.22 -25.97 32.67
CA PHE F 441 -36.44 -25.51 33.32
C PHE F 441 -36.38 -25.84 34.80
N LEU F 442 -36.64 -24.85 35.64
CA LEU F 442 -36.65 -25.05 37.08
C LEU F 442 -37.75 -24.19 37.69
N GLY F 443 -38.78 -24.83 38.24
CA GLY F 443 -39.79 -24.07 38.95
C GLY F 443 -40.00 -24.48 40.39
N THR F 444 -39.50 -23.63 41.30
CA THR F 444 -39.81 -23.66 42.72
C THR F 444 -39.28 -22.36 43.33
N CYS F 445 -40.14 -21.59 43.97
CA CYS F 445 -39.75 -20.24 44.38
C CYS F 445 -38.89 -20.29 45.63
N ARG F 446 -37.67 -19.76 45.51
CA ARG F 446 -36.78 -19.57 46.65
C ARG F 446 -36.77 -18.12 47.11
N ARG F 447 -37.80 -17.35 46.74
CA ARG F 447 -37.82 -15.91 46.99
C ARG F 447 -38.93 -15.50 47.95
N CYS F 448 -40.14 -15.83 47.66
CA CYS F 448 -41.32 -15.29 48.30
C CYS F 448 -41.90 -16.30 49.29
N PRO F 449 -42.59 -15.81 50.33
CA PRO F 449 -43.26 -16.73 51.25
C PRO F 449 -44.46 -17.44 50.64
N ALA F 450 -45.17 -18.23 51.45
CA ALA F 450 -46.12 -19.21 50.90
C ALA F 450 -47.37 -18.55 50.34
N GLU F 451 -47.90 -17.51 51.00
CA GLU F 451 -49.18 -16.96 50.58
C GLU F 451 -49.08 -16.25 49.24
N ILE F 452 -48.01 -15.47 49.03
CA ILE F 452 -47.88 -14.73 47.79
C ILE F 452 -47.68 -15.68 46.61
N VAL F 453 -46.85 -16.71 46.78
CA VAL F 453 -46.65 -17.66 45.70
C VAL F 453 -47.91 -18.49 45.47
N ASP F 454 -48.70 -18.74 46.52
CA ASP F 454 -49.97 -19.42 46.34
C ASP F 454 -50.92 -18.57 45.50
N THR F 455 -50.98 -17.26 45.79
CA THR F 455 -51.82 -16.37 45.00
C THR F 455 -51.37 -16.30 43.56
N VAL F 456 -50.06 -16.21 43.33
CA VAL F 456 -49.57 -16.14 41.96
C VAL F 456 -49.72 -17.48 41.25
N SER F 457 -49.86 -18.58 41.99
CA SER F 457 -50.26 -19.84 41.39
C SER F 457 -51.76 -19.92 41.16
N ALA F 458 -52.54 -19.07 41.82
CA ALA F 458 -53.94 -18.89 41.47
C ALA F 458 -54.13 -17.88 40.36
N LEU F 459 -53.10 -17.08 40.07
CA LEU F 459 -53.09 -16.09 39.02
C LEU F 459 -52.67 -16.74 37.69
N VAL F 460 -52.20 -15.93 36.74
CA VAL F 460 -51.81 -16.29 35.39
C VAL F 460 -51.07 -17.63 35.32
N TYR F 461 -50.15 -17.86 36.27
CA TYR F 461 -49.53 -19.17 36.41
C TYR F 461 -50.58 -20.19 36.81
N ASP F 462 -50.96 -21.07 35.88
CA ASP F 462 -51.76 -22.23 36.24
C ASP F 462 -50.98 -23.04 37.26
N ASN F 463 -51.65 -23.45 38.35
CA ASN F 463 -50.97 -23.81 39.59
C ASN F 463 -49.91 -24.89 39.41
N LYS F 464 -48.66 -24.46 39.53
CA LYS F 464 -47.50 -25.34 39.40
C LYS F 464 -46.41 -25.06 40.43
N LEU F 465 -46.46 -23.93 41.13
CA LEU F 465 -45.40 -23.57 42.05
C LEU F 465 -45.46 -24.40 43.33
N LYS F 466 -44.28 -24.77 43.82
CA LYS F 466 -44.13 -25.60 45.02
C LYS F 466 -43.07 -24.98 45.93
N ALA F 467 -43.23 -23.70 46.22
CA ALA F 467 -42.19 -22.90 46.86
C ALA F 467 -41.85 -23.42 48.25
N HIS F 468 -40.57 -23.34 48.58
CA HIS F 468 -40.03 -23.81 49.86
C HIS F 468 -40.00 -22.62 50.83
N LYS F 469 -41.17 -22.27 51.34
CA LYS F 469 -41.29 -21.26 52.39
C LYS F 469 -42.66 -21.46 53.04
N ASP F 470 -42.88 -20.76 54.15
CA ASP F 470 -44.13 -20.83 54.88
C ASP F 470 -44.72 -19.42 55.01
N LYS F 471 -46.00 -19.37 55.36
CA LYS F 471 -46.71 -18.11 55.48
C LYS F 471 -46.12 -17.24 56.58
N SER F 472 -45.48 -16.14 56.19
CA SER F 472 -44.82 -15.25 57.14
C SER F 472 -45.76 -14.23 57.75
N ALA F 473 -47.02 -14.20 57.33
CA ALA F 473 -48.02 -13.24 57.81
C ALA F 473 -47.53 -11.80 57.66
N GLN F 474 -46.87 -11.54 56.53
CA GLN F 474 -46.36 -10.21 56.22
C GLN F 474 -46.93 -9.70 54.89
N CYS F 475 -48.06 -10.23 54.47
CA CYS F 475 -48.70 -9.84 53.22
C CYS F 475 -50.04 -9.18 53.54
N PHE F 476 -50.22 -7.95 53.07
CA PHE F 476 -51.36 -7.14 53.46
C PHE F 476 -52.01 -6.52 52.22
N LYS F 477 -53.31 -6.30 52.29
CA LYS F 477 -54.10 -5.79 51.17
C LYS F 477 -54.87 -4.55 51.60
N MET F 478 -55.15 -3.68 50.63
CA MET F 478 -56.09 -2.59 50.83
C MET F 478 -57.01 -2.49 49.62
N PHE F 479 -58.03 -1.64 49.74
CA PHE F 479 -59.10 -1.57 48.75
C PHE F 479 -59.47 -0.16 48.30
N TYR F 480 -59.20 0.87 49.10
CA TYR F 480 -59.72 2.22 48.84
C TYR F 480 -59.22 2.77 47.51
N LYS F 481 -60.01 3.68 46.95
CA LYS F 481 -59.81 4.08 45.55
C LYS F 481 -58.65 5.05 45.40
N GLY F 482 -58.76 6.24 45.99
CA GLY F 482 -57.78 7.27 45.72
C GLY F 482 -58.17 8.17 44.57
N VAL F 483 -57.42 9.24 44.41
CA VAL F 483 -57.70 10.27 43.41
C VAL F 483 -56.63 10.23 42.33
N ILE F 484 -57.05 10.46 41.09
CA ILE F 484 -56.18 10.43 39.93
C ILE F 484 -55.86 11.88 39.54
N THR F 485 -54.64 12.09 39.04
CA THR F 485 -54.22 13.41 38.60
C THR F 485 -53.98 13.53 37.10
N HIS F 486 -53.42 12.49 36.46
CA HIS F 486 -53.12 12.48 35.03
C HIS F 486 -52.21 13.64 34.64
N ASP F 487 -50.99 13.60 35.19
CA ASP F 487 -50.02 14.67 35.02
C ASP F 487 -49.61 14.84 33.55
N VAL F 488 -48.92 13.85 33.01
CA VAL F 488 -48.46 13.88 31.62
C VAL F 488 -48.90 12.59 30.95
N SER F 489 -50.08 12.11 31.35
CA SER F 489 -50.59 10.76 31.09
C SER F 489 -49.80 9.71 31.85
N SER F 490 -49.25 10.10 32.99
CA SER F 490 -48.59 9.20 33.94
C SER F 490 -49.17 9.55 35.30
N ALA F 491 -50.23 8.83 35.70
CA ALA F 491 -51.06 9.25 36.81
C ALA F 491 -50.31 9.19 38.13
N ILE F 492 -50.75 10.05 39.06
CA ILE F 492 -50.22 10.11 40.41
C ILE F 492 -51.40 10.08 41.38
N ASN F 493 -51.31 9.24 42.40
CA ASN F 493 -52.38 9.08 43.39
C ASN F 493 -51.86 9.63 44.72
N ARG F 494 -52.18 10.91 44.98
CA ARG F 494 -51.72 11.55 46.21
C ARG F 494 -52.33 10.95 47.48
N PRO F 495 -53.64 10.67 47.59
CA PRO F 495 -54.13 10.05 48.83
C PRO F 495 -53.57 8.67 49.12
N GLN F 496 -53.27 7.88 48.08
CA GLN F 496 -52.64 6.58 48.32
C GLN F 496 -51.25 6.75 48.90
N ILE F 497 -50.48 7.71 48.36
CA ILE F 497 -49.18 8.05 48.92
C ILE F 497 -49.34 8.52 50.36
N GLY F 498 -50.41 9.28 50.63
CA GLY F 498 -50.65 9.74 51.99
C GLY F 498 -50.97 8.63 52.96
N VAL F 499 -51.74 7.63 52.51
CA VAL F 499 -52.05 6.50 53.38
C VAL F 499 -50.80 5.65 53.62
N VAL F 500 -49.95 5.48 52.60
CA VAL F 500 -48.69 4.77 52.80
C VAL F 500 -47.80 5.52 53.79
N ARG F 501 -47.74 6.85 53.66
CA ARG F 501 -47.00 7.67 54.62
C ARG F 501 -47.61 7.58 56.02
N GLU F 502 -48.94 7.40 56.09
CA GLU F 502 -49.59 7.20 57.36
C GLU F 502 -49.18 5.88 57.99
N PHE F 503 -49.06 4.82 57.19
CA PHE F 503 -48.86 3.49 57.74
C PHE F 503 -47.53 3.40 58.46
N LEU F 504 -46.42 3.19 57.74
CA LEU F 504 -45.08 3.76 57.91
C LEU F 504 -44.52 3.86 59.33
N THR F 505 -45.34 3.69 60.35
CA THR F 505 -44.94 3.91 61.74
C THR F 505 -45.46 2.78 62.61
N ARG F 506 -46.68 2.33 62.31
CA ARG F 506 -47.31 1.28 63.09
C ARG F 506 -46.58 -0.05 62.96
N ASN F 507 -45.84 -0.22 61.86
CA ASN F 507 -44.97 -1.37 61.65
C ASN F 507 -43.62 -0.82 61.23
N PRO F 508 -42.73 -0.54 62.17
CA PRO F 508 -41.46 0.14 61.84
C PRO F 508 -40.55 -0.66 60.94
N ALA F 509 -40.73 -1.97 60.83
CA ALA F 509 -39.89 -2.79 59.96
C ALA F 509 -40.08 -2.47 58.48
N TRP F 510 -41.14 -1.75 58.12
CA TRP F 510 -41.39 -1.36 56.74
C TRP F 510 -40.81 0.01 56.41
N ARG F 511 -40.02 0.59 57.30
CA ARG F 511 -39.34 1.84 56.97
C ARG F 511 -38.19 1.63 55.99
N LYS F 512 -37.74 0.40 55.80
CA LYS F 512 -36.79 0.05 54.77
C LYS F 512 -37.46 -0.61 53.57
N ALA F 513 -38.78 -0.60 53.51
CA ALA F 513 -39.49 -1.18 52.38
C ALA F 513 -39.26 -0.36 51.12
N VAL F 514 -39.53 -0.97 49.97
CA VAL F 514 -39.27 -0.35 48.68
C VAL F 514 -40.60 -0.14 47.96
N PHE F 515 -40.75 1.03 47.36
CA PHE F 515 -41.99 1.47 46.74
C PHE F 515 -42.09 0.94 45.32
N ILE F 516 -43.25 0.40 44.96
CA ILE F 516 -43.50 -0.18 43.64
C ILE F 516 -44.82 0.36 43.11
N SER F 517 -44.75 1.09 42.00
CA SER F 517 -45.88 1.58 41.23
C SER F 517 -45.34 1.95 39.85
N PRO F 518 -45.92 1.44 38.75
CA PRO F 518 -45.26 1.56 37.45
C PRO F 518 -45.03 2.99 36.98
N TYR F 519 -46.09 3.68 36.55
CA TYR F 519 -46.42 5.06 36.90
C TYR F 519 -45.23 5.92 37.33
N ASN F 520 -44.28 6.15 36.41
CA ASN F 520 -43.00 6.76 36.76
C ASN F 520 -43.17 8.10 37.47
N SER F 521 -44.20 8.86 37.12
CA SER F 521 -44.46 10.13 37.81
C SER F 521 -44.80 9.90 39.27
N GLN F 522 -45.66 8.91 39.56
CA GLN F 522 -45.96 8.59 40.95
C GLN F 522 -44.74 8.02 41.66
N ASN F 523 -43.89 7.29 40.93
CA ASN F 523 -42.64 6.81 41.51
C ASN F 523 -41.74 7.97 41.92
N ALA F 524 -41.70 9.04 41.13
CA ALA F 524 -40.92 10.22 41.51
C ALA F 524 -41.58 10.96 42.67
N VAL F 525 -42.92 10.97 42.70
CA VAL F 525 -43.64 11.62 43.79
C VAL F 525 -43.36 10.93 45.11
N ALA F 526 -43.28 9.60 45.10
CA ALA F 526 -43.03 8.83 46.31
C ALA F 526 -41.67 9.15 46.93
N SER F 527 -40.72 9.65 46.15
CA SER F 527 -39.40 9.98 46.70
C SER F 527 -39.44 11.22 47.58
N LYS F 528 -40.49 12.03 47.50
CA LYS F 528 -40.57 13.26 48.27
C LYS F 528 -41.38 13.11 49.54
N ILE F 529 -42.59 12.56 49.43
CA ILE F 529 -43.54 12.60 50.54
C ILE F 529 -43.09 11.68 51.67
N LEU F 530 -42.65 10.46 51.33
CA LEU F 530 -42.18 9.52 52.34
C LEU F 530 -40.71 9.15 52.20
N GLY F 531 -40.10 9.40 51.05
CA GLY F 531 -38.66 9.26 50.94
C GLY F 531 -38.15 7.83 50.92
N LEU F 532 -39.03 6.86 50.73
CA LEU F 532 -38.57 5.48 50.61
C LEU F 532 -37.85 5.28 49.29
N PRO F 533 -36.88 4.36 49.24
CA PRO F 533 -36.35 3.93 47.94
C PRO F 533 -37.47 3.35 47.10
N THR F 534 -37.49 3.72 45.82
CA THR F 534 -38.62 3.40 44.97
C THR F 534 -38.10 2.89 43.64
N GLN F 535 -38.97 2.15 42.94
CA GLN F 535 -38.60 1.58 41.65
C GLN F 535 -39.86 1.28 40.86
N THR F 536 -39.87 1.64 39.59
CA THR F 536 -40.98 1.28 38.74
C THR F 536 -40.95 -0.21 38.43
N VAL F 537 -42.10 -0.73 38.01
CA VAL F 537 -42.24 -2.18 37.83
C VAL F 537 -41.38 -2.65 36.66
N ASP F 538 -41.25 -1.83 35.62
CA ASP F 538 -40.47 -2.25 34.45
C ASP F 538 -38.98 -2.27 34.75
N SER F 539 -38.46 -1.24 35.43
CA SER F 539 -37.06 -1.28 35.82
C SER F 539 -36.82 -2.25 36.96
N SER F 540 -37.88 -2.77 37.57
CA SER F 540 -37.85 -3.94 38.44
C SER F 540 -37.75 -5.18 37.56
N GLN F 541 -38.17 -6.34 38.07
CA GLN F 541 -38.03 -7.63 37.38
C GLN F 541 -36.55 -7.99 37.21
N GLY F 542 -35.98 -8.37 38.34
CA GLY F 542 -34.60 -8.83 38.40
C GLY F 542 -33.96 -8.52 39.73
N SER F 543 -34.55 -7.59 40.47
CA SER F 543 -34.15 -7.28 41.83
C SER F 543 -35.22 -7.75 42.79
N GLU F 544 -34.88 -7.76 44.08
CA GLU F 544 -35.83 -8.15 45.10
C GLU F 544 -35.56 -7.36 46.36
N TYR F 545 -36.59 -7.25 47.20
CA TYR F 545 -36.51 -6.47 48.43
C TYR F 545 -37.20 -7.24 49.55
N ASP F 546 -36.76 -6.99 50.79
CA ASP F 546 -37.29 -7.70 51.94
C ASP F 546 -38.74 -7.31 52.22
N TYR F 547 -39.04 -6.01 52.16
CA TYR F 547 -40.38 -5.50 52.35
C TYR F 547 -40.73 -4.62 51.16
N VAL F 548 -41.89 -4.87 50.56
CA VAL F 548 -42.31 -4.19 49.35
C VAL F 548 -43.67 -3.53 49.58
N ILE F 549 -43.77 -2.25 49.28
CA ILE F 549 -45.02 -1.51 49.33
C ILE F 549 -45.46 -1.25 47.89
N PHE F 550 -46.50 -1.94 47.45
CA PHE F 550 -47.00 -1.86 46.09
C PHE F 550 -48.30 -1.09 46.08
N THR F 551 -48.40 -0.10 45.18
CA THR F 551 -49.57 0.78 45.12
C THR F 551 -50.15 0.74 43.71
N GLN F 552 -51.34 0.16 43.56
CA GLN F 552 -52.03 0.17 42.28
C GLN F 552 -52.80 1.47 42.15
N THR F 553 -52.45 2.27 41.15
CA THR F 553 -52.99 3.63 41.05
C THR F 553 -54.38 3.65 40.42
N THR F 554 -54.48 3.23 39.17
CA THR F 554 -55.71 3.38 38.40
C THR F 554 -56.13 2.05 37.82
N GLU F 555 -57.46 1.86 37.70
CA GLU F 555 -58.01 0.67 37.06
C GLU F 555 -58.02 0.86 35.56
N THR F 556 -56.83 0.96 34.99
CA THR F 556 -56.60 1.11 33.57
C THR F 556 -56.12 -0.22 32.99
N ALA F 557 -55.90 -0.23 31.68
CA ALA F 557 -55.36 -1.43 31.05
C ALA F 557 -53.89 -1.65 31.40
N HIS F 558 -53.21 -0.63 31.89
CA HIS F 558 -51.78 -0.73 32.12
C HIS F 558 -51.47 -1.39 33.47
N SER F 559 -51.92 -0.77 34.57
CA SER F 559 -51.58 -1.26 35.90
C SER F 559 -52.57 -2.29 36.42
N CYS F 560 -53.31 -2.94 35.54
CA CYS F 560 -54.13 -4.09 35.89
C CYS F 560 -53.78 -5.33 35.08
N ASN F 561 -52.78 -5.23 34.20
CA ASN F 561 -52.29 -6.40 33.49
C ASN F 561 -51.77 -7.41 34.50
N VAL F 562 -52.16 -8.67 34.32
CA VAL F 562 -51.83 -9.70 35.31
C VAL F 562 -50.33 -9.93 35.38
N ASN F 563 -49.65 -9.82 34.25
CA ASN F 563 -48.19 -9.96 34.24
C ASN F 563 -47.52 -8.86 35.06
N ARG F 564 -47.97 -7.62 34.91
CA ARG F 564 -47.36 -6.52 35.65
C ARG F 564 -47.62 -6.65 37.15
N PHE F 565 -48.84 -7.01 37.54
CA PHE F 565 -49.13 -7.22 38.96
C PHE F 565 -48.32 -8.38 39.52
N ASN F 566 -48.19 -9.47 38.77
CA ASN F 566 -47.42 -10.61 39.24
C ASN F 566 -45.96 -10.25 39.44
N VAL F 567 -45.38 -9.54 38.47
CA VAL F 567 -43.96 -9.23 38.58
C VAL F 567 -43.73 -8.11 39.58
N ALA F 568 -44.75 -7.34 39.92
CA ALA F 568 -44.61 -6.38 41.01
C ALA F 568 -44.64 -7.08 42.37
N ILE F 569 -45.56 -8.02 42.55
CA ILE F 569 -45.69 -8.63 43.87
C ILE F 569 -44.54 -9.60 44.14
N THR F 570 -44.07 -10.33 43.11
CA THR F 570 -43.12 -11.41 43.37
C THR F 570 -41.70 -10.93 43.62
N ARG F 571 -41.48 -9.64 43.91
CA ARG F 571 -40.19 -9.18 44.38
C ARG F 571 -40.11 -9.14 45.90
N ALA F 572 -41.18 -9.53 46.58
CA ALA F 572 -41.24 -9.44 48.04
C ALA F 572 -40.50 -10.63 48.64
N LYS F 573 -39.33 -10.36 49.23
CA LYS F 573 -38.57 -11.44 49.85
C LYS F 573 -39.28 -11.95 51.10
N VAL F 574 -39.69 -11.05 51.99
CA VAL F 574 -40.29 -11.49 53.25
C VAL F 574 -41.71 -10.95 53.41
N GLY F 575 -42.02 -9.81 52.79
CA GLY F 575 -43.34 -9.24 53.00
C GLY F 575 -43.68 -8.15 52.02
N ILE F 576 -44.98 -7.95 51.84
CA ILE F 576 -45.48 -6.94 50.92
C ILE F 576 -46.83 -6.44 51.43
N LEU F 577 -47.03 -5.14 51.36
CA LEU F 577 -48.33 -4.51 51.52
C LEU F 577 -48.72 -3.91 50.19
N CYS F 578 -49.83 -4.38 49.62
CA CYS F 578 -50.34 -3.89 48.36
C CYS F 578 -51.67 -3.17 48.59
N ILE F 579 -51.73 -1.91 48.15
CA ILE F 579 -52.97 -1.15 48.22
C ILE F 579 -53.58 -1.16 46.83
N MET F 580 -54.74 -1.81 46.71
CA MET F 580 -55.34 -2.16 45.45
C MET F 580 -56.49 -1.22 45.11
N SER F 581 -56.79 -1.13 43.81
CA SER F 581 -57.89 -0.34 43.31
C SER F 581 -59.01 -1.18 42.75
N ASP F 582 -58.69 -2.18 41.93
CA ASP F 582 -59.72 -3.02 41.31
C ASP F 582 -60.28 -4.01 42.31
N ARG F 583 -61.61 -4.11 42.34
CA ARG F 583 -62.27 -5.05 43.23
C ARG F 583 -61.93 -6.50 42.87
N ASP F 584 -61.89 -6.80 41.58
CA ASP F 584 -61.64 -8.17 41.15
C ASP F 584 -60.19 -8.58 41.39
N LEU F 585 -59.23 -7.70 41.09
CA LEU F 585 -57.83 -8.04 41.31
C LEU F 585 -57.52 -8.18 42.79
N TYR F 586 -58.06 -7.30 43.62
CA TYR F 586 -57.86 -7.40 45.06
C TYR F 586 -58.45 -8.68 45.62
N ASP F 587 -59.64 -9.07 45.13
CA ASP F 587 -60.29 -10.27 45.64
C ASP F 587 -59.64 -11.54 45.10
N LYS F 588 -58.85 -11.44 44.05
CA LYS F 588 -58.26 -12.63 43.43
C LYS F 588 -57.05 -13.16 44.19
N LEU F 589 -56.49 -12.39 45.11
CA LEU F 589 -55.39 -12.87 45.94
C LEU F 589 -55.82 -12.94 47.40
N GLN F 590 -55.11 -13.76 48.16
CA GLN F 590 -55.44 -14.07 49.55
C GLN F 590 -54.34 -13.53 50.45
N PHE F 591 -54.44 -12.26 50.81
CA PHE F 591 -53.64 -11.67 51.88
C PHE F 591 -54.58 -11.32 53.03
N THR F 592 -54.06 -10.64 54.03
CA THR F 592 -54.91 -10.12 55.10
C THR F 592 -55.79 -8.99 54.58
N SER F 593 -56.91 -8.77 55.27
CA SER F 593 -57.95 -7.89 54.75
C SER F 593 -57.60 -6.42 54.94
N LEU F 594 -57.30 -6.02 56.18
CA LEU F 594 -57.06 -4.62 56.56
C LEU F 594 -58.22 -3.71 56.16
#